data_1EAN
# 
_entry.id   1EAN 
# 
_audit_conform.dict_name       mmcif_pdbx.dic 
_audit_conform.dict_version    5.382 
_audit_conform.dict_location   http://mmcif.pdb.org/dictionaries/ascii/mmcif_pdbx.dic 
# 
loop_
_database_2.database_id 
_database_2.database_code 
_database_2.pdbx_database_accession 
_database_2.pdbx_DOI 
PDB   1EAN         pdb_00001ean 10.2210/pdb1ean/pdb 
PDBE  EBI-8189     ?            ?                   
WWPDB D_1290008189 ?            ?                   
# 
loop_
_pdbx_database_related.db_name 
_pdbx_database_related.db_id 
_pdbx_database_related.content_type 
_pdbx_database_related.details 
PDB 1CMO unspecified 'IMMUNOGLOBULIN MOTIF DNA-RECOGNITION AND HETERODIMERIZATION FOR THE PEBP2/CBF RUNT-DOMAIN' 
PDB 1CO1 unspecified 'FOLD OF THE CBFA' 
PDB 1EAO unspecified 
;AN "S-SWITCH" AND CHLORIDE IONS MODULATE THE DNA-BINDING ABILITY OF RUNX/AML1
;
PDB 1EAQ unspecified 
;AN "S-SWITCH" AND CHLORIDE IONS MODULATE THE DNA-BINDING ABILITY OF RUNX/AML1
;
PDB 1E50 unspecified 'AML1/CBF COMPLEX' 
PDB 1H9D unspecified 'AML1/CBF-BETA/DNA COMPLEX' 
PDB 1HJB unspecified 
'CRYSTAL STRUCTURE OF RUNX-1/AML1/CBFALPHA RUNT DOMAIN AND C/EBPBETA BZIP DIMERIC BOUND TO A DNA FRAGMENT FROM THE CSF-1R PROMOTER' 
PDB 1HJC unspecified 'CRYSTAL STRUCTURE OF RUNX-1/AML1/CBFALPHA RUNT DOMAIN BOUND TO A DNA FRAGMENT FROM THE CSF-1R PROMOTER' 
PDB 1IO4 unspecified 
;CRYSTAL STRUCTURE OF RUNX-1/AML1/CBFALPHA RUNT DOMAIN-CBFBETA CORE DOMAIN HETERODIMER AND C/EBPBETA BZIP DIMERIC BOUND TO A DNA FRAGMENT FROM THE CSF-1R PROMOTER
;
# 
_pdbx_database_status.status_code                     REL 
_pdbx_database_status.entry_id                        1EAN 
_pdbx_database_status.deposit_site                    PDBE 
_pdbx_database_status.process_site                    PDBE 
_pdbx_database_status.SG_entry                        . 
_pdbx_database_status.recvd_initial_deposition_date   2001-07-13 
_pdbx_database_status.pdb_format_compatible           Y 
_pdbx_database_status.status_code_sf                  REL 
_pdbx_database_status.status_code_mr                  ? 
_pdbx_database_status.status_code_cs                  ? 
_pdbx_database_status.methods_development_category    ? 
_pdbx_database_status.status_code_nmr_data            ? 
# 
loop_
_audit_author.name 
_audit_author.pdbx_ordinal 
'Backstrom, S.'  1 
'Wolf-Watz, M.'  2 
'Grundstrom, C.' 3 
'Hard, T.'       4 
'Grundstrom, T.' 5 
'Sauer, U.H.'    6 
# 
_citation.id                        primary 
_citation.title                     
'The Runx1 Runt Domain at 1.25 A Resolution: A Structural Switch and Specifically Bound Chloride Ions Modulate DNA Binding' 
_citation.journal_abbrev            J.Mol.Biol. 
_citation.journal_volume            322 
_citation.page_first                259 
_citation.page_last                 ? 
_citation.year                      2002 
_citation.journal_id_ASTM           JMOBAK 
_citation.country                   UK 
_citation.journal_id_ISSN           0022-2836 
_citation.journal_id_CSD            0070 
_citation.book_publisher            ? 
_citation.pdbx_database_id_PubMed   12217689 
_citation.pdbx_database_id_DOI      '10.1016/S0022-2836(02)00702-7' 
# 
loop_
_citation_author.citation_id 
_citation_author.name 
_citation_author.ordinal 
_citation_author.identifier_ORCID 
primary 'Backstrom, S.'  1 ? 
primary 'Wolf-Watz, M.'  2 ? 
primary 'Grundstrom, C.' 3 ? 
primary 'Hard, T.'       4 ? 
primary 'Grundstrom, T.' 5 ? 
primary 'Sauer, U.H.'    6 ? 
# 
_cell.entry_id           1EAN 
_cell.length_a           110.696 
_cell.length_b           110.696 
_cell.length_c           117.293 
_cell.angle_alpha        90.00 
_cell.angle_beta         90.00 
_cell.angle_gamma        120.00 
_cell.Z_PDB              18 
_cell.pdbx_unique_axis   ? 
# 
_symmetry.entry_id                         1EAN 
_symmetry.space_group_name_H-M             'H 3 2' 
_symmetry.pdbx_full_space_group_name_H-M   ? 
_symmetry.cell_setting                     ? 
_symmetry.Int_Tables_number                155 
# 
loop_
_entity.id 
_entity.type 
_entity.src_method 
_entity.pdbx_description 
_entity.formula_weight 
_entity.pdbx_number_of_molecules 
_entity.pdbx_ec 
_entity.pdbx_mutation 
_entity.pdbx_fragment 
_entity.details 
1 polymer     man 'RUNT-RELATED TRANSCRIPTION FACTOR 1' 15523.550 1   ? YES 'RUNT DOMAIN RESIDUES 46-185' ? 
2 non-polymer syn 'CHLORIDE ION'                        35.453    2   ? ?   ?                             ? 
3 water       nat water                                 18.015    119 ? ?   ?                             ? 
# 
_entity_name_com.entity_id   1 
_entity_name_com.name        
;ACUTE MYELOID LEUKEMIA 1 PROTEIN, ONCOGENE AML-1, CORE-BINDING FACTOR, ALPHA B SUBUNIT, CBF-ALPHA B, POLYOMAVIRUS ENHANCER BINDING PROTEIN 2 ALPHA B SUBUNIT, PEBP2-ALPHA B, PEA2-ALPHA B, SL3-3 ENHANCER FACTOR 1 ALPHA B SUBUNIT, SL3/AKV CORE-BINDING FACTOR ALPHA B SUBUNIT
;
# 
_entity_poly.entity_id                      1 
_entity_poly.type                           'polypeptide(L)' 
_entity_poly.nstd_linkage                   no 
_entity_poly.nstd_monomer                   no 
_entity_poly.pdbx_seq_one_letter_code       
;SGDRSMVEVLADHPGELVRTDSPNFLSSVLPTHWRSNKTLPIAFKVVALGDVPDGTLVTVMAGNDENYSAELRNATAAMK
NQVARFNDLRFVGRSGRGKSFTLTITVFTNPPQVATYHRAIKITVDGPREPRRHRQKLDD
;
_entity_poly.pdbx_seq_one_letter_code_can   
;SGDRSMVEVLADHPGELVRTDSPNFLSSVLPTHWRSNKTLPIAFKVVALGDVPDGTLVTVMAGNDENYSAELRNATAAMK
NQVARFNDLRFVGRSGRGKSFTLTITVFTNPPQVATYHRAIKITVDGPREPRRHRQKLDD
;
_entity_poly.pdbx_strand_id                 A 
_entity_poly.pdbx_target_identifier         ? 
# 
loop_
_entity_poly_seq.entity_id 
_entity_poly_seq.num 
_entity_poly_seq.mon_id 
_entity_poly_seq.hetero 
1 1   SER n 
1 2   GLY n 
1 3   ASP n 
1 4   ARG n 
1 5   SER n 
1 6   MET n 
1 7   VAL n 
1 8   GLU n 
1 9   VAL n 
1 10  LEU n 
1 11  ALA n 
1 12  ASP n 
1 13  HIS n 
1 14  PRO n 
1 15  GLY n 
1 16  GLU n 
1 17  LEU n 
1 18  VAL n 
1 19  ARG n 
1 20  THR n 
1 21  ASP n 
1 22  SER n 
1 23  PRO n 
1 24  ASN n 
1 25  PHE n 
1 26  LEU n 
1 27  SER n 
1 28  SER n 
1 29  VAL n 
1 30  LEU n 
1 31  PRO n 
1 32  THR n 
1 33  HIS n 
1 34  TRP n 
1 35  ARG n 
1 36  SER n 
1 37  ASN n 
1 38  LYS n 
1 39  THR n 
1 40  LEU n 
1 41  PRO n 
1 42  ILE n 
1 43  ALA n 
1 44  PHE n 
1 45  LYS n 
1 46  VAL n 
1 47  VAL n 
1 48  ALA n 
1 49  LEU n 
1 50  GLY n 
1 51  ASP n 
1 52  VAL n 
1 53  PRO n 
1 54  ASP n 
1 55  GLY n 
1 56  THR n 
1 57  LEU n 
1 58  VAL n 
1 59  THR n 
1 60  VAL n 
1 61  MET n 
1 62  ALA n 
1 63  GLY n 
1 64  ASN n 
1 65  ASP n 
1 66  GLU n 
1 67  ASN n 
1 68  TYR n 
1 69  SER n 
1 70  ALA n 
1 71  GLU n 
1 72  LEU n 
1 73  ARG n 
1 74  ASN n 
1 75  ALA n 
1 76  THR n 
1 77  ALA n 
1 78  ALA n 
1 79  MET n 
1 80  LYS n 
1 81  ASN n 
1 82  GLN n 
1 83  VAL n 
1 84  ALA n 
1 85  ARG n 
1 86  PHE n 
1 87  ASN n 
1 88  ASP n 
1 89  LEU n 
1 90  ARG n 
1 91  PHE n 
1 92  VAL n 
1 93  GLY n 
1 94  ARG n 
1 95  SER n 
1 96  GLY n 
1 97  ARG n 
1 98  GLY n 
1 99  LYS n 
1 100 SER n 
1 101 PHE n 
1 102 THR n 
1 103 LEU n 
1 104 THR n 
1 105 ILE n 
1 106 THR n 
1 107 VAL n 
1 108 PHE n 
1 109 THR n 
1 110 ASN n 
1 111 PRO n 
1 112 PRO n 
1 113 GLN n 
1 114 VAL n 
1 115 ALA n 
1 116 THR n 
1 117 TYR n 
1 118 HIS n 
1 119 ARG n 
1 120 ALA n 
1 121 ILE n 
1 122 LYS n 
1 123 ILE n 
1 124 THR n 
1 125 VAL n 
1 126 ASP n 
1 127 GLY n 
1 128 PRO n 
1 129 ARG n 
1 130 GLU n 
1 131 PRO n 
1 132 ARG n 
1 133 ARG n 
1 134 HIS n 
1 135 ARG n 
1 136 GLN n 
1 137 LYS n 
1 138 LEU n 
1 139 ASP n 
1 140 ASP n 
# 
_entity_src_gen.entity_id                          1 
_entity_src_gen.pdbx_src_id                        1 
_entity_src_gen.pdbx_alt_source_flag               sample 
_entity_src_gen.pdbx_seq_type                      ? 
_entity_src_gen.pdbx_beg_seq_num                   ? 
_entity_src_gen.pdbx_end_seq_num                   ? 
_entity_src_gen.gene_src_common_name               MOUSE 
_entity_src_gen.gene_src_genus                     ? 
_entity_src_gen.pdbx_gene_src_gene                 ? 
_entity_src_gen.gene_src_species                   ? 
_entity_src_gen.gene_src_strain                    ? 
_entity_src_gen.gene_src_tissue                    ? 
_entity_src_gen.gene_src_tissue_fraction           ? 
_entity_src_gen.gene_src_details                   ? 
_entity_src_gen.pdbx_gene_src_fragment             ? 
_entity_src_gen.pdbx_gene_src_scientific_name      'MUS MUSCULUS' 
_entity_src_gen.pdbx_gene_src_ncbi_taxonomy_id     10090 
_entity_src_gen.pdbx_gene_src_variant              ? 
_entity_src_gen.pdbx_gene_src_cell_line            ? 
_entity_src_gen.pdbx_gene_src_atcc                 ? 
_entity_src_gen.pdbx_gene_src_organ                ? 
_entity_src_gen.pdbx_gene_src_organelle            ? 
_entity_src_gen.pdbx_gene_src_cell                 ? 
_entity_src_gen.pdbx_gene_src_cellular_location    ? 
_entity_src_gen.host_org_common_name               ? 
_entity_src_gen.pdbx_host_org_scientific_name      'ESCHERICHIA COLI' 
_entity_src_gen.pdbx_host_org_ncbi_taxonomy_id     469008 
_entity_src_gen.host_org_genus                     ? 
_entity_src_gen.pdbx_host_org_gene                 ? 
_entity_src_gen.pdbx_host_org_organ                ? 
_entity_src_gen.host_org_species                   ? 
_entity_src_gen.pdbx_host_org_tissue               ? 
_entity_src_gen.pdbx_host_org_tissue_fraction      ? 
_entity_src_gen.pdbx_host_org_strain               'BL21(DE3)' 
_entity_src_gen.pdbx_host_org_variant              ? 
_entity_src_gen.pdbx_host_org_cell_line            ? 
_entity_src_gen.pdbx_host_org_atcc                 ? 
_entity_src_gen.pdbx_host_org_culture_collection   ? 
_entity_src_gen.pdbx_host_org_cell                 ? 
_entity_src_gen.pdbx_host_org_organelle            ? 
_entity_src_gen.pdbx_host_org_cellular_location    ? 
_entity_src_gen.pdbx_host_org_vector_type          ? 
_entity_src_gen.pdbx_host_org_vector               ? 
_entity_src_gen.host_org_details                   ? 
_entity_src_gen.expression_system_id               ? 
_entity_src_gen.plasmid_name                       PET11C 
_entity_src_gen.plasmid_details                    ? 
_entity_src_gen.pdbx_description                   'REFOLDED FROM INCLUSION BODIES' 
# 
_struct_ref.id                         1 
_struct_ref.db_name                    UNP 
_struct_ref.db_code                    AML1_MOUSE 
_struct_ref.entity_id                  1 
_struct_ref.pdbx_seq_one_letter_code   ? 
_struct_ref.pdbx_align_begin           ? 
_struct_ref.pdbx_db_accession          Q03347 
_struct_ref.pdbx_db_isoform            ? 
# 
_struct_ref_seq.align_id                      1 
_struct_ref_seq.ref_id                        1 
_struct_ref_seq.pdbx_PDB_id_code              1EAN 
_struct_ref_seq.pdbx_strand_id                A 
_struct_ref_seq.seq_align_beg                 1 
_struct_ref_seq.pdbx_seq_align_beg_ins_code   ? 
_struct_ref_seq.seq_align_end                 140 
_struct_ref_seq.pdbx_seq_align_end_ins_code   ? 
_struct_ref_seq.pdbx_db_accession             Q03347 
_struct_ref_seq.db_align_beg                  46 
_struct_ref_seq.pdbx_db_align_beg_ins_code    ? 
_struct_ref_seq.db_align_end                  185 
_struct_ref_seq.pdbx_db_align_end_ins_code    ? 
_struct_ref_seq.pdbx_auth_seq_align_beg       46 
_struct_ref_seq.pdbx_auth_seq_align_end       185 
# 
loop_
_struct_ref_seq_dif.align_id 
_struct_ref_seq_dif.pdbx_pdb_id_code 
_struct_ref_seq_dif.mon_id 
_struct_ref_seq_dif.pdbx_pdb_strand_id 
_struct_ref_seq_dif.seq_num 
_struct_ref_seq_dif.pdbx_pdb_ins_code 
_struct_ref_seq_dif.pdbx_seq_db_name 
_struct_ref_seq_dif.pdbx_seq_db_accession_code 
_struct_ref_seq_dif.db_mon_id 
_struct_ref_seq_dif.pdbx_seq_db_seq_num 
_struct_ref_seq_dif.details 
_struct_ref_seq_dif.pdbx_auth_seq_num 
_struct_ref_seq_dif.pdbx_ordinal 
1 1EAN SER A 27 ? UNP Q03347 CYS 72 'engineered mutation' 72 1 
1 1EAN SER A 36 ? UNP Q03347 CYS 81 'engineered mutation' 81 2 
# 
loop_
_chem_comp.id 
_chem_comp.type 
_chem_comp.mon_nstd_flag 
_chem_comp.name 
_chem_comp.pdbx_synonyms 
_chem_comp.formula 
_chem_comp.formula_weight 
ALA 'L-peptide linking' y ALANINE         ? 'C3 H7 N O2'     89.093  
ARG 'L-peptide linking' y ARGININE        ? 'C6 H15 N4 O2 1' 175.209 
ASN 'L-peptide linking' y ASPARAGINE      ? 'C4 H8 N2 O3'    132.118 
ASP 'L-peptide linking' y 'ASPARTIC ACID' ? 'C4 H7 N O4'     133.103 
CL  non-polymer         . 'CHLORIDE ION'  ? 'Cl -1'          35.453  
CYS 'L-peptide linking' y CYSTEINE        ? 'C3 H7 N O2 S'   121.158 
GLN 'L-peptide linking' y GLUTAMINE       ? 'C5 H10 N2 O3'   146.144 
GLU 'L-peptide linking' y 'GLUTAMIC ACID' ? 'C5 H9 N O4'     147.129 
GLY 'peptide linking'   y GLYCINE         ? 'C2 H5 N O2'     75.067  
HIS 'L-peptide linking' y HISTIDINE       ? 'C6 H10 N3 O2 1' 156.162 
HOH non-polymer         . WATER           ? 'H2 O'           18.015  
ILE 'L-peptide linking' y ISOLEUCINE      ? 'C6 H13 N O2'    131.173 
LEU 'L-peptide linking' y LEUCINE         ? 'C6 H13 N O2'    131.173 
LYS 'L-peptide linking' y LYSINE          ? 'C6 H15 N2 O2 1' 147.195 
MET 'L-peptide linking' y METHIONINE      ? 'C5 H11 N O2 S'  149.211 
PHE 'L-peptide linking' y PHENYLALANINE   ? 'C9 H11 N O2'    165.189 
PRO 'L-peptide linking' y PROLINE         ? 'C5 H9 N O2'     115.130 
SER 'L-peptide linking' y SERINE          ? 'C3 H7 N O3'     105.093 
THR 'L-peptide linking' y THREONINE       ? 'C4 H9 N O3'     119.119 
TRP 'L-peptide linking' y TRYPTOPHAN      ? 'C11 H12 N2 O2'  204.225 
TYR 'L-peptide linking' y TYROSINE        ? 'C9 H11 N O3'    181.189 
VAL 'L-peptide linking' y VALINE          ? 'C5 H11 N O2'    117.146 
# 
_exptl.entry_id          1EAN 
_exptl.method            'X-RAY DIFFRACTION' 
_exptl.crystals_number   1 
# 
_exptl_crystal.id                    1 
_exptl_crystal.density_meas          ? 
_exptl_crystal.density_Matthews      4.46 
_exptl_crystal.density_percent_sol   72 
_exptl_crystal.description           ? 
# 
_exptl_crystal_grow.crystal_id      1 
_exptl_crystal_grow.method          ? 
_exptl_crystal_grow.temp            ? 
_exptl_crystal_grow.temp_details    ? 
_exptl_crystal_grow.pH              6.50 
_exptl_crystal_grow.pdbx_pH_range   ? 
_exptl_crystal_grow.pdbx_details    '30% MPEG 350, 5-10% PEG 3350, 70 MM NA CACODYLATE, PH 6.5' 
# 
_diffrn.id                     1 
_diffrn.ambient_temp           100.0 
_diffrn.ambient_temp_details   ? 
_diffrn.crystal_id             1 
# 
_diffrn_detector.diffrn_id              1 
_diffrn_detector.detector               CCD 
_diffrn_detector.type                   'ADSC CCD' 
_diffrn_detector.pdbx_collection_date   1999-06-06 
_diffrn_detector.details                MIRROR 
# 
_diffrn_radiation.diffrn_id                        1 
_diffrn_radiation.wavelength_id                    1 
_diffrn_radiation.pdbx_monochromatic_or_laue_m_l   M 
_diffrn_radiation.monochromator                    'SI(111), SI(113)' 
_diffrn_radiation.pdbx_diffrn_protocol             'SINGLE WAVELENGTH' 
_diffrn_radiation.pdbx_scattering_type             x-ray 
# 
_diffrn_radiation_wavelength.id           1 
_diffrn_radiation_wavelength.wavelength   0.9315 
_diffrn_radiation_wavelength.wt           1.0 
# 
_diffrn_source.diffrn_id                   1 
_diffrn_source.source                      SYNCHROTRON 
_diffrn_source.type                        'ESRF BEAMLINE ID14-4' 
_diffrn_source.pdbx_synchrotron_site       ESRF 
_diffrn_source.pdbx_synchrotron_beamline   ID14-4 
_diffrn_source.pdbx_wavelength             0.9315 
_diffrn_source.pdbx_wavelength_list        ? 
# 
_reflns.pdbx_diffrn_id               1 
_reflns.pdbx_ordinal                 1 
_reflns.entry_id                     1EAN 
_reflns.observed_criterion_sigma_I   0.000 
_reflns.observed_criterion_sigma_F   ? 
_reflns.d_resolution_low             19.700 
_reflns.d_resolution_high            1.700 
_reflns.number_obs                   28866 
_reflns.number_all                   ? 
_reflns.percent_possible_obs         99.7 
_reflns.pdbx_Rmerge_I_obs            0.04000 
_reflns.pdbx_Rsym_value              ? 
_reflns.pdbx_netI_over_sigmaI        11.3000 
_reflns.B_iso_Wilson_estimate        ? 
_reflns.pdbx_redundancy              5.700 
# 
_reflns_shell.pdbx_diffrn_id         1 
_reflns_shell.pdbx_ordinal           1 
_reflns_shell.d_res_high             1.70 
_reflns_shell.d_res_low              1.74 
_reflns_shell.percent_possible_all   99.0 
_reflns_shell.Rmerge_I_obs           0.58000 
_reflns_shell.pdbx_Rsym_value        ? 
_reflns_shell.meanI_over_sigI_obs    1.500 
_reflns_shell.pdbx_redundancy        4.00 
# 
_refine.pdbx_refine_id                           'X-RAY DIFFRACTION' 
_refine.entry_id                                 1EAN 
_refine.pdbx_diffrn_id                           1 
_refine.pdbx_TLS_residual_ADP_flag               'LIKELY RESIDUAL' 
_refine.ls_number_reflns_obs                     28868 
_refine.ls_number_reflns_all                     ? 
_refine.pdbx_ls_sigma_I                          ? 
_refine.pdbx_ls_sigma_F                          ? 
_refine.pdbx_data_cutoff_high_absF               ? 
_refine.pdbx_data_cutoff_low_absF                ? 
_refine.pdbx_data_cutoff_high_rms_absF           ? 
_refine.ls_d_res_low                             20.00 
_refine.ls_d_res_high                            1.70 
_refine.ls_percent_reflns_obs                    99.7 
_refine.ls_R_factor_obs                          ? 
_refine.ls_R_factor_all                          ? 
_refine.ls_R_factor_R_work                       0.204 
_refine.ls_R_factor_R_free                       0.222 
_refine.ls_R_factor_R_free_error                 ? 
_refine.ls_R_factor_R_free_error_details         ? 
_refine.ls_percent_reflns_R_free                 5.000 
_refine.ls_number_reflns_R_free                  1519 
_refine.ls_number_parameters                     ? 
_refine.ls_number_restraints                     ? 
_refine.occupancy_min                            ? 
_refine.occupancy_max                            ? 
_refine.correlation_coeff_Fo_to_Fc               0.959 
_refine.correlation_coeff_Fo_to_Fc_free          0.955 
_refine.B_iso_mean                               21.44 
_refine.aniso_B[1][1]                            1.56000 
_refine.aniso_B[2][2]                            1.56000 
_refine.aniso_B[3][3]                            -2.34000 
_refine.aniso_B[1][2]                            0.78000 
_refine.aniso_B[1][3]                            0.00000 
_refine.aniso_B[2][3]                            0.00000 
_refine.solvent_model_details                    'BABINET MODEL PLUS MASK' 
_refine.solvent_model_param_ksol                 ? 
_refine.solvent_model_param_bsol                 ? 
_refine.pdbx_solvent_vdw_probe_radii             1.40 
_refine.pdbx_solvent_ion_probe_radii             0.80 
_refine.pdbx_solvent_shrinkage_radii             0.80 
_refine.pdbx_ls_cross_valid_method               THROUGHOUT 
_refine.details                                  'HYDROGENS HAVE BEEN ADDED IN THE RIDING POSITIONS' 
_refine.pdbx_starting_model                      'PDB CODE 1EAQ' 
_refine.pdbx_method_to_determine_struct          'MOLECULAR REPLACEMENT' 
_refine.pdbx_isotropic_thermal_model             ? 
_refine.pdbx_stereochemistry_target_values       'MAXIMUM LIKELIHOOD' 
_refine.pdbx_stereochem_target_val_spec_case     ? 
_refine.pdbx_R_Free_selection_details            RANDOM 
_refine.pdbx_overall_ESU_R                       0.071 
_refine.pdbx_overall_ESU_R_Free                  0.072 
_refine.overall_SU_ML                            0.069 
_refine.pdbx_overall_phase_error                 ? 
_refine.overall_SU_B                             2.072 
_refine.overall_SU_R_Cruickshank_DPI             ? 
_refine.pdbx_overall_SU_R_free_Cruickshank_DPI   ? 
_refine.pdbx_overall_SU_R_Blow_DPI               ? 
_refine.pdbx_overall_SU_R_free_Blow_DPI          ? 
# 
_refine_hist.pdbx_refine_id                   'X-RAY DIFFRACTION' 
_refine_hist.cycle_id                         LAST 
_refine_hist.pdbx_number_atoms_protein        875 
_refine_hist.pdbx_number_atoms_nucleic_acid   0 
_refine_hist.pdbx_number_atoms_ligand         2 
_refine_hist.number_atoms_solvent             119 
_refine_hist.number_atoms_total               996 
_refine_hist.d_res_high                       1.70 
_refine_hist.d_res_low                        20.00 
# 
loop_
_refine_ls_restr.type 
_refine_ls_restr.dev_ideal 
_refine_ls_restr.dev_ideal_target 
_refine_ls_restr.weight 
_refine_ls_restr.number 
_refine_ls_restr.pdbx_refine_id 
_refine_ls_restr.pdbx_restraint_function 
r_bond_refined_d             ?      ?      ? ?    'X-RAY DIFFRACTION' ? 
r_bond_other_d               0.001  0.020  ? 841  'X-RAY DIFFRACTION' ? 
r_angle_refined_deg          1.586  1.944  ? 1231 'X-RAY DIFFRACTION' ? 
r_angle_other_deg            1.501  3.000  ? 1950 'X-RAY DIFFRACTION' ? 
r_dihedral_angle_1_deg       5.017  3.000  ? 113  'X-RAY DIFFRACTION' ? 
r_dihedral_angle_2_deg       ?      ?      ? ?    'X-RAY DIFFRACTION' ? 
r_dihedral_angle_3_deg       18.478 15.000 ? 156  'X-RAY DIFFRACTION' ? 
r_dihedral_angle_4_deg       ?      ?      ? ?    'X-RAY DIFFRACTION' ? 
r_chiral_restr               0.103  0.200  ? 148  'X-RAY DIFFRACTION' ? 
r_gen_planes_refined         0.002  0.020  ? 994  'X-RAY DIFFRACTION' ? 
r_gen_planes_other           0.001  0.020  ? 185  'X-RAY DIFFRACTION' ? 
r_nbd_refined                0.206  0.300  ? 143  'X-RAY DIFFRACTION' ? 
r_nbd_other                  0.204  0.300  ? 743  'X-RAY DIFFRACTION' ? 
r_nbtor_refined              ?      ?      ? ?    'X-RAY DIFFRACTION' ? 
r_nbtor_other                ?      ?      ? ?    'X-RAY DIFFRACTION' ? 
r_xyhbond_nbd_refined        0.141  0.500  ? 96   'X-RAY DIFFRACTION' ? 
r_xyhbond_nbd_other          ?      ?      ? ?    'X-RAY DIFFRACTION' ? 
r_metal_ion_refined          ?      ?      ? ?    'X-RAY DIFFRACTION' ? 
r_metal_ion_other            ?      ?      ? ?    'X-RAY DIFFRACTION' ? 
r_symmetry_vdw_refined       0.113  0.300  ? 1    'X-RAY DIFFRACTION' ? 
r_symmetry_vdw_other         0.217  0.300  ? 16   'X-RAY DIFFRACTION' ? 
r_symmetry_hbond_refined     0.812  0.500  ? 8    'X-RAY DIFFRACTION' ? 
r_symmetry_hbond_other       ?      ?      ? ?    'X-RAY DIFFRACTION' ? 
r_symmetry_metal_ion_refined ?      ?      ? ?    'X-RAY DIFFRACTION' ? 
r_symmetry_metal_ion_other   ?      ?      ? ?    'X-RAY DIFFRACTION' ? 
r_mcbond_it                  0.433  1.500  ? 571  'X-RAY DIFFRACTION' ? 
r_mcbond_other               ?      ?      ? ?    'X-RAY DIFFRACTION' ? 
r_mcangle_it                 0.809  2.000  ? 935  'X-RAY DIFFRACTION' ? 
r_mcangle_other              ?      ?      ? ?    'X-RAY DIFFRACTION' ? 
r_scbond_it                  1.130  3.000  ? 332  'X-RAY DIFFRACTION' ? 
r_scbond_other               ?      ?      ? ?    'X-RAY DIFFRACTION' ? 
r_scangle_it                 1.854  4.500  ? 296  'X-RAY DIFFRACTION' ? 
r_scangle_other              ?      ?      ? ?    'X-RAY DIFFRACTION' ? 
r_long_range_B_refined       ?      ?      ? ?    'X-RAY DIFFRACTION' ? 
r_long_range_B_other         ?      ?      ? ?    'X-RAY DIFFRACTION' ? 
r_rigid_bond_restr           ?      ?      ? ?    'X-RAY DIFFRACTION' ? 
r_sphericity_free            ?      ?      ? ?    'X-RAY DIFFRACTION' ? 
r_sphericity_bonded          ?      ?      ? ?    'X-RAY DIFFRACTION' ? 
# 
_refine_ls_shell.pdbx_refine_id                   'X-RAY DIFFRACTION' 
_refine_ls_shell.pdbx_total_number_of_bins_used   20 
_refine_ls_shell.d_res_high                       1.70 
_refine_ls_shell.d_res_low                        1.74 
_refine_ls_shell.number_reflns_R_work             2114 
_refine_ls_shell.R_factor_R_work                  0.2760 
_refine_ls_shell.percent_reflns_obs               ? 
_refine_ls_shell.R_factor_R_free                  0.2790 
_refine_ls_shell.R_factor_R_free_error            ? 
_refine_ls_shell.percent_reflns_R_free            ? 
_refine_ls_shell.number_reflns_R_free             101 
_refine_ls_shell.number_reflns_all                ? 
_refine_ls_shell.R_factor_all                     ? 
# 
_struct.entry_id                  1EAN 
_struct.title                     
'THE RUNX1 Runt domain at 1.70A resolution: A structural switch and specifically bound chloride ions modulate DNA binding' 
_struct.pdbx_model_details        ? 
_struct.pdbx_CASP_flag            ? 
_struct.pdbx_model_type_details   ? 
# 
_struct_keywords.entry_id        1EAN 
_struct_keywords.pdbx_keywords   TRANSCRIPTION/DNA 
_struct_keywords.text            
'TRANSCRIPTION-DNA COMPLEX, ACUTE MYELOID LEUKEMIA, AML, RUNX1, RUNT DOMAIN, CHLORIDE BINDING, TRANSCRIPTION FACTOR, IG FOLD' 
# 
loop_
_struct_asym.id 
_struct_asym.pdbx_blank_PDB_chainid_flag 
_struct_asym.pdbx_modified 
_struct_asym.entity_id 
_struct_asym.details 
A N N 1 ? 
B N N 2 ? 
C N N 2 ? 
D N N 3 ? 
# 
_struct_biol.id   1 
# 
_struct_mon_prot_cis.pdbx_id                1 
_struct_mon_prot_cis.label_comp_id          ASN 
_struct_mon_prot_cis.label_seq_id           110 
_struct_mon_prot_cis.label_asym_id          A 
_struct_mon_prot_cis.label_alt_id           . 
_struct_mon_prot_cis.pdbx_PDB_ins_code      ? 
_struct_mon_prot_cis.auth_comp_id           ASN 
_struct_mon_prot_cis.auth_seq_id            155 
_struct_mon_prot_cis.auth_asym_id           A 
_struct_mon_prot_cis.pdbx_label_comp_id_2   PRO 
_struct_mon_prot_cis.pdbx_label_seq_id_2    111 
_struct_mon_prot_cis.pdbx_label_asym_id_2   A 
_struct_mon_prot_cis.pdbx_PDB_ins_code_2    ? 
_struct_mon_prot_cis.pdbx_auth_comp_id_2    PRO 
_struct_mon_prot_cis.pdbx_auth_seq_id_2     156 
_struct_mon_prot_cis.pdbx_auth_asym_id_2    A 
_struct_mon_prot_cis.pdbx_PDB_model_num     1 
_struct_mon_prot_cis.pdbx_omega_angle       -1.01 
# 
loop_
_struct_sheet.id 
_struct_sheet.type 
_struct_sheet.number_strands 
_struct_sheet.details 
AA ? 8 ? 
AB ? 7 ? 
AC ? 2 ? 
AD ? 2 ? 
# 
loop_
_struct_sheet_order.sheet_id 
_struct_sheet_order.range_id_1 
_struct_sheet_order.range_id_2 
_struct_sheet_order.offset 
_struct_sheet_order.sense 
AA 1 2 ? anti-parallel 
AA 2 3 ? anti-parallel 
AA 3 4 ? anti-parallel 
AA 4 5 ? anti-parallel 
AA 5 6 ? anti-parallel 
AA 6 7 ? anti-parallel 
AA 7 8 ? anti-parallel 
AB 1 2 ? anti-parallel 
AB 2 3 ? anti-parallel 
AB 3 4 ? anti-parallel 
AB 4 5 ? anti-parallel 
AB 5 6 ? anti-parallel 
AB 6 7 ? anti-parallel 
AC 1 2 ? parallel      
AD 1 2 ? anti-parallel 
# 
loop_
_struct_sheet_range.sheet_id 
_struct_sheet_range.id 
_struct_sheet_range.beg_label_comp_id 
_struct_sheet_range.beg_label_asym_id 
_struct_sheet_range.beg_label_seq_id 
_struct_sheet_range.pdbx_beg_PDB_ins_code 
_struct_sheet_range.end_label_comp_id 
_struct_sheet_range.end_label_asym_id 
_struct_sheet_range.end_label_seq_id 
_struct_sheet_range.pdbx_end_PDB_ins_code 
_struct_sheet_range.beg_auth_comp_id 
_struct_sheet_range.beg_auth_asym_id 
_struct_sheet_range.beg_auth_seq_id 
_struct_sheet_range.end_auth_comp_id 
_struct_sheet_range.end_auth_asym_id 
_struct_sheet_range.end_auth_seq_id 
AA 1 VAL A 18  ? ARG A 19  ? VAL A 63  ARG A 64  
AA 2 PHE A 25  ? SER A 27  ? PHE A 70  SER A 72  
AA 3 LYS A 45  ? ALA A 48  ? LYS A 90  ALA A 93  
AA 4 VAL A 83  ? ARG A 85  ? VAL A 128 ARG A 130 
AA 5 THR A 76  ? LYS A 80  ? THR A 121 LYS A 125 
AA 6 LEU A 57  ? ASN A 64  ? LEU A 102 ASN A 109 
AA 7 THR A 102 ? VAL A 107 ? THR A 147 VAL A 152 
AA 8 GLN A 113 ? THR A 116 ? GLN A 158 THR A 161 
AB 1 VAL A 18  ? ARG A 19  ? VAL A 63  ARG A 64  
AB 2 PHE A 25  ? SER A 27  ? PHE A 70  SER A 72  
AB 3 LYS A 45  ? ALA A 48  ? LYS A 90  ALA A 93  
AB 4 VAL A 83  ? ARG A 85  ? VAL A 128 ARG A 130 
AB 5 THR A 76  ? LYS A 80  ? THR A 121 LYS A 125 
AB 6 LEU A 57  ? ASN A 64  ? LEU A 102 ASN A 109 
AB 7 ASN A 67  ? ALA A 70  ? ASN A 112 ALA A 115 
AC 1 HIS A 33  ? ARG A 35  ? HIS A 78  ARG A 80  
AC 2 LYS A 122 ? THR A 124 ? LYS A 167 THR A 169 
AD 1 LEU A 72  ? ARG A 73  ? LEU A 117 ARG A 118 
AD 2 ARG A 90  ? PHE A 91  ? ARG A 135 PHE A 136 
# 
loop_
_pdbx_struct_sheet_hbond.sheet_id 
_pdbx_struct_sheet_hbond.range_id_1 
_pdbx_struct_sheet_hbond.range_id_2 
_pdbx_struct_sheet_hbond.range_1_label_atom_id 
_pdbx_struct_sheet_hbond.range_1_label_comp_id 
_pdbx_struct_sheet_hbond.range_1_label_asym_id 
_pdbx_struct_sheet_hbond.range_1_label_seq_id 
_pdbx_struct_sheet_hbond.range_1_PDB_ins_code 
_pdbx_struct_sheet_hbond.range_1_auth_atom_id 
_pdbx_struct_sheet_hbond.range_1_auth_comp_id 
_pdbx_struct_sheet_hbond.range_1_auth_asym_id 
_pdbx_struct_sheet_hbond.range_1_auth_seq_id 
_pdbx_struct_sheet_hbond.range_2_label_atom_id 
_pdbx_struct_sheet_hbond.range_2_label_comp_id 
_pdbx_struct_sheet_hbond.range_2_label_asym_id 
_pdbx_struct_sheet_hbond.range_2_label_seq_id 
_pdbx_struct_sheet_hbond.range_2_PDB_ins_code 
_pdbx_struct_sheet_hbond.range_2_auth_atom_id 
_pdbx_struct_sheet_hbond.range_2_auth_comp_id 
_pdbx_struct_sheet_hbond.range_2_auth_asym_id 
_pdbx_struct_sheet_hbond.range_2_auth_seq_id 
AA 1 2 N VAL A 18  ? N VAL A 63  O SER A 27  ? O SER A 72  
AA 2 3 N LEU A 26  ? N LEU A 71  O VAL A 47  ? O VAL A 92  
AA 3 4 N VAL A 46  ? N VAL A 91  O ALA A 84  ? O ALA A 129 
AA 4 5 N ARG A 85  ? N ARG A 130 O ALA A 78  ? O ALA A 123 
AA 5 6 N ALA A 77  ? N ALA A 122 O VAL A 58  ? O VAL A 103 
AA 6 7 N GLY A 63  ? N GLY A 108 O THR A 102 ? O THR A 147 
AA 7 8 N VAL A 107 ? N VAL A 152 O GLN A 113 ? O GLN A 158 
AB 1 2 N VAL A 18  ? N VAL A 63  O SER A 27  ? O SER A 72  
AB 2 3 N LEU A 26  ? N LEU A 71  O VAL A 47  ? O VAL A 92  
AB 3 4 N VAL A 46  ? N VAL A 91  O ALA A 84  ? O ALA A 129 
AB 4 5 N ARG A 85  ? N ARG A 130 O ALA A 78  ? O ALA A 123 
AB 5 6 N ALA A 77  ? N ALA A 122 O VAL A 58  ? O VAL A 103 
AB 6 7 N ASN A 64  ? N ASN A 109 O ASN A 67  ? O ASN A 112 
AC 1 2 N TRP A 34  ? N TRP A 79  O LYS A 122 ? O LYS A 167 
AD 1 2 N ARG A 73  ? N ARG A 118 O ARG A 90  ? O ARG A 135 
# 
loop_
_struct_site.id 
_struct_site.pdbx_evidence_code 
_struct_site.pdbx_auth_asym_id 
_struct_site.pdbx_auth_comp_id 
_struct_site.pdbx_auth_seq_id 
_struct_site.pdbx_auth_ins_code 
_struct_site.pdbx_num_residues 
_struct_site.details 
AC1 Software ? ? ? ? 3 'BINDING SITE FOR RESIDUE CL A1174' 
AC2 Software ? ? ? ? 3 'BINDING SITE FOR RESIDUE CL A1175' 
# 
loop_
_struct_site_gen.id 
_struct_site_gen.site_id 
_struct_site_gen.pdbx_num_res 
_struct_site_gen.label_comp_id 
_struct_site_gen.label_asym_id 
_struct_site_gen.label_seq_id 
_struct_site_gen.pdbx_auth_ins_code 
_struct_site_gen.auth_comp_id 
_struct_site_gen.auth_asym_id 
_struct_site_gen.auth_seq_id 
_struct_site_gen.label_atom_id 
_struct_site_gen.label_alt_id 
_struct_site_gen.symmetry 
_struct_site_gen.details 
1 AC1 3 ARG A 94  ? ARG A 139  . ? 1_555 ? 
2 AC1 3 THR A 124 ? THR A 169  . ? 1_555 ? 
3 AC1 3 VAL A 125 ? VAL A 170  . ? 1_555 ? 
4 AC2 3 GLU A 71  ? GLU A 116  . ? 1_555 ? 
5 AC2 3 GLY A 93  ? GLY A 138  . ? 1_555 ? 
6 AC2 3 HOH D .   ? HOH A 2064 . ? 1_555 ? 
# 
_atom_sites.entry_id                    1EAN 
_atom_sites.fract_transf_matrix[1][1]   0.00286465 
_atom_sites.fract_transf_matrix[1][2]   0.00102715 
_atom_sites.fract_transf_matrix[1][3]   -0.00997790 
_atom_sites.fract_transf_matrix[2][1]   -0.00006492 
_atom_sites.fract_transf_matrix[2][2]   -0.00829409 
_atom_sites.fract_transf_matrix[2][3]   -0.00632531 
_atom_sites.fract_transf_matrix[3][1]   -0.00807552 
_atom_sites.fract_transf_matrix[3][2]   0.00169803 
_atom_sites.fract_transf_matrix[3][3]   -0.00214368 
_atom_sites.fract_transf_vector[1]      -0.166426 
_atom_sites.fract_transf_vector[2]      0.197482 
_atom_sites.fract_transf_vector[3]      -0.730849 
# 
loop_
_atom_type.symbol 
C  
CL 
N  
O  
S  
# 
loop_
_atom_site.group_PDB 
_atom_site.id 
_atom_site.type_symbol 
_atom_site.label_atom_id 
_atom_site.label_alt_id 
_atom_site.label_comp_id 
_atom_site.label_asym_id 
_atom_site.label_entity_id 
_atom_site.label_seq_id 
_atom_site.pdbx_PDB_ins_code 
_atom_site.Cartn_x 
_atom_site.Cartn_y 
_atom_site.Cartn_z 
_atom_site.occupancy 
_atom_site.B_iso_or_equiv 
_atom_site.pdbx_formal_charge 
_atom_site.auth_seq_id 
_atom_site.auth_comp_id 
_atom_site.auth_asym_id 
_atom_site.auth_atom_id 
_atom_site.pdbx_PDB_model_num 
ATOM   1    N  N   . GLY A 1 15  ? 5.906   14.128  3.026   1.00 27.99 ? 60   GLY A N   1 
ATOM   2    C  CA  . GLY A 1 15  ? 6.270   14.165  1.580   1.00 27.45 ? 60   GLY A CA  1 
ATOM   3    C  C   . GLY A 1 15  ? 7.470   13.296  1.237   1.00 27.01 ? 60   GLY A C   1 
ATOM   4    O  O   . GLY A 1 15  ? 7.866   13.217  0.073   1.00 27.51 ? 60   GLY A O   1 
ATOM   5    N  N   . GLU A 1 16  ? 8.074   12.675  2.247   1.00 25.87 ? 61   GLU A N   1 
ATOM   6    C  CA  . GLU A 1 16  ? 9.140   11.696  2.038   1.00 25.03 ? 61   GLU A CA  1 
ATOM   7    C  C   . GLU A 1 16  ? 8.758   10.471  1.218   1.00 24.02 ? 61   GLU A C   1 
ATOM   8    O  O   . GLU A 1 16  ? 7.731   9.845   1.459   1.00 24.00 ? 61   GLU A O   1 
ATOM   9    C  CB  . GLU A 1 16  ? 9.686   11.213  3.380   1.00 25.06 ? 61   GLU A CB  1 
ATOM   10   C  CG  . GLU A 1 16  ? 10.987  10.437  3.242   1.00 25.41 ? 61   GLU A CG  1 
ATOM   11   C  CD  . GLU A 1 16  ? 11.462  9.839   4.551   1.00 26.84 ? 61   GLU A CD  1 
ATOM   12   O  OE1 . GLU A 1 16  ? 10.752  9.983   5.570   1.00 28.43 ? 61   GLU A OE1 1 
ATOM   13   O  OE2 . GLU A 1 16  ? 12.549  9.222   4.560   1.00 27.17 ? 61   GLU A OE2 1 
ATOM   14   N  N   . LEU A 1 17  ? 9.605   10.139  0.249   1.00 23.03 ? 62   LEU A N   1 
ATOM   15   C  CA  . LEU A 1 17  ? 9.417   8.936   -0.554  1.00 22.72 ? 62   LEU A CA  1 
ATOM   16   C  C   . LEU A 1 17  ? 10.501  7.915   -0.211  1.00 22.19 ? 62   LEU A C   1 
ATOM   17   O  O   . LEU A 1 17  ? 11.626  8.283   0.158   1.00 22.28 ? 62   LEU A O   1 
ATOM   18   C  CB  . LEU A 1 17  ? 9.481   9.263   -2.036  1.00 22.87 ? 62   LEU A CB  1 
ATOM   19   C  CG  . LEU A 1 17  ? 8.390   10.211  -2.533  1.00 23.85 ? 62   LEU A CG  1 
ATOM   20   C  CD1 . LEU A 1 17  ? 8.639   10.446  -4.004  1.00 24.56 ? 62   LEU A CD1 1 
ATOM   21   C  CD2 . LEU A 1 17  ? 6.974   9.687   -2.292  1.00 25.10 ? 62   LEU A CD2 1 
ATOM   22   N  N   . VAL A 1 18  ? 10.149  6.638   -0.332  1.00 21.46 ? 63   VAL A N   1 
ATOM   23   C  CA  . VAL A 1 18  ? 11.074  5.535   -0.120  1.00 21.05 ? 63   VAL A CA  1 
ATOM   24   C  C   . VAL A 1 18  ? 11.007  4.589   -1.324  1.00 20.99 ? 63   VAL A C   1 
ATOM   25   O  O   . VAL A 1 18  ? 10.042  4.616   -2.096  1.00 20.45 ? 63   VAL A O   1 
ATOM   26   C  CB  . VAL A 1 18  ? 10.739  4.749   1.158   1.00 20.84 ? 63   VAL A CB  1 
ATOM   27   C  CG1 . VAL A 1 18  ? 11.189  5.529   2.395   1.00 20.42 ? 63   VAL A CG1 1 
ATOM   28   C  CG2 . VAL A 1 18  ? 9.265   4.442   1.243   1.00 21.27 ? 63   VAL A CG2 1 
ATOM   29   N  N   . ARG A 1 19  ? 12.030  3.753   -1.479  1.00 21.12 ? 64   ARG A N   1 
ATOM   30   C  CA  . ARG A 1 19  ? 12.070  2.783   -2.570  1.00 21.68 ? 64   ARG A CA  1 
ATOM   31   C  C   . ARG A 1 19  ? 11.116  1.613   -2.288  1.00 21.65 ? 64   ARG A C   1 
ATOM   32   O  O   . ARG A 1 19  ? 10.863  1.280   -1.134  1.00 21.43 ? 64   ARG A O   1 
ATOM   33   C  CB  . ARG A 1 19  ? 13.464  2.151   -2.690  1.00 21.94 ? 64   ARG A CB  1 
ATOM   34   C  CG  . ARG A 1 19  ? 14.644  3.087   -2.722  1.00 23.56 ? 64   ARG A CG  1 
ATOM   35   C  CD  . ARG A 1 19  ? 14.754  3.834   -3.995  1.00 25.03 ? 64   ARG A CD  1 
ATOM   36   N  NE  . ARG A 1 19  ? 15.766  4.880   -3.965  1.00 25.74 ? 64   ARG A NE  1 
ATOM   37   C  CZ  . ARG A 1 19  ? 16.633  5.107   -4.941  1.00 27.47 ? 64   ARG A CZ  1 
ATOM   38   N  NH1 . ARG A 1 19  ? 16.619  4.354   -6.033  1.00 28.57 ? 64   ARG A NH1 1 
ATOM   39   N  NH2 . ARG A 1 19  ? 17.519  6.085   -4.829  1.00 28.45 ? 64   ARG A NH2 1 
ATOM   40   N  N   . THR A 1 20  ? 10.583  0.997   -3.340  1.00 21.67 ? 65   THR A N   1 
ATOM   41   C  CA  . THR A 1 20  ? 9.908   -0.298  -3.208  1.00 22.12 ? 65   THR A CA  1 
ATOM   42   C  C   . THR A 1 20  ? 10.904  -1.305  -3.774  1.00 22.68 ? 65   THR A C   1 
ATOM   43   O  O   . THR A 1 20  ? 12.009  -0.914  -4.142  1.00 22.93 ? 65   THR A O   1 
ATOM   44   C  CB  . THR A 1 20  ? 8.624   -0.374  -4.043  1.00 22.35 ? 65   THR A CB  1 
ATOM   45   O  OG1 . THR A 1 20  ? 8.962   -0.306  -5.437  1.00 21.57 ? 65   THR A OG1 1 
ATOM   46   C  CG2 . THR A 1 20  ? 7.700   0.802   -3.785  1.00 22.41 ? 65   THR A CG2 1 
ATOM   47   N  N   . ASP A 1 21  ? 10.541  -2.588  -3.876  1.00 22.96 ? 66   ASP A N   1 
ATOM   48   C  CA  . ASP A 1 21  ? 11.473  -3.569  -4.429  1.00 23.33 ? 66   ASP A CA  1 
ATOM   49   C  C   . ASP A 1 21  ? 11.456  -3.561  -5.951  1.00 23.60 ? 66   ASP A C   1 
ATOM   50   O  O   . ASP A 1 21  ? 12.007  -4.461  -6.587  1.00 23.76 ? 66   ASP A O   1 
ATOM   51   C  CB  . ASP A 1 21  ? 11.234  -4.987  -3.907  1.00 23.24 ? 66   ASP A CB  1 
ATOM   52   C  CG  . ASP A 1 21  ? 9.980   -5.637  -4.480  1.00 23.76 ? 66   ASP A CG  1 
ATOM   53   O  OD1 . ASP A 1 21  ? 9.159   -4.955  -5.134  1.00 22.13 ? 66   ASP A OD1 1 
ATOM   54   O  OD2 . ASP A 1 21  ? 9.748   -6.851  -4.309  1.00 23.82 ? 66   ASP A OD2 1 
ATOM   55   N  N   . SER A 1 22  ? 10.813  -2.552  -6.530  1.00 23.72 ? 67   SER A N   1 
ATOM   56   C  CA  . SER A 1 22  ? 10.882  -2.339  -7.962  1.00 24.14 ? 67   SER A CA  1 
ATOM   57   C  C   . SER A 1 22  ? 11.503  -0.985  -8.244  1.00 24.27 ? 67   SER A C   1 
ATOM   58   O  O   . SER A 1 22  ? 11.091  0.024   -7.678  1.00 24.11 ? 67   SER A O   1 
ATOM   59   C  CB  . SER A 1 22  ? 9.495   -2.379  -8.603  1.00 24.36 ? 67   SER A CB  1 
ATOM   60   O  OG  . SER A 1 22  ? 9.544   -1.847  -9.922  1.00 24.58 ? 67   SER A OG  1 
ATOM   61   N  N   . PRO A 1 23  ? 12.487  -0.959  -9.132  1.00 24.40 ? 68   PRO A N   1 
ATOM   62   C  CA  . PRO A 1 23  ? 13.153  0.295   -9.491  1.00 24.64 ? 68   PRO A CA  1 
ATOM   63   C  C   . PRO A 1 23  ? 12.232  1.257   -10.255 1.00 24.48 ? 68   PRO A C   1 
ATOM   64   O  O   . PRO A 1 23  ? 12.614  2.402   -10.480 1.00 25.05 ? 68   PRO A O   1 
ATOM   65   C  CB  . PRO A 1 23  ? 14.344  -0.165  -10.338 1.00 24.77 ? 68   PRO A CB  1 
ATOM   66   C  CG  . PRO A 1 23  ? 13.966  -1.524  -10.859 1.00 25.13 ? 68   PRO A CG  1 
ATOM   67   C  CD  . PRO A 1 23  ? 13.031  -2.118  -9.859  1.00 24.81 ? 68   PRO A CD  1 
ATOM   68   N  N   . ASN A 1 24  ? 11.044  0.808   -10.640 1.00 24.06 ? 69   ASN A N   1 
ATOM   69   C  CA  . ASN A 1 24  ? 10.103  1.677   -11.346 1.00 23.82 ? 69   ASN A CA  1 
ATOM   70   C  C   . ASN A 1 24  ? 9.084   2.421   -10.464 1.00 23.23 ? 69   ASN A C   1 
ATOM   71   O  O   . ASN A 1 24  ? 8.341   3.269   -10.968 1.00 22.86 ? 69   ASN A O   1 
ATOM   72   C  CB  . ASN A 1 24  ? 9.423   0.868   -12.443 1.00 24.12 ? 69   ASN A CB  1 
ATOM   73   C  CG  . ASN A 1 24  ? 10.435  0.321   -13.430 1.00 25.33 ? 69   ASN A CG  1 
ATOM   74   O  OD1 . ASN A 1 24  ? 11.289  1.061   -13.908 1.00 27.60 ? 69   ASN A OD1 1 
ATOM   75   N  ND2 . ASN A 1 24  ? 10.357  -0.970  -13.726 1.00 27.60 ? 69   ASN A ND2 1 
ATOM   76   N  N   . PHE A 1 25  ? 9.062   2.123   -9.164  1.00 22.47 ? 70   PHE A N   1 
ATOM   77   C  CA  . PHE A 1 25  ? 8.082   2.724   -8.246  1.00 22.28 ? 70   PHE A CA  1 
ATOM   78   C  C   . PHE A 1 25  ? 8.650   3.085   -6.895  1.00 21.94 ? 70   PHE A C   1 
ATOM   79   O  O   . PHE A 1 25  ? 9.456   2.357   -6.333  1.00 22.22 ? 70   PHE A O   1 
ATOM   80   C  CB  . PHE A 1 25  ? 6.858   1.789   -8.074  1.00 22.31 ? 70   PHE A CB  1 
ATOM   81   C  CG  . PHE A 1 25  ? 6.182   1.531   -9.372  1.00 21.85 ? 70   PHE A CG  1 
ATOM   82   C  CD1 . PHE A 1 25  ? 5.284   2.448   -9.877  1.00 22.54 ? 70   PHE A CD1 1 
ATOM   83   C  CD2 . PHE A 1 25  ? 6.470   0.396   -10.111 1.00 22.45 ? 70   PHE A CD2 1 
ATOM   84   C  CE1 . PHE A 1 25  ? 4.666   2.232   -11.089 1.00 22.92 ? 70   PHE A CE1 1 
ATOM   85   C  CE2 . PHE A 1 25  ? 5.856   0.180   -11.321 1.00 22.30 ? 70   PHE A CE2 1 
ATOM   86   C  CZ  . PHE A 1 25  ? 4.956   1.099   -11.809 1.00 22.56 ? 70   PHE A CZ  1 
ATOM   87   N  N   . LEU A 1 26  ? 8.204   4.229   -6.392  1.00 21.61 ? 71   LEU A N   1 
ATOM   88   C  CA  . LEU A 1 26  ? 8.507   4.677   -5.048  1.00 21.27 ? 71   LEU A CA  1 
ATOM   89   C  C   . LEU A 1 26  ? 7.180   4.726   -4.310  1.00 21.18 ? 71   LEU A C   1 
ATOM   90   O  O   . LEU A 1 26  ? 6.120   4.626   -4.927  1.00 21.21 ? 71   LEU A O   1 
ATOM   91   C  CB  . LEU A 1 26  ? 9.082   6.085   -5.085  1.00 21.11 ? 71   LEU A CB  1 
ATOM   92   C  CG  . LEU A 1 26  ? 10.324  6.290   -5.951  1.00 21.00 ? 71   LEU A CG  1 
ATOM   93   C  CD1 . LEU A 1 26  ? 10.724  7.741   -5.931  1.00 22.44 ? 71   LEU A CD1 1 
ATOM   94   C  CD2 . LEU A 1 26  ? 11.452  5.433   -5.437  1.00 20.68 ? 71   LEU A CD2 1 
ATOM   95   N  N   . SER A 1 27  ? 7.224   4.882   -2.996  1.00 20.86 ? 72   SER A N   1 
ATOM   96   C  CA  . SER A 1 27  ? 6.003   5.062   -2.229  1.00 20.75 ? 72   SER A CA  1 
ATOM   97   C  C   . SER A 1 27  ? 6.262   6.036   -1.105  1.00 20.84 ? 72   SER A C   1 
ATOM   98   O  O   . SER A 1 27  ? 7.414   6.379   -0.799  1.00 20.68 ? 72   SER A O   1 
ATOM   99   C  CB  . SER A 1 27  ? 5.514   3.738   -1.628  1.00 20.98 ? 72   SER A CB  1 
ATOM   100  O  OG  . SER A 1 27  ? 6.338   3.355   -0.531  1.00 21.84 ? 72   SER A OG  1 
ATOM   101  N  N   . SER A 1 28  ? 5.178   6.493   -0.495  1.00 20.70 ? 73   SER A N   1 
ATOM   102  C  CA  . SER A 1 28  ? 5.270   7.232   0.748   1.00 20.69 ? 73   SER A CA  1 
ATOM   103  C  C   . SER A 1 28  ? 5.515   6.222   1.876   1.00 20.69 ? 73   SER A C   1 
ATOM   104  O  O   . SER A 1 28  ? 5.594   5.014   1.638   1.00 20.74 ? 73   SER A O   1 
ATOM   105  C  CB  . SER A 1 28  ? 3.978   8.002   0.997   1.00 20.98 ? 73   SER A CB  1 
ATOM   106  O  OG  . SER A 1 28  ? 2.878   7.115   1.018   1.00 21.99 ? 73   SER A OG  1 
ATOM   107  N  N   . VAL A 1 29  ? 5.620   6.719   3.105   1.00 20.43 ? 74   VAL A N   1 
ATOM   108  C  CA  . VAL A 1 29  ? 5.961   5.890   4.253   1.00 20.45 ? 74   VAL A CA  1 
ATOM   109  C  C   . VAL A 1 29  ? 4.731   5.580   5.108   1.00 20.68 ? 74   VAL A C   1 
ATOM   110  O  O   . VAL A 1 29  ? 3.977   6.478   5.466   1.00 21.11 ? 74   VAL A O   1 
ATOM   111  C  CB  . VAL A 1 29  ? 7.017   6.606   5.122   1.00 20.21 ? 74   VAL A CB  1 
ATOM   112  C  CG1 . VAL A 1 29  ? 7.328   5.805   6.360   1.00 20.97 ? 74   VAL A CG1 1 
ATOM   113  C  CG2 . VAL A 1 29  ? 8.287   6.832   4.326   1.00 19.48 ? 74   VAL A CG2 1 
ATOM   114  N  N   . LEU A 1 30  ? 4.543   4.304   5.434   1.00 21.01 ? 75   LEU A N   1 
ATOM   115  C  CA  . LEU A 1 30  ? 3.424   3.856   6.259   1.00 21.30 ? 75   LEU A CA  1 
ATOM   116  C  C   . LEU A 1 30  ? 3.915   3.591   7.681   1.00 21.34 ? 75   LEU A C   1 
ATOM   117  O  O   . LEU A 1 30  ? 5.107   3.480   7.927   1.00 21.13 ? 75   LEU A O   1 
ATOM   118  C  CB  . LEU A 1 30  ? 2.843   2.555   5.686   1.00 21.41 ? 75   LEU A CB  1 
ATOM   119  C  CG  . LEU A 1 30  ? 2.041   2.651   4.385   1.00 21.78 ? 75   LEU A CG  1 
ATOM   120  C  CD1 . LEU A 1 30  ? 1.822   1.278   3.726   1.00 22.85 ? 75   LEU A CD1 1 
ATOM   121  C  CD2 . LEU A 1 30  ? 0.708   3.333   4.673   1.00 22.06 ? 75   LEU A CD2 1 
ATOM   122  N  N   . PRO A 1 31  ? 3.006   3.480   8.638   1.00 21.21 ? 76   PRO A N   1 
ATOM   123  C  CA  . PRO A 1 31  ? 3.409   3.093   9.987   1.00 21.37 ? 76   PRO A CA  1 
ATOM   124  C  C   . PRO A 1 31  ? 3.916   1.660   10.033  1.00 21.27 ? 76   PRO A C   1 
ATOM   125  O  O   . PRO A 1 31  ? 3.529   0.862   9.187   1.00 21.42 ? 76   PRO A O   1 
ATOM   126  C  CB  . PRO A 1 31  ? 2.094   3.156   10.775  1.00 21.08 ? 76   PRO A CB  1 
ATOM   127  C  CG  . PRO A 1 31  ? 1.190   3.986   9.958   1.00 21.33 ? 76   PRO A CG  1 
ATOM   128  C  CD  . PRO A 1 31  ? 1.556   3.713   8.534   1.00 21.36 ? 76   PRO A CD  1 
ATOM   129  N  N   . THR A 1 32  ? 4.762   1.336   11.002  1.00 21.36 ? 77   THR A N   1 
ATOM   130  C  CA  . THR A 1 32  ? 5.183   -0.051  11.198  1.00 21.82 ? 77   THR A CA  1 
ATOM   131  C  C   . THR A 1 32  ? 4.105   -0.858  11.912  1.00 21.95 ? 77   THR A C   1 
ATOM   132  O  O   . THR A 1 32  ? 4.039   -2.083  11.757  1.00 22.17 ? 77   THR A O   1 
ATOM   133  C  CB  . THR A 1 32  ? 6.455   -0.127  12.041  1.00 22.11 ? 77   THR A CB  1 
ATOM   134  O  OG1 . THR A 1 32  ? 6.256   0.583   13.270  1.00 22.66 ? 77   THR A OG1 1 
ATOM   135  C  CG2 . THR A 1 32  ? 7.623   0.576   11.362  1.00 22.67 ? 77   THR A CG2 1 
ATOM   136  N  N   . HIS A 1 33  ? 3.273   -0.159  12.687  1.00 21.63 ? 78   HIS A N   1 
ATOM   137  C  CA  . HIS A 1 33  ? 2.206   -0.754  13.493  1.00 21.84 ? 78   HIS A CA  1 
ATOM   138  C  C   . HIS A 1 33  ? 1.076   0.280   13.559  1.00 21.67 ? 78   HIS A C   1 
ATOM   139  O  O   . HIS A 1 33  ? 1.313   1.438   13.905  1.00 21.69 ? 78   HIS A O   1 
ATOM   140  C  CB  . HIS A 1 33  ? 2.762   -1.088  14.883  1.00 21.91 ? 78   HIS A CB  1 
ATOM   141  C  CG  . HIS A 1 33  ? 1.771   -1.681  15.840  1.00 22.48 ? 78   HIS A CG  1 
ATOM   142  N  ND1 . HIS A 1 33  ? 2.037   -1.796  17.187  1.00 23.32 ? 78   HIS A ND1 1 
ATOM   143  C  CD2 . HIS A 1 33  ? 0.531   -2.193  15.656  1.00 22.52 ? 78   HIS A CD2 1 
ATOM   144  C  CE1 . HIS A 1 33  ? 1.001   -2.349  17.795  1.00 23.31 ? 78   HIS A CE1 1 
ATOM   145  N  NE2 . HIS A 1 33  ? 0.074   -2.602  16.887  1.00 23.01 ? 78   HIS A NE2 1 
ATOM   146  N  N   . TRP A 1 34  ? -0.144  -0.129  13.222  1.00 21.52 ? 79   TRP A N   1 
ATOM   147  C  CA  . TRP A 1 34  ? -1.287  0.788   13.238  1.00 21.55 ? 79   TRP A CA  1 
ATOM   148  C  C   . TRP A 1 34  ? -2.541  0.065   13.704  1.00 21.74 ? 79   TRP A C   1 
ATOM   149  O  O   . TRP A 1 34  ? -2.615  -1.162  13.665  1.00 22.09 ? 79   TRP A O   1 
ATOM   150  C  CB  . TRP A 1 34  ? -1.526  1.394   11.849  1.00 21.50 ? 79   TRP A CB  1 
ATOM   151  C  CG  . TRP A 1 34  ? -2.241  2.729   11.872  1.00 21.69 ? 79   TRP A CG  1 
ATOM   152  C  CD1 . TRP A 1 34  ? -3.442  3.037   11.287  1.00 21.73 ? 79   TRP A CD1 1 
ATOM   153  C  CD2 . TRP A 1 34  ? -1.795  3.930   12.514  1.00 21.49 ? 79   TRP A CD2 1 
ATOM   154  N  NE1 . TRP A 1 34  ? -3.764  4.352   11.529  1.00 21.96 ? 79   TRP A NE1 1 
ATOM   155  C  CE2 . TRP A 1 34  ? -2.770  4.924   12.278  1.00 22.43 ? 79   TRP A CE2 1 
ATOM   156  C  CE3 . TRP A 1 34  ? -0.666  4.268   13.267  1.00 22.48 ? 79   TRP A CE3 1 
ATOM   157  C  CZ2 . TRP A 1 34  ? -2.650  6.227   12.770  1.00 23.01 ? 79   TRP A CZ2 1 
ATOM   158  C  CZ3 . TRP A 1 34  ? -0.549  5.561   13.751  1.00 23.21 ? 79   TRP A CZ3 1 
ATOM   159  C  CH2 . TRP A 1 34  ? -1.535  6.523   13.501  1.00 23.70 ? 79   TRP A CH2 1 
ATOM   160  N  N   . ARG A 1 35  ? -3.524  0.844   14.142  1.00 21.70 ? 80   ARG A N   1 
ATOM   161  C  CA  . ARG A 1 35  ? -4.781  0.319   14.662  1.00 21.68 ? 80   ARG A CA  1 
ATOM   162  C  C   . ARG A 1 35  ? -5.732  -0.072  13.530  1.00 21.46 ? 80   ARG A C   1 
ATOM   163  O  O   . ARG A 1 35  ? -5.903  0.682   12.564  1.00 20.97 ? 80   ARG A O   1 
ATOM   164  C  CB  . ARG A 1 35  ? -5.445  1.387   15.527  1.00 21.85 ? 80   ARG A CB  1 
ATOM   165  C  CG  . ARG A 1 35  ? -6.862  1.064   15.968  1.00 22.70 ? 80   ARG A CG  1 
ATOM   166  C  CD  . ARG A 1 35  ? -7.432  2.092   16.924  1.00 23.94 ? 80   ARG A CD  1 
ATOM   167  N  NE  . ARG A 1 35  ? -6.789  1.995   18.229  1.00 25.00 ? 80   ARG A NE  1 
ATOM   168  C  CZ  . ARG A 1 35  ? -7.141  2.695   19.300  1.00 25.56 ? 80   ARG A CZ  1 
ATOM   169  N  NH1 . ARG A 1 35  ? -8.144  3.561   19.233  1.00 25.24 ? 80   ARG A NH1 1 
ATOM   170  N  NH2 . ARG A 1 35  ? -6.486  2.526   20.444  1.00 25.88 ? 80   ARG A NH2 1 
ATOM   171  N  N   . SER A 1 36  ? -6.344  -1.249  13.662  1.00 21.15 ? 81   SER A N   1 
ATOM   172  C  CA  . SER A 1 36  ? -7.357  -1.741  12.729  1.00 21.30 ? 81   SER A CA  1 
ATOM   173  C  C   . SER A 1 36  ? -8.428  -0.669  12.450  1.00 20.91 ? 81   SER A C   1 
ATOM   174  O  O   . SER A 1 36  ? -9.035  -0.138  13.377  1.00 20.54 ? 81   SER A O   1 
ATOM   175  C  CB  . SER A 1 36  ? -8.096  -2.930  13.358  1.00 21.70 ? 81   SER A CB  1 
ATOM   176  O  OG  A SER A 1 36  ? -7.757  -2.909  14.726  0.50 22.87 ? 81   SER A OG  1 
ATOM   177  O  OG  B SER A 1 36  ? -8.979  -3.405  12.349  0.50 21.90 ? 81   SER A OG  1 
ATOM   178  N  N   . ASN A 1 37  ? -8.647  -0.369  11.175  1.00 20.95 ? 82   ASN A N   1 
ATOM   179  C  CA  . ASN A 1 37  ? -9.687  0.562   10.711  1.00 20.81 ? 82   ASN A CA  1 
ATOM   180  C  C   . ASN A 1 37  ? -9.463  2.050   11.011  1.00 21.18 ? 82   ASN A C   1 
ATOM   181  O  O   . ASN A 1 37  ? -10.352 2.867   10.767  1.00 21.46 ? 82   ASN A O   1 
ATOM   182  C  CB  . ASN A 1 37  ? -11.077 0.127   11.194  1.00 20.70 ? 82   ASN A CB  1 
ATOM   183  C  CG  . ASN A 1 37  ? -12.181 0.514   10.214  1.00 20.43 ? 82   ASN A CG  1 
ATOM   184  O  OD1 . ASN A 1 37  ? -11.928 0.738   9.023   1.00 19.60 ? 82   ASN A OD1 1 
ATOM   185  N  ND2 . ASN A 1 37  ? -13.407 0.591   10.705  1.00 18.70 ? 82   ASN A ND2 1 
ATOM   186  N  N   . LYS A 1 38  ? -8.293  2.404   11.535  1.00 21.13 ? 83   LYS A N   1 
ATOM   187  C  CA  . LYS A 1 38  ? -7.979  3.799   11.839  1.00 21.55 ? 83   LYS A CA  1 
ATOM   188  C  C   . LYS A 1 38  ? -7.367  4.523   10.650  1.00 21.42 ? 83   LYS A C   1 
ATOM   189  O  O   . LYS A 1 38  ? -6.491  3.995   9.976   1.00 21.43 ? 83   LYS A O   1 
ATOM   190  C  CB  . LYS A 1 38  ? -7.004  3.868   13.005  1.00 21.78 ? 83   LYS A CB  1 
ATOM   191  C  CG  . LYS A 1 38  ? -6.719  5.265   13.493  1.00 22.89 ? 83   LYS A CG  1 
ATOM   192  C  CD  . LYS A 1 38  ? -5.923  5.192   14.775  1.00 24.52 ? 83   LYS A CD  1 
ATOM   193  C  CE  . LYS A 1 38  ? -5.440  6.552   15.223  1.00 25.44 ? 83   LYS A CE  1 
ATOM   194  N  NZ  . LYS A 1 38  ? -6.570  7.400   15.678  1.00 27.60 ? 83   LYS A NZ  1 
ATOM   195  N  N   . THR A 1 39  ? -7.839  5.738   10.396  1.00 21.72 ? 84   THR A N   1 
ATOM   196  C  CA  . THR A 1 39  ? -7.272  6.570   9.344   1.00 22.18 ? 84   THR A CA  1 
ATOM   197  C  C   . THR A 1 39  ? -5.753  6.699   9.503   1.00 22.12 ? 84   THR A C   1 
ATOM   198  O  O   . THR A 1 39  ? -5.243  6.837   10.614  1.00 21.72 ? 84   THR A O   1 
ATOM   199  C  CB  . THR A 1 39  ? -7.891  7.966   9.409   1.00 22.43 ? 84   THR A CB  1 
ATOM   200  O  OG1 . THR A 1 39  ? -9.319  7.875   9.303   1.00 24.09 ? 84   THR A OG1 1 
ATOM   201  C  CG2 . THR A 1 39  ? -7.462  8.796   8.215   1.00 22.78 ? 84   THR A CG2 1 
ATOM   202  N  N   . LEU A 1 40  ? -5.027  6.658   8.392   1.00 22.37 ? 85   LEU A N   1 
ATOM   203  C  CA  . LEU A 1 40  ? -3.569  6.738   8.442   1.00 22.76 ? 85   LEU A CA  1 
ATOM   204  C  C   . LEU A 1 40  ? -3.076  8.152   8.725   1.00 23.39 ? 85   LEU A C   1 
ATOM   205  O  O   . LEU A 1 40  ? -3.729  9.125   8.357   1.00 23.72 ? 85   LEU A O   1 
ATOM   206  C  CB  . LEU A 1 40  ? -2.968  6.287   7.108   1.00 22.66 ? 85   LEU A CB  1 
ATOM   207  C  CG  . LEU A 1 40  ? -3.161  4.832   6.692   1.00 22.86 ? 85   LEU A CG  1 
ATOM   208  C  CD1 . LEU A 1 40  ? -2.782  4.677   5.224   1.00 23.91 ? 85   LEU A CD1 1 
ATOM   209  C  CD2 . LEU A 1 40  ? -2.366  3.877   7.602   1.00 22.94 ? 85   LEU A CD2 1 
ATOM   210  N  N   . PRO A 1 41  ? -1.918  8.266   9.371   1.00 23.83 ? 86   PRO A N   1 
ATOM   211  C  CA  . PRO A 1 41  ? -1.334  9.578   9.663   1.00 24.17 ? 86   PRO A CA  1 
ATOM   212  C  C   . PRO A 1 41  ? -0.824  10.294  8.404   1.00 24.29 ? 86   PRO A C   1 
ATOM   213  O  O   . PRO A 1 41  ? -0.827  11.529  8.372   1.00 24.54 ? 86   PRO A O   1 
ATOM   214  C  CB  . PRO A 1 41  ? -0.192  9.246   10.628  1.00 24.37 ? 86   PRO A CB  1 
ATOM   215  C  CG  . PRO A 1 41  ? 0.155   7.835   10.367  1.00 24.39 ? 86   PRO A CG  1 
ATOM   216  C  CD  . PRO A 1 41  ? -1.085  7.161   9.874   1.00 23.75 ? 86   PRO A CD  1 
ATOM   217  N  N   . ILE A 1 42  ? -0.409  9.529   7.397   1.00 24.27 ? 87   ILE A N   1 
ATOM   218  C  CA  . ILE A 1 42  ? 0.106   10.074  6.137   1.00 24.42 ? 87   ILE A CA  1 
ATOM   219  C  C   . ILE A 1 42  ? -0.573  9.329   4.985   1.00 24.19 ? 87   ILE A C   1 
ATOM   220  O  O   . ILE A 1 42  ? -0.394  8.121   4.852   1.00 24.38 ? 87   ILE A O   1 
ATOM   221  C  CB  . ILE A 1 42  ? 1.634   9.889   6.037   1.00 24.55 ? 87   ILE A CB  1 
ATOM   222  C  CG1 . ILE A 1 42  ? 2.371   10.701  7.105   1.00 25.21 ? 87   ILE A CG1 1 
ATOM   223  C  CG2 . ILE A 1 42  ? 2.126   10.337  4.681   1.00 24.92 ? 87   ILE A CG2 1 
ATOM   224  C  CD1 . ILE A 1 42  ? 3.883   10.424  7.133   1.00 25.80 ? 87   ILE A CD1 1 
ATOM   225  N  N   . ALA A 1 43  ? -1.347  10.032  4.157   1.00 24.05 ? 88   ALA A N   1 
ATOM   226  C  CA  . ALA A 1 43  ? -2.042  9.380   3.040   1.00 23.93 ? 88   ALA A CA  1 
ATOM   227  C  C   . ALA A 1 43  ? -1.060  8.591   2.186   1.00 24.00 ? 88   ALA A C   1 
ATOM   228  O  O   . ALA A 1 43  ? 0.042   9.068   1.891   1.00 23.84 ? 88   ALA A O   1 
ATOM   229  C  CB  . ALA A 1 43  ? -2.783  10.398  2.183   1.00 24.10 ? 88   ALA A CB  1 
ATOM   230  N  N   . PHE A 1 44  ? -1.452  7.387   1.777   1.00 23.66 ? 89   PHE A N   1 
ATOM   231  C  CA  . PHE A 1 44  ? -0.533  6.527   1.043   1.00 23.73 ? 89   PHE A CA  1 
ATOM   232  C  C   . PHE A 1 44  ? -0.444  6.988   -0.403  1.00 24.00 ? 89   PHE A C   1 
ATOM   233  O  O   . PHE A 1 44  ? -1.446  7.357   -1.022  1.00 23.81 ? 89   PHE A O   1 
ATOM   234  C  CB  . PHE A 1 44  ? -0.945  5.048   1.089   1.00 23.72 ? 89   PHE A CB  1 
ATOM   235  C  CG  . PHE A 1 44  ? 0.108   4.107   0.541   1.00 23.03 ? 89   PHE A CG  1 
ATOM   236  C  CD1 . PHE A 1 44  ? 1.370   4.073   1.098   1.00 21.64 ? 89   PHE A CD1 1 
ATOM   237  C  CD2 . PHE A 1 44  ? -0.163  3.258   -0.528  1.00 22.35 ? 89   PHE A CD2 1 
ATOM   238  C  CE1 . PHE A 1 44  ? 2.343   3.220   0.609   1.00 22.57 ? 89   PHE A CE1 1 
ATOM   239  C  CE2 . PHE A 1 44  ? 0.817   2.400   -1.016  1.00 23.16 ? 89   PHE A CE2 1 
ATOM   240  C  CZ  . PHE A 1 44  ? 2.065   2.389   -0.444  1.00 22.62 ? 89   PHE A CZ  1 
ATOM   241  N  N   . LYS A 1 45  ? 0.766   6.958   -0.940  1.00 24.11 ? 90   LYS A N   1 
ATOM   242  C  CA  . LYS A 1 45  ? 0.992   7.365   -2.310  1.00 24.43 ? 90   LYS A CA  1 
ATOM   243  C  C   . LYS A 1 45  ? 1.879   6.339   -2.986  1.00 24.32 ? 90   LYS A C   1 
ATOM   244  O  O   . LYS A 1 45  ? 2.733   5.723   -2.343  1.00 24.47 ? 90   LYS A O   1 
ATOM   245  C  CB  . LYS A 1 45  ? 1.679   8.731   -2.358  1.00 24.96 ? 90   LYS A CB  1 
ATOM   246  C  CG  . LYS A 1 45  ? 0.890   9.847   -1.705  1.00 26.74 ? 90   LYS A CG  1 
ATOM   247  C  CD  . LYS A 1 45  ? 1.560   11.200  -1.926  1.00 28.67 ? 90   LYS A CD  1 
ATOM   248  C  CE  . LYS A 1 45  ? 0.758   12.333  -1.298  1.00 30.79 ? 90   LYS A CE  1 
ATOM   249  N  NZ  . LYS A 1 45  ? 1.390   13.670  -1.522  1.00 31.96 ? 90   LYS A NZ  1 
ATOM   250  N  N   . VAL A 1 46  ? 1.675   6.163   -4.287  1.00 23.40 ? 91   VAL A N   1 
ATOM   251  C  CA  . VAL A 1 46  ? 2.580   5.371   -5.105  1.00 22.81 ? 91   VAL A CA  1 
ATOM   252  C  C   . VAL A 1 46  ? 3.031   6.272   -6.242  1.00 22.57 ? 91   VAL A C   1 
ATOM   253  O  O   . VAL A 1 46  ? 2.203   6.906   -6.896  1.00 22.08 ? 91   VAL A O   1 
ATOM   254  C  CB  . VAL A 1 46  ? 1.903   4.095   -5.651  1.00 22.68 ? 91   VAL A CB  1 
ATOM   255  C  CG1 . VAL A 1 46  ? 2.781   3.406   -6.667  1.00 22.65 ? 91   VAL A CG1 1 
ATOM   256  C  CG2 . VAL A 1 46  ? 1.601   3.144   -4.523  1.00 23.19 ? 91   VAL A CG2 1 
ATOM   257  N  N   . VAL A 1 47  ? 4.339   6.319   -6.477  1.00 22.17 ? 92   VAL A N   1 
ATOM   258  C  CA  . VAL A 1 47  ? 4.918   7.237   -7.451  1.00 22.31 ? 92   VAL A CA  1 
ATOM   259  C  C   . VAL A 1 47  ? 5.639   6.450   -8.540  1.00 22.63 ? 92   VAL A C   1 
ATOM   260  O  O   . VAL A 1 47  ? 6.497   5.618   -8.250  1.00 22.66 ? 92   VAL A O   1 
ATOM   261  C  CB  . VAL A 1 47  ? 5.909   8.206   -6.788  1.00 22.20 ? 92   VAL A CB  1 
ATOM   262  C  CG1 . VAL A 1 47  ? 6.510   9.117   -7.832  1.00 22.04 ? 92   VAL A CG1 1 
ATOM   263  C  CG2 . VAL A 1 47  ? 5.212   9.002   -5.689  1.00 22.12 ? 92   VAL A CG2 1 
ATOM   264  N  N   . ALA A 1 48  ? 5.279   6.709   -9.794  1.00 22.98 ? 93   ALA A N   1 
ATOM   265  C  CA  . ALA A 1 48  ? 5.907   6.037   -10.928 1.00 23.51 ? 93   ALA A CA  1 
ATOM   266  C  C   . ALA A 1 48  ? 7.111   6.834   -11.418 1.00 24.23 ? 93   ALA A C   1 
ATOM   267  O  O   . ALA A 1 48  ? 7.013   8.045   -11.612 1.00 24.02 ? 93   ALA A O   1 
ATOM   268  C  CB  . ALA A 1 48  ? 4.904   5.876   -12.057 1.00 23.43 ? 93   ALA A CB  1 
ATOM   269  N  N   . LEU A 1 49  ? 8.241   6.161   -11.619 1.00 25.14 ? 94   LEU A N   1 
ATOM   270  C  CA  . LEU A 1 49  ? 9.450   6.829   -12.108 1.00 26.12 ? 94   LEU A CA  1 
ATOM   271  C  C   . LEU A 1 49  ? 9.450   6.700   -13.594 1.00 27.05 ? 94   LEU A C   1 
ATOM   272  O  O   . LEU A 1 49  ? 10.047  7.499   -14.334 1.00 27.01 ? 94   LEU A O   1 
ATOM   273  C  CB  . LEU A 1 49  ? 10.702  6.156   -11.578 1.00 26.26 ? 94   LEU A CB  1 
ATOM   274  C  CG  . LEU A 1 49  ? 10.857  6.281   -10.074 1.00 26.28 ? 94   LEU A CG  1 
ATOM   275  C  CD1 . LEU A 1 49  ? 12.259  5.931   -9.661  1.00 27.52 ? 94   LEU A CD1 1 
ATOM   276  C  CD2 . LEU A 1 49  ? 10.506  7.701   -9.645  1.00 26.82 ? 94   LEU A CD2 1 
ATOM   277  N  N   . GLY A 1 50  ? 8.763   5.657   -14.019 1.00 28.01 ? 95   GLY A N   1 
ATOM   278  C  CA  . GLY A 1 50  ? 8.641   5.347   -15.406 1.00 29.18 ? 95   GLY A CA  1 
ATOM   279  C  C   . GLY A 1 50  ? 7.470   6.172   -15.834 1.00 29.86 ? 95   GLY A C   1 
ATOM   280  O  O   . GLY A 1 50  ? 6.842   6.878   -15.041 1.00 31.13 ? 95   GLY A O   1 
ATOM   281  N  N   . ASP A 1 51  ? 7.161   6.078   -17.098 1.00 30.17 ? 96   ASP A N   1 
ATOM   282  C  CA  . ASP A 1 51  ? 6.148   6.930   -17.631 1.00 30.22 ? 96   ASP A CA  1 
ATOM   283  C  C   . ASP A 1 51  ? 4.815   6.202   -17.664 1.00 29.40 ? 96   ASP A C   1 
ATOM   284  O  O   . ASP A 1 51  ? 4.559   5.404   -18.558 1.00 29.94 ? 96   ASP A O   1 
ATOM   285  C  CB  . ASP A 1 51  ? 6.589   7.380   -19.009 1.00 30.85 ? 96   ASP A CB  1 
ATOM   286  C  CG  . ASP A 1 51  ? 5.873   8.622   -19.474 1.00 32.19 ? 96   ASP A CG  1 
ATOM   287  O  OD1 . ASP A 1 51  ? 6.440   9.343   -20.315 1.00 35.40 ? 96   ASP A OD1 1 
ATOM   288  O  OD2 . ASP A 1 51  ? 4.743   8.959   -19.062 1.00 35.41 ? 96   ASP A OD2 1 
ATOM   289  N  N   . VAL A 1 52  ? 3.964   6.490   -16.686 1.00 28.27 ? 97   VAL A N   1 
ATOM   290  C  CA  . VAL A 1 52  ? 2.682   5.811   -16.562 1.00 27.43 ? 97   VAL A CA  1 
ATOM   291  C  C   . VAL A 1 52  ? 1.555   6.812   -16.847 1.00 26.29 ? 97   VAL A C   1 
ATOM   292  O  O   . VAL A 1 52  ? 1.546   7.917   -16.311 1.00 26.53 ? 97   VAL A O   1 
ATOM   293  C  CB  . VAL A 1 52  ? 2.571   5.120   -15.188 1.00 27.49 ? 97   VAL A CB  1 
ATOM   294  C  CG1 . VAL A 1 52  ? 1.137   4.773   -14.854 1.00 28.05 ? 97   VAL A CG1 1 
ATOM   295  C  CG2 . VAL A 1 52  ? 3.445   3.860   -15.179 1.00 27.81 ? 97   VAL A CG2 1 
ATOM   296  N  N   . PRO A 1 53  ? 0.619   6.439   -17.715 1.00 24.96 ? 98   PRO A N   1 
ATOM   297  C  CA  . PRO A 1 53  ? -0.484  7.333   -18.084 1.00 24.09 ? 98   PRO A CA  1 
ATOM   298  C  C   . PRO A 1 53  ? -1.428  7.727   -16.969 1.00 23.15 ? 98   PRO A C   1 
ATOM   299  O  O   . PRO A 1 53  ? -1.679  6.946   -16.059 1.00 22.42 ? 98   PRO A O   1 
ATOM   300  C  CB  . PRO A 1 53  ? -1.274  6.518   -19.121 1.00 24.29 ? 98   PRO A CB  1 
ATOM   301  C  CG  . PRO A 1 53  ? -0.377  5.442   -19.572 1.00 24.74 ? 98   PRO A CG  1 
ATOM   302  C  CD  . PRO A 1 53  ? 0.557   5.158   -18.439 1.00 25.01 ? 98   PRO A CD  1 
ATOM   303  N  N   . ASP A 1 54  ? -1.954  8.946   -17.055 1.00 22.45 ? 99   ASP A N   1 
ATOM   304  C  CA  . ASP A 1 54  ? -2.964  9.379   -16.108 1.00 22.21 ? 99   ASP A CA  1 
ATOM   305  C  C   . ASP A 1 54  ? -4.124  8.398   -16.190 1.00 22.06 ? 99   ASP A C   1 
ATOM   306  O  O   . ASP A 1 54  ? -4.436  7.877   -17.265 1.00 21.81 ? 99   ASP A O   1 
ATOM   307  C  CB  . ASP A 1 54  ? -3.500  10.770  -16.446 1.00 22.17 ? 99   ASP A CB  1 
ATOM   308  C  CG  . ASP A 1 54  ? -2.501  11.878  -16.182 1.00 22.30 ? 99   ASP A CG  1 
ATOM   309  O  OD1 . ASP A 1 54  ? -1.463  11.640  -15.531 1.00 21.46 ? 99   ASP A OD1 1 
ATOM   310  O  OD2 . ASP A 1 54  ? -2.688  13.037  -16.602 1.00 22.79 ? 99   ASP A OD2 1 
ATOM   311  N  N   . GLY A 1 55  ? -4.763  8.161   -15.053 1.00 21.94 ? 100  GLY A N   1 
ATOM   312  C  CA  . GLY A 1 55  ? -5.888  7.247   -14.975 1.00 21.96 ? 100  GLY A CA  1 
ATOM   313  C  C   . GLY A 1 55  ? -5.507  5.791   -14.757 1.00 21.84 ? 100  GLY A C   1 
ATOM   314  O  O   . GLY A 1 55  ? -6.385  4.954   -14.530 1.00 21.95 ? 100  GLY A O   1 
ATOM   315  N  N   . THR A 1 56  ? -4.215  5.480   -14.830 1.00 21.61 ? 101  THR A N   1 
ATOM   316  C  CA  . THR A 1 56  ? -3.749  4.121   -14.571 1.00 21.25 ? 101  THR A CA  1 
ATOM   317  C  C   . THR A 1 56  ? -4.147  3.751   -13.146 1.00 21.37 ? 101  THR A C   1 
ATOM   318  O  O   . THR A 1 56  ? -3.801  4.454   -12.189 1.00 21.13 ? 101  THR A O   1 
ATOM   319  C  CB  . THR A 1 56  ? -2.229  4.024   -14.732 1.00 21.35 ? 101  THR A CB  1 
ATOM   320  O  OG1 . THR A 1 56  ? -1.863  4.267   -16.096 1.00 21.05 ? 101  THR A OG1 1 
ATOM   321  C  CG2 . THR A 1 56  ? -1.742  2.610   -14.443 1.00 20.93 ? 101  THR A CG2 1 
ATOM   322  N  N   . LEU A 1 57  ? -4.872  2.647   -13.000 1.00 21.16 ? 102  LEU A N   1 
ATOM   323  C  CA  . LEU A 1 57  ? -5.319  2.205   -11.684 1.00 21.29 ? 102  LEU A CA  1 
ATOM   324  C  C   . LEU A 1 57  ? -4.182  1.560   -10.899 1.00 21.29 ? 102  LEU A C   1 
ATOM   325  O  O   . LEU A 1 57  ? -3.276  0.956   -11.472 1.00 21.23 ? 102  LEU A O   1 
ATOM   326  C  CB  . LEU A 1 57  ? -6.470  1.210   -11.827 1.00 21.28 ? 102  LEU A CB  1 
ATOM   327  C  CG  . LEU A 1 57  ? -7.708  1.810   -12.490 1.00 22.07 ? 102  LEU A CG  1 
ATOM   328  C  CD1 . LEU A 1 57  ? -8.785  0.752   -12.671 1.00 22.25 ? 102  LEU A CD1 1 
ATOM   329  C  CD2 . LEU A 1 57  ? -8.258  2.984   -11.699 1.00 22.61 ? 102  LEU A CD2 1 
ATOM   330  N  N   . VAL A 1 58  ? -4.246  1.691   -9.581  1.00 21.31 ? 103  VAL A N   1 
ATOM   331  C  CA  . VAL A 1 58  ? -3.246  1.129   -8.685  1.00 21.40 ? 103  VAL A CA  1 
ATOM   332  C  C   . VAL A 1 58  ? -4.008  0.549   -7.504  1.00 21.84 ? 103  VAL A C   1 
ATOM   333  O  O   . VAL A 1 58  ? -4.900  1.196   -6.967  1.00 22.17 ? 103  VAL A O   1 
ATOM   334  C  CB  . VAL A 1 58  ? -2.249  2.204   -8.162  1.00 21.57 ? 103  VAL A CB  1 
ATOM   335  C  CG1 . VAL A 1 58  ? -1.153  1.556   -7.330  1.00 21.14 ? 103  VAL A CG1 1 
ATOM   336  C  CG2 . VAL A 1 58  ? -1.634  2.997   -9.317  1.00 21.04 ? 103  VAL A CG2 1 
ATOM   337  N  N   . THR A 1 59  ? -3.671  -0.671  -7.101  1.00 22.30 ? 104  THR A N   1 
ATOM   338  C  CA  . THR A 1 59  ? -4.301  -1.261  -5.925  1.00 22.73 ? 104  THR A CA  1 
ATOM   339  C  C   . THR A 1 59  ? -3.231  -1.702  -4.959  1.00 23.25 ? 104  THR A C   1 
ATOM   340  O  O   . THR A 1 59  ? -2.079  -1.911  -5.335  1.00 23.65 ? 104  THR A O   1 
ATOM   341  C  CB  . THR A 1 59  ? -5.162  -2.495  -6.255  1.00 23.08 ? 104  THR A CB  1 
ATOM   342  O  OG1 . THR A 1 59  ? -4.342  -3.537  -6.801  1.00 24.27 ? 104  THR A OG1 1 
ATOM   343  C  CG2 . THR A 1 59  ? -6.211  -2.184  -7.307  1.00 22.82 ? 104  THR A CG2 1 
ATOM   344  N  N   . VAL A 1 60  ? -3.627  -1.827  -3.704  1.00 23.21 ? 105  VAL A N   1 
ATOM   345  C  CA  . VAL A 1 60  ? -2.789  -2.448  -2.706  1.00 23.36 ? 105  VAL A CA  1 
ATOM   346  C  C   . VAL A 1 60  ? -3.523  -3.659  -2.134  1.00 23.21 ? 105  VAL A C   1 
ATOM   347  O  O   . VAL A 1 60  ? -4.756  -3.660  -2.010  1.00 23.41 ? 105  VAL A O   1 
ATOM   348  C  CB  A VAL A 1 60  ? -2.288  -1.461  -1.653  0.50 23.36 ? 105  VAL A CB  1 
ATOM   349  C  CB  B VAL A 1 60  ? -2.557  -1.441  -1.532  0.50 23.41 ? 105  VAL A CB  1 
ATOM   350  C  CG1 A VAL A 1 60  ? -1.396  -0.430  -2.332  0.50 23.68 ? 105  VAL A CG1 1 
ATOM   351  C  CG1 B VAL A 1 60  ? -1.858  -2.090  -0.320  0.50 23.82 ? 105  VAL A CG1 1 
ATOM   352  C  CG2 A VAL A 1 60  ? -3.427  -0.804  -0.939  0.50 23.38 ? 105  VAL A CG2 1 
ATOM   353  C  CG2 B VAL A 1 60  ? -1.828  -0.190  -2.021  0.50 23.75 ? 105  VAL A CG2 1 
ATOM   354  N  N   . MET A 1 61  ? -2.754  -4.693  -1.814  1.00 23.29 ? 106  MET A N   1 
ATOM   355  C  CA  . MET A 1 61  ? -3.253  -5.858  -1.108  1.00 23.77 ? 106  MET A CA  1 
ATOM   356  C  C   . MET A 1 61  ? -2.308  -6.186  0.037   1.00 23.39 ? 106  MET A C   1 
ATOM   357  O  O   . MET A 1 61  ? -1.093  -6.024  -0.076  1.00 22.81 ? 106  MET A O   1 
ATOM   358  C  CB  . MET A 1 61  ? -3.332  -7.054  -2.040  1.00 24.63 ? 106  MET A CB  1 
ATOM   359  C  CG  . MET A 1 61  ? -4.239  -6.849  -3.209  1.00 27.44 ? 106  MET A CG  1 
ATOM   360  S  SD  . MET A 1 61  ? -4.069  -8.218  -4.395  1.00 33.30 ? 106  MET A SD  1 
ATOM   361  C  CE  . MET A 1 61  ? -3.830  -9.628  -3.272  1.00 32.25 ? 106  MET A CE  1 
ATOM   362  N  N   . ALA A 1 62  ? -2.870  -6.652  1.142   1.00 22.71 ? 107  ALA A N   1 
ATOM   363  C  CA  . ALA A 1 62  ? -2.076  -7.006  2.302   1.00 23.00 ? 107  ALA A CA  1 
ATOM   364  C  C   . ALA A 1 62  ? -2.252  -8.469  2.609   1.00 23.14 ? 107  ALA A C   1 
ATOM   365  O  O   . ALA A 1 62  ? -3.368  -8.987  2.535   1.00 22.88 ? 107  ALA A O   1 
ATOM   366  C  CB  . ALA A 1 62  ? -2.533  -6.192  3.509   1.00 22.98 ? 107  ALA A CB  1 
ATOM   367  N  N   . GLY A 1 63  ? -1.168  -9.144  2.967   1.00 23.45 ? 108  GLY A N   1 
ATOM   368  C  CA  . GLY A 1 63  ? -1.279  -10.539 3.325   1.00 24.14 ? 108  GLY A CA  1 
ATOM   369  C  C   . GLY A 1 63  ? -0.073  -11.139 4.009   1.00 24.71 ? 108  GLY A C   1 
ATOM   370  O  O   . GLY A 1 63  ? 0.973   -10.507 4.151   1.00 24.46 ? 108  GLY A O   1 
ATOM   371  N  N   . ASN A 1 64  ? -0.243  -12.385 4.433   1.00 25.60 ? 109  ASN A N   1 
ATOM   372  C  CA  . ASN A 1 64  ? 0.824   -13.146 5.064   1.00 26.61 ? 109  ASN A CA  1 
ATOM   373  C  C   . ASN A 1 64  ? 0.525   -14.635 4.865   1.00 27.58 ? 109  ASN A C   1 
ATOM   374  O  O   . ASN A 1 64  ? -0.388  -14.979 4.111   1.00 27.49 ? 109  ASN A O   1 
ATOM   375  C  CB  . ASN A 1 64  ? 1.043   -12.737 6.526   1.00 26.68 ? 109  ASN A CB  1 
ATOM   376  C  CG  . ASN A 1 64  ? -0.118  -13.082 7.427   1.00 26.83 ? 109  ASN A CG  1 
ATOM   377  O  OD1 . ASN A 1 64  ? -0.966  -13.907 7.092   1.00 28.04 ? 109  ASN A OD1 1 
ATOM   378  N  ND2 . ASN A 1 64  ? -0.160  -12.444 8.592   1.00 26.60 ? 109  ASN A ND2 1 
ATOM   379  N  N   . ASP A 1 65  ? 1.281   -15.513 5.518   1.00 28.82 ? 110  ASP A N   1 
ATOM   380  C  CA  . ASP A 1 65  ? 1.114   -16.959 5.328   1.00 29.94 ? 110  ASP A CA  1 
ATOM   381  C  C   . ASP A 1 65  ? -0.241  -17.488 5.807   1.00 30.40 ? 110  ASP A C   1 
ATOM   382  O  O   . ASP A 1 65  ? -0.796  -18.427 5.230   1.00 30.84 ? 110  ASP A O   1 
ATOM   383  C  CB  . ASP A 1 65  ? 2.215   -17.720 6.068   1.00 30.30 ? 110  ASP A CB  1 
ATOM   384  C  CG  . ASP A 1 65  ? 3.608   -17.369 5.583   1.00 31.90 ? 110  ASP A CG  1 
ATOM   385  O  OD1 . ASP A 1 65  ? 3.745   -16.827 4.463   1.00 34.86 ? 110  ASP A OD1 1 
ATOM   386  O  OD2 . ASP A 1 65  ? 4.632   -17.603 6.263   1.00 34.41 ? 110  ASP A OD2 1 
ATOM   387  N  N   . GLU A 1 66  ? -0.738  -16.896 6.886   1.00 30.81 ? 111  GLU A N   1 
ATOM   388  C  CA  . GLU A 1 66  ? -2.088  -17.119 7.404   1.00 31.21 ? 111  GLU A CA  1 
ATOM   389  C  C   . GLU A 1 66  ? -3.270  -16.375 6.738   1.00 31.15 ? 111  GLU A C   1 
ATOM   390  O  O   . GLU A 1 66  ? -4.423  -16.671 7.056   1.00 31.39 ? 111  GLU A O   1 
ATOM   391  C  CB  . GLU A 1 66  ? -2.066  -16.682 8.871   1.00 31.40 ? 111  GLU A CB  1 
ATOM   392  C  CG  . GLU A 1 66  ? -3.346  -16.926 9.646   1.00 32.72 ? 111  GLU A CG  1 
ATOM   393  C  CD  . GLU A 1 66  ? -3.270  -16.402 11.069  1.00 34.38 ? 111  GLU A CD  1 
ATOM   394  O  OE1 . GLU A 1 66  ? -2.228  -15.805 11.433  1.00 35.27 ? 111  GLU A OE1 1 
ATOM   395  O  OE2 . GLU A 1 66  ? -4.252  -16.590 11.823  1.00 35.77 ? 111  GLU A OE2 1 
ATOM   396  N  N   . ASN A 1 67  ? -3.018  -15.423 5.840   1.00 30.96 ? 112  ASN A N   1 
ATOM   397  C  CA  . ASN A 1 67  ? -4.101  -14.610 5.275   1.00 30.81 ? 112  ASN A CA  1 
ATOM   398  C  C   . ASN A 1 67  ? -3.681  -14.024 3.932   1.00 30.60 ? 112  ASN A C   1 
ATOM   399  O  O   . ASN A 1 67  ? -3.010  -13.001 3.890   1.00 30.63 ? 112  ASN A O   1 
ATOM   400  C  CB  . ASN A 1 67  ? -4.411  -13.483 6.266   1.00 31.02 ? 112  ASN A CB  1 
ATOM   401  C  CG  . ASN A 1 67  ? -5.744  -12.813 6.011   1.00 31.35 ? 112  ASN A CG  1 
ATOM   402  O  OD1 . ASN A 1 67  ? -6.326  -12.931 4.933   1.00 32.52 ? 112  ASN A OD1 1 
ATOM   403  N  ND2 . ASN A 1 67  ? -6.234  -12.097 7.013   1.00 32.21 ? 112  ASN A ND2 1 
ATOM   404  N  N   . TYR A 1 68  ? -4.060  -14.673 2.836   1.00 30.28 ? 113  TYR A N   1 
ATOM   405  C  CA  . TYR A 1 68  ? -3.709  -14.194 1.493   1.00 30.12 ? 113  TYR A CA  1 
ATOM   406  C  C   . TYR A 1 68  ? -4.108  -12.758 1.085   1.00 29.19 ? 113  TYR A C   1 
ATOM   407  O  O   . TYR A 1 68  ? -3.386  -12.127 0.315   1.00 29.24 ? 113  TYR A O   1 
ATOM   408  C  CB  . TYR A 1 68  ? -4.191  -15.188 0.437   1.00 30.50 ? 113  TYR A CB  1 
ATOM   409  C  CG  . TYR A 1 68  ? -3.673  -14.874 -0.945  1.00 33.13 ? 113  TYR A CG  1 
ATOM   410  C  CD1 . TYR A 1 68  ? -2.457  -15.389 -1.389  1.00 35.24 ? 113  TYR A CD1 1 
ATOM   411  C  CD2 . TYR A 1 68  ? -4.394  -14.061 -1.807  1.00 35.39 ? 113  TYR A CD2 1 
ATOM   412  C  CE1 . TYR A 1 68  ? -1.980  -15.100 -2.655  1.00 36.69 ? 113  TYR A CE1 1 
ATOM   413  C  CE2 . TYR A 1 68  ? -3.925  -13.768 -3.073  1.00 36.78 ? 113  TYR A CE2 1 
ATOM   414  C  CZ  . TYR A 1 68  ? -2.720  -14.289 -3.491  1.00 37.42 ? 113  TYR A CZ  1 
ATOM   415  O  OH  . TYR A 1 68  ? -2.256  -13.995 -4.755  1.00 39.95 ? 113  TYR A OH  1 
ATOM   416  N  N   . SER A 1 69  ? -5.225  -12.234 1.577   1.00 28.07 ? 114  SER A N   1 
ATOM   417  C  CA  . SER A 1 69  ? -5.615  -10.858 1.250   1.00 27.30 ? 114  SER A CA  1 
ATOM   418  C  C   . SER A 1 69  ? -6.501  -10.386 2.386   1.00 26.54 ? 114  SER A C   1 
ATOM   419  O  O   . SER A 1 69  ? -7.705  -10.671 2.418   1.00 26.54 ? 114  SER A O   1 
ATOM   420  C  CB  . SER A 1 69  ? -6.326  -10.762 -0.104  1.00 27.42 ? 114  SER A CB  1 
ATOM   421  O  OG  . SER A 1 69  ? -6.436  -9.408  -0.526  1.00 27.67 ? 114  SER A OG  1 
ATOM   422  N  N   . ALA A 1 70  ? -5.881  -9.675  3.324   1.00 25.22 ? 115  ALA A N   1 
ATOM   423  C  CA  . ALA A 1 70  ? -6.557  -9.174  4.508   1.00 24.25 ? 115  ALA A CA  1 
ATOM   424  C  C   . ALA A 1 70  ? -7.448  -8.008  4.102   1.00 23.65 ? 115  ALA A C   1 
ATOM   425  O  O   . ALA A 1 70  ? -7.202  -7.335  3.099   1.00 23.45 ? 115  ALA A O   1 
ATOM   426  C  CB  . ALA A 1 70  ? -5.544  -8.754  5.562   1.00 24.52 ? 115  ALA A CB  1 
ATOM   427  N  N   . GLU A 1 71  ? -8.494  -7.757  4.876   1.00 22.63 ? 116  GLU A N   1 
ATOM   428  C  CA  . GLU A 1 71  ? -9.456  -6.759  4.459   1.00 22.26 ? 116  GLU A CA  1 
ATOM   429  C  C   . GLU A 1 71  ? -8.900  -5.354  4.545   1.00 22.00 ? 116  GLU A C   1 
ATOM   430  O  O   . GLU A 1 71  ? -8.315  -4.970  5.551   1.00 22.23 ? 116  GLU A O   1 
ATOM   431  C  CB  . GLU A 1 71  ? -10.728 -6.823  5.322   1.00 22.00 ? 116  GLU A CB  1 
ATOM   432  C  CG  . GLU A 1 71  ? -11.833 -5.875  4.864   1.00 22.51 ? 116  GLU A CG  1 
ATOM   433  C  CD  . GLU A 1 71  ? -13.109 -5.995  5.689   1.00 23.10 ? 116  GLU A CD  1 
ATOM   434  O  OE1 . GLU A 1 71  ? -13.122 -6.778  6.661   1.00 23.65 ? 116  GLU A OE1 1 
ATOM   435  O  OE2 . GLU A 1 71  ? -14.109 -5.310  5.368   1.00 23.03 ? 116  GLU A OE2 1 
ATOM   436  N  N   . LEU A 1 72  ? -9.102  -4.590  3.481   1.00 22.11 ? 117  LEU A N   1 
ATOM   437  C  CA  . LEU A 1 72  ? -8.728  -3.192  3.457   1.00 22.23 ? 117  LEU A CA  1 
ATOM   438  C  C   . LEU A 1 72  ? -9.908  -2.345  3.039   1.00 22.63 ? 117  LEU A C   1 
ATOM   439  O  O   . LEU A 1 72  ? -10.924 -2.851  2.557   1.00 22.84 ? 117  LEU A O   1 
ATOM   440  C  CB  . LEU A 1 72  ? -7.634  -2.951  2.421   1.00 22.36 ? 117  LEU A CB  1 
ATOM   441  C  CG  . LEU A 1 72  ? -6.358  -3.773  2.548   1.00 21.67 ? 117  LEU A CG  1 
ATOM   442  C  CD1 . LEU A 1 72  ? -5.485  -3.523  1.315   1.00 22.96 ? 117  LEU A CD1 1 
ATOM   443  C  CD2 . LEU A 1 72  ? -5.634  -3.438  3.834   1.00 22.43 ? 117  LEU A CD2 1 
ATOM   444  N  N   . ARG A 1 73  ? -9.757  -1.044  3.221   1.00 22.90 ? 118  ARG A N   1 
ATOM   445  C  CA  . ARG A 1 73  ? -10.719 -0.098  2.713   1.00 23.50 ? 118  ARG A CA  1 
ATOM   446  C  C   . ARG A 1 73  ? -10.067 0.940   1.818   1.00 23.35 ? 118  ARG A C   1 
ATOM   447  O  O   . ARG A 1 73  ? -8.984  1.429   2.128   1.00 22.99 ? 118  ARG A O   1 
ATOM   448  C  CB  . ARG A 1 73  ? -11.359 0.627   3.883   1.00 24.03 ? 118  ARG A CB  1 
ATOM   449  C  CG  . ARG A 1 73  ? -12.772 0.891   3.687   1.00 25.87 ? 118  ARG A CG  1 
ATOM   450  C  CD  . ARG A 1 73  ? -13.664 -0.329  3.756   1.00 26.67 ? 118  ARG A CD  1 
ATOM   451  N  NE  . ARG A 1 73  ? -14.973 0.146   3.373   1.00 27.72 ? 118  ARG A NE  1 
ATOM   452  C  CZ  . ARG A 1 73  ? -15.947 -0.578  2.853   1.00 27.73 ? 118  ARG A CZ  1 
ATOM   453  N  NH1 . ARG A 1 73  ? -15.807 -1.879  2.631   1.00 28.14 ? 118  ARG A NH1 1 
ATOM   454  N  NH2 . ARG A 1 73  ? -17.086 0.026   2.558   1.00 29.56 ? 118  ARG A NH2 1 
ATOM   455  N  N   . ASN A 1 74  ? -10.734 1.273   0.713   1.00 23.21 ? 119  ASN A N   1 
ATOM   456  C  CA  . ASN A 1 74  ? -10.250 2.304   -0.203  1.00 23.21 ? 119  ASN A CA  1 
ATOM   457  C  C   . ASN A 1 74  ? -8.862  1.969   -0.739  1.00 23.28 ? 119  ASN A C   1 
ATOM   458  O  O   . ASN A 1 74  ? -7.950  2.794   -0.704  1.00 23.36 ? 119  ASN A O   1 
ATOM   459  C  CB  . ASN A 1 74  ? -10.285 3.683   0.468   1.00 23.44 ? 119  ASN A CB  1 
ATOM   460  C  CG  . ASN A 1 74  ? -11.640 3.984   1.080   1.00 23.53 ? 119  ASN A CG  1 
ATOM   461  O  OD1 . ASN A 1 74  ? -12.676 3.806   0.430   1.00 23.95 ? 119  ASN A OD1 1 
ATOM   462  N  ND2 . ASN A 1 74  ? -11.649 4.434   2.333   1.00 23.24 ? 119  ASN A ND2 1 
ATOM   463  N  N   . ALA A 1 75  ? -8.725  0.744   -1.242  1.00 22.92 ? 120  ALA A N   1 
ATOM   464  C  CA  . ALA A 1 75  ? -7.437  0.230   -1.694  1.00 22.98 ? 120  ALA A CA  1 
ATOM   465  C  C   . ALA A 1 75  ? -7.186  0.349   -3.193  1.00 22.92 ? 120  ALA A C   1 
ATOM   466  O  O   . ALA A 1 75  ? -6.351  -0.373  -3.727  1.00 23.17 ? 120  ALA A O   1 
ATOM   467  C  CB  . ALA A 1 75  ? -7.255  -1.210  -1.235  1.00 23.10 ? 120  ALA A CB  1 
ATOM   468  N  N   . THR A 1 76  ? -7.899  1.254   -3.859  1.00 22.59 ? 121  THR A N   1 
ATOM   469  C  CA  . THR A 1 76  ? -7.650  1.565   -5.263  1.00 22.65 ? 121  THR A CA  1 
ATOM   470  C  C   . THR A 1 76  ? -7.481  3.068   -5.442  1.00 22.57 ? 121  THR A C   1 
ATOM   471  O  O   . THR A 1 76  ? -8.229  3.849   -4.865  1.00 22.94 ? 121  THR A O   1 
ATOM   472  C  CB  . THR A 1 76  ? -8.815  1.118   -6.146  1.00 22.81 ? 121  THR A CB  1 
ATOM   473  O  OG1 . THR A 1 76  ? -9.068  -0.279  -5.944  1.00 23.26 ? 121  THR A OG1 1 
ATOM   474  C  CG2 . THR A 1 76  ? -8.443  1.256   -7.636  1.00 22.79 ? 121  THR A CG2 1 
ATOM   475  N  N   . ALA A 1 77  ? -6.496  3.457   -6.244  1.00 22.44 ? 122  ALA A N   1 
ATOM   476  C  CA  . ALA A 1 77  ? -6.253  4.854   -6.570  1.00 22.46 ? 122  ALA A CA  1 
ATOM   477  C  C   . ALA A 1 77  ? -5.948  4.942   -8.054  1.00 22.50 ? 122  ALA A C   1 
ATOM   478  O  O   . ALA A 1 77  ? -5.833  3.914   -8.726  1.00 23.18 ? 122  ALA A O   1 
ATOM   479  C  CB  . ALA A 1 77  ? -5.092  5.394   -5.751  1.00 22.50 ? 122  ALA A CB  1 
ATOM   480  N  N   . ALA A 1 78  ? -5.827  6.159   -8.574  1.00 22.24 ? 123  ALA A N   1 
ATOM   481  C  CA  . ALA A 1 78  ? -5.502  6.348   -9.982  1.00 22.20 ? 123  ALA A CA  1 
ATOM   482  C  C   . ALA A 1 78  ? -4.336  7.304   -10.121 1.00 22.07 ? 123  ALA A C   1 
ATOM   483  O  O   . ALA A 1 78  ? -4.214  8.261   -9.356  1.00 22.29 ? 123  ALA A O   1 
ATOM   484  C  CB  . ALA A 1 78  ? -6.705  6.878   -10.746 1.00 22.40 ? 123  ALA A CB  1 
ATOM   485  N  N   . MET A 1 79  ? -3.479  7.041   -11.099 1.00 21.78 ? 124  MET A N   1 
ATOM   486  C  CA  . MET A 1 79  ? -2.346  7.913   -11.377 1.00 21.50 ? 124  MET A CA  1 
ATOM   487  C  C   . MET A 1 79  ? -2.773  9.249   -11.958 1.00 21.70 ? 124  MET A C   1 
ATOM   488  O  O   . MET A 1 79  ? -3.645  9.318   -12.819 1.00 21.30 ? 124  MET A O   1 
ATOM   489  C  CB  . MET A 1 79  ? -1.397  7.247   -12.368 1.00 21.40 ? 124  MET A CB  1 
ATOM   490  C  CG  . MET A 1 79  ? -0.599  6.118   -11.783 1.00 21.08 ? 124  MET A CG  1 
ATOM   491  S  SD  . MET A 1 79  ? 0.808   6.820   -10.898 1.00 20.42 ? 124  MET A SD  1 
ATOM   492  C  CE  . MET A 1 79  ? 1.487   5.350   -10.146 1.00 22.33 ? 124  MET A CE  1 
ATOM   493  N  N   . LYS A 1 80  ? -2.156  10.314  -11.468 1.00 21.97 ? 125  LYS A N   1 
ATOM   494  C  CA  . LYS A 1 80  ? -2.305  11.625  -12.072 1.00 22.60 ? 125  LYS A CA  1 
ATOM   495  C  C   . LYS A 1 80  ? -0.913  12.254  -11.960 1.00 22.71 ? 125  LYS A C   1 
ATOM   496  O  O   . LYS A 1 80  ? -0.403  12.423  -10.854 1.00 22.46 ? 125  LYS A O   1 
ATOM   497  C  CB  . LYS A 1 80  ? -3.408  12.426  -11.375 1.00 22.84 ? 125  LYS A CB  1 
ATOM   498  C  CG  . LYS A 1 80  ? -3.569  13.863  -11.860 1.00 24.20 ? 125  LYS A CG  1 
ATOM   499  C  CD  . LYS A 1 80  ? -4.014  13.942  -13.313 1.00 26.15 ? 125  LYS A CD  1 
ATOM   500  C  CE  . LYS A 1 80  ? -4.140  15.393  -13.766 1.00 27.05 ? 125  LYS A CE  1 
ATOM   501  N  NZ  . LYS A 1 80  ? -4.512  15.516  -15.203 1.00 28.24 ? 125  LYS A NZ  1 
ATOM   502  N  N   . ASN A 1 81  ? -0.297  12.575  -13.100 1.00 22.97 ? 126  ASN A N   1 
ATOM   503  C  CA  . ASN A 1 81  ? 1.055   13.144  -13.123 1.00 23.44 ? 126  ASN A CA  1 
ATOM   504  C  C   . ASN A 1 81  ? 2.042   12.266  -12.350 1.00 23.34 ? 126  ASN A C   1 
ATOM   505  O  O   . ASN A 1 81  ? 2.837   12.759  -11.549 1.00 23.21 ? 126  ASN A O   1 
ATOM   506  C  CB  . ASN A 1 81  ? 1.055   14.564  -12.547 1.00 23.70 ? 126  ASN A CB  1 
ATOM   507  C  CG  . ASN A 1 81  ? 0.268   15.540  -13.399 1.00 25.02 ? 126  ASN A CG  1 
ATOM   508  O  OD1 . ASN A 1 81  ? 0.068   15.326  -14.595 1.00 27.24 ? 126  ASN A OD1 1 
ATOM   509  N  ND2 . ASN A 1 81  ? -0.181  16.627  -12.782 1.00 27.61 ? 126  ASN A ND2 1 
ATOM   510  N  N   . GLN A 1 82  ? 1.970   10.958  -12.601 1.00 23.21 ? 127  GLN A N   1 
ATOM   511  C  CA  . GLN A 1 82  ? 2.873   9.961   -12.010 1.00 23.47 ? 127  GLN A CA  1 
ATOM   512  C  C   . GLN A 1 82  ? 2.703   9.675   -10.533 1.00 22.82 ? 127  GLN A C   1 
ATOM   513  O  O   . GLN A 1 82  ? 3.511   8.950   -9.954  1.00 22.69 ? 127  GLN A O   1 
ATOM   514  C  CB  . GLN A 1 82  ? 4.327   10.325  -12.268 1.00 23.83 ? 127  GLN A CB  1 
ATOM   515  C  CG  . GLN A 1 82  ? 4.551   10.862  -13.635 1.00 25.87 ? 127  GLN A CG  1 
ATOM   516  C  CD  . GLN A 1 82  ? 4.265   9.844   -14.711 1.00 28.20 ? 127  GLN A CD  1 
ATOM   517  O  OE1 . GLN A 1 82  ? 3.586   10.147  -15.694 1.00 30.52 ? 127  GLN A OE1 1 
ATOM   518  N  NE2 . GLN A 1 82  ? 4.782   8.634   -14.535 1.00 30.48 ? 127  GLN A NE2 1 
ATOM   519  N  N   . VAL A 1 83  ? 1.667   10.233  -9.920  1.00 22.36 ? 128  VAL A N   1 
ATOM   520  C  CA  . VAL A 1 83  ? 1.368   9.928   -8.531  1.00 22.08 ? 128  VAL A CA  1 
ATOM   521  C  C   . VAL A 1 83  ? -0.039  9.380   -8.355  1.00 21.98 ? 128  VAL A C   1 
ATOM   522  O  O   . VAL A 1 83  ? -1.009  9.957   -8.852  1.00 21.72 ? 128  VAL A O   1 
ATOM   523  C  CB  . VAL A 1 83  ? 1.484   11.170  -7.665  1.00 22.05 ? 128  VAL A CB  1 
ATOM   524  C  CG1 . VAL A 1 83  ? 1.332   10.800  -6.208  1.00 22.65 ? 128  VAL A CG1 1 
ATOM   525  C  CG2 . VAL A 1 83  ? 2.809   11.841  -7.920  1.00 22.46 ? 128  VAL A CG2 1 
ATOM   526  N  N   . ALA A 1 84  ? -0.140  8.258   -7.647  1.00 21.87 ? 129  ALA A N   1 
ATOM   527  C  CA  . ALA A 1 84  ? -1.428  7.698   -7.273  1.00 22.00 ? 129  ALA A CA  1 
ATOM   528  C  C   . ALA A 1 84  ? -1.613  7.915   -5.769  1.00 22.36 ? 129  ALA A C   1 
ATOM   529  O  O   . ALA A 1 84  ? -0.950  7.257   -4.957  1.00 22.43 ? 129  ALA A O   1 
ATOM   530  C  CB  . ALA A 1 84  ? -1.479  6.220   -7.610  1.00 21.98 ? 129  ALA A CB  1 
ATOM   531  N  N   . ARG A 1 85  ? -2.512  8.825   -5.399  1.00 22.60 ? 130  ARG A N   1 
ATOM   532  C  CA  . ARG A 1 85  ? -2.766  9.130   -3.998  1.00 23.22 ? 130  ARG A CA  1 
ATOM   533  C  C   . ARG A 1 85  ? -4.028  8.423   -3.525  1.00 23.16 ? 130  ARG A C   1 
ATOM   534  O  O   . ARG A 1 85  ? -5.111  8.626   -4.076  1.00 22.90 ? 130  ARG A O   1 
ATOM   535  C  CB  . ARG A 1 85  ? -2.906  10.638  -3.791  1.00 23.62 ? 130  ARG A CB  1 
ATOM   536  C  CG  . ARG A 1 85  ? -2.961  11.058  -2.332  1.00 25.76 ? 130  ARG A CG  1 
ATOM   537  C  CD  . ARG A 1 85  ? -3.142  12.560  -2.141  1.00 27.94 ? 130  ARG A CD  1 
ATOM   538  N  NE  . ARG A 1 85  ? -3.388  12.905  -0.743  1.00 30.77 ? 130  ARG A NE  1 
ATOM   539  C  CZ  . ARG A 1 85  ? -4.541  12.704  -0.115  1.00 32.13 ? 130  ARG A CZ  1 
ATOM   540  N  NH1 . ARG A 1 85  ? -5.565  12.157  -0.755  1.00 32.96 ? 130  ARG A NH1 1 
ATOM   541  N  NH2 . ARG A 1 85  ? -4.674  13.050  1.160   1.00 32.86 ? 130  ARG A NH2 1 
ATOM   542  N  N   . PHE A 1 86  ? -3.872  7.589   -2.504  1.00 23.32 ? 131  PHE A N   1 
ATOM   543  C  CA  . PHE A 1 86  ? -4.994  6.887   -1.901  1.00 23.93 ? 131  PHE A CA  1 
ATOM   544  C  C   . PHE A 1 86  ? -5.638  7.835   -0.911  1.00 24.51 ? 131  PHE A C   1 
ATOM   545  O  O   . PHE A 1 86  ? -4.991  8.309   0.021   1.00 24.37 ? 131  PHE A O   1 
ATOM   546  C  CB  . PHE A 1 86  ? -4.512  5.621   -1.208  1.00 23.67 ? 131  PHE A CB  1 
ATOM   547  C  CG  . PHE A 1 86  ? -4.037  4.560   -2.162  1.00 23.37 ? 131  PHE A CG  1 
ATOM   548  C  CD1 . PHE A 1 86  ? -2.819  4.690   -2.821  1.00 22.92 ? 131  PHE A CD1 1 
ATOM   549  C  CD2 . PHE A 1 86  ? -4.806  3.436   -2.405  1.00 23.45 ? 131  PHE A CD2 1 
ATOM   550  C  CE1 . PHE A 1 86  ? -2.382  3.722   -3.693  1.00 23.57 ? 131  PHE A CE1 1 
ATOM   551  C  CE2 . PHE A 1 86  ? -4.373  2.460   -3.280  1.00 24.24 ? 131  PHE A CE2 1 
ATOM   552  C  CZ  . PHE A 1 86  ? -3.160  2.602   -3.928  1.00 23.49 ? 131  PHE A CZ  1 
ATOM   553  N  N   . ASN A 1 87  ? -6.917  8.113   -1.116  1.00 25.67 ? 132  ASN A N   1 
ATOM   554  C  CA  . ASN A 1 87  ? -7.605  9.110   -0.310  1.00 26.42 ? 132  ASN A CA  1 
ATOM   555  C  C   . ASN A 1 87  ? -7.689  8.750   1.189   1.00 26.22 ? 132  ASN A C   1 
ATOM   556  O  O   . ASN A 1 87  ? -7.443  9.590   2.064   1.00 27.28 ? 132  ASN A O   1 
ATOM   557  C  CB  . ASN A 1 87  ? -8.989  9.375   -0.924  1.00 27.09 ? 132  ASN A CB  1 
ATOM   558  C  CG  . ASN A 1 87  ? -9.803  10.354  -0.122  1.00 29.01 ? 132  ASN A CG  1 
ATOM   559  O  OD1 . ASN A 1 87  ? -9.274  11.328  0.421   1.00 32.88 ? 132  ASN A OD1 1 
ATOM   560  N  ND2 . ASN A 1 87  ? -11.104 10.107  -0.041  1.00 32.04 ? 132  ASN A ND2 1 
ATOM   561  N  N   . ASP A 1 88  ? -8.023  7.502   1.482   1.00 25.50 ? 133  ASP A N   1 
ATOM   562  C  CA  . ASP A 1 88  ? -8.258  7.075   2.857   1.00 24.41 ? 133  ASP A CA  1 
ATOM   563  C  C   . ASP A 1 88  ? -8.061  5.572   2.912   1.00 23.67 ? 133  ASP A C   1 
ATOM   564  O  O   . ASP A 1 88  ? -8.951  4.829   3.312   1.00 23.28 ? 133  ASP A O   1 
ATOM   565  C  CB  . ASP A 1 88  ? -9.697  7.434   3.245   1.00 24.49 ? 133  ASP A CB  1 
ATOM   566  C  CG  . ASP A 1 88  ? -10.022 7.136   4.699   1.00 24.74 ? 133  ASP A CG  1 
ATOM   567  O  OD1 . ASP A 1 88  ? -9.115  7.180   5.549   1.00 24.23 ? 133  ASP A OD1 1 
ATOM   568  O  OD2 . ASP A 1 88  ? -11.180 6.852   5.080   1.00 26.72 ? 133  ASP A OD2 1 
ATOM   569  N  N   . LEU A 1 89  ? -6.891  5.118   2.490   1.00 23.01 ? 134  LEU A N   1 
ATOM   570  C  CA  . LEU A 1 89  ? -6.579  3.710   2.605   1.00 22.64 ? 134  LEU A CA  1 
ATOM   571  C  C   . LEU A 1 89  ? -6.627  3.333   4.089   1.00 22.53 ? 134  LEU A C   1 
ATOM   572  O  O   . LEU A 1 89  ? -6.009  4.010   4.916   1.00 22.20 ? 134  LEU A O   1 
ATOM   573  C  CB  . LEU A 1 89  ? -5.173  3.439   2.066   1.00 22.72 ? 134  LEU A CB  1 
ATOM   574  C  CG  . LEU A 1 89  ? -4.618  2.037   2.324   1.00 22.84 ? 134  LEU A CG  1 
ATOM   575  C  CD1 . LEU A 1 89  ? -5.411  1.006   1.542   1.00 23.03 ? 134  LEU A CD1 1 
ATOM   576  C  CD2 . LEU A 1 89  ? -3.130  1.974   1.983   1.00 23.34 ? 134  LEU A CD2 1 
ATOM   577  N  N   . ARG A 1 90  ? -7.347  2.270   4.439   1.00 22.09 ? 135  ARG A N   1 
ATOM   578  C  CA  . ARG A 1 90  ? -7.337  1.784   5.819   1.00 21.77 ? 135  ARG A CA  1 
ATOM   579  C  C   . ARG A 1 90  ? -7.110  0.273   5.875   1.00 21.63 ? 135  ARG A C   1 
ATOM   580  O  O   . ARG A 1 90  ? -7.529  -0.462  4.975   1.00 21.72 ? 135  ARG A O   1 
ATOM   581  C  CB  . ARG A 1 90  ? -8.631  2.155   6.559   1.00 21.79 ? 135  ARG A CB  1 
ATOM   582  C  CG  . ARG A 1 90  ? -8.959  3.644   6.536   1.00 21.58 ? 135  ARG A CG  1 
ATOM   583  C  CD  . ARG A 1 90  ? -9.908  4.093   7.649   1.00 22.44 ? 135  ARG A CD  1 
ATOM   584  N  NE  . ARG A 1 90  ? -11.109 3.266   7.684   1.00 22.23 ? 135  ARG A NE  1 
ATOM   585  C  CZ  . ARG A 1 90  ? -12.147 3.398   6.862   1.00 22.47 ? 135  ARG A CZ  1 
ATOM   586  N  NH1 . ARG A 1 90  ? -12.147 4.334   5.921   1.00 22.91 ? 135  ARG A NH1 1 
ATOM   587  N  NH2 . ARG A 1 90  ? -13.197 2.591   6.975   1.00 22.88 ? 135  ARG A NH2 1 
ATOM   588  N  N   . PHE A 1 91  ? -6.445  -0.162  6.945   1.00 21.51 ? 136  PHE A N   1 
ATOM   589  C  CA  . PHE A 1 91  ? -6.144  -1.569  7.213   1.00 21.64 ? 136  PHE A CA  1 
ATOM   590  C  C   . PHE A 1 91  ? -7.187  -2.077  8.197   1.00 21.45 ? 136  PHE A C   1 
ATOM   591  O  O   . PHE A 1 91  ? -7.176  -1.705  9.368   1.00 21.74 ? 136  PHE A O   1 
ATOM   592  C  CB  . PHE A 1 91  ? -4.710  -1.710  7.751   1.00 21.58 ? 136  PHE A CB  1 
ATOM   593  C  CG  . PHE A 1 91  ? -3.683  -1.374  6.713   1.00 22.32 ? 136  PHE A CG  1 
ATOM   594  C  CD1 . PHE A 1 91  ? -3.284  -0.066  6.519   1.00 23.05 ? 136  PHE A CD1 1 
ATOM   595  C  CD2 . PHE A 1 91  ? -3.145  -2.361  5.915   1.00 24.04 ? 136  PHE A CD2 1 
ATOM   596  C  CE1 . PHE A 1 91  ? -2.351  0.253   5.550   1.00 24.01 ? 136  PHE A CE1 1 
ATOM   597  C  CE2 . PHE A 1 91  ? -2.210  -2.051  4.945   1.00 23.86 ? 136  PHE A CE2 1 
ATOM   598  C  CZ  . PHE A 1 91  ? -1.813  -0.740  4.764   1.00 24.02 ? 136  PHE A CZ  1 
ATOM   599  N  N   . VAL A 1 92  ? -8.095  -2.917  7.711   1.00 21.30 ? 137  VAL A N   1 
ATOM   600  C  CA  . VAL A 1 92  ? -9.179  -3.439  8.540   1.00 21.40 ? 137  VAL A CA  1 
ATOM   601  C  C   . VAL A 1 92  ? -8.811  -4.792  9.167   1.00 21.27 ? 137  VAL A C   1 
ATOM   602  O  O   . VAL A 1 92  ? -8.886  -4.959  10.385  1.00 21.47 ? 137  VAL A O   1 
ATOM   603  C  CB  . VAL A 1 92  ? -10.491 -3.545  7.744   1.00 21.49 ? 137  VAL A CB  1 
ATOM   604  C  CG1 . VAL A 1 92  ? -11.605 -4.032  8.637   1.00 21.52 ? 137  VAL A CG1 1 
ATOM   605  C  CG2 . VAL A 1 92  ? -10.848 -2.185  7.129   1.00 21.39 ? 137  VAL A CG2 1 
ATOM   606  N  N   . GLY A 1 93  ? -8.419  -5.758  8.342   1.00 21.46 ? 138  GLY A N   1 
ATOM   607  C  CA  . GLY A 1 93  ? -7.993  -7.055  8.843   1.00 21.12 ? 138  GLY A CA  1 
ATOM   608  C  C   . GLY A 1 93  ? -6.798  -6.934  9.775   1.00 21.18 ? 138  GLY A C   1 
ATOM   609  O  O   . GLY A 1 93  ? -5.893  -6.130  9.544   1.00 21.20 ? 138  GLY A O   1 
ATOM   610  N  N   . ARG A 1 94  ? -6.791  -7.746  10.825  1.00 21.30 ? 139  ARG A N   1 
ATOM   611  C  CA  . ARG A 1 94  ? -5.752  -7.676  11.845  1.00 21.55 ? 139  ARG A CA  1 
ATOM   612  C  C   . ARG A 1 94  ? -4.736  -8.783  11.606  1.00 22.25 ? 139  ARG A C   1 
ATOM   613  O  O   . ARG A 1 94  ? -5.105  -9.908  11.274  1.00 21.56 ? 139  ARG A O   1 
ATOM   614  C  CB  . ARG A 1 94  ? -6.373  -7.800  13.227  1.00 21.50 ? 139  ARG A CB  1 
ATOM   615  C  CG  . ARG A 1 94  ? -7.253  -6.617  13.551  1.00 21.32 ? 139  ARG A CG  1 
ATOM   616  C  CD  . ARG A 1 94  ? -8.502  -6.977  14.301  1.00 20.58 ? 139  ARG A CD  1 
ATOM   617  N  NE  . ARG A 1 94  ? -8.236  -7.490  15.636  1.00 20.47 ? 139  ARG A NE  1 
ATOM   618  C  CZ  . ARG A 1 94  ? -9.193  -7.806  16.501  1.00 19.72 ? 139  ARG A CZ  1 
ATOM   619  N  NH1 . ARG A 1 94  ? -10.463 -7.658  16.152  1.00 18.98 ? 139  ARG A NH1 1 
ATOM   620  N  NH2 . ARG A 1 94  ? -8.894  -8.268  17.708  1.00 20.21 ? 139  ARG A NH2 1 
ATOM   621  N  N   . SER A 1 95  ? -3.458  -8.464  11.766  1.00 23.12 ? 140  SER A N   1 
ATOM   622  C  CA  . SER A 1 95  ? -2.424  -9.465  11.564  1.00 24.00 ? 140  SER A CA  1 
ATOM   623  C  C   . SER A 1 95  ? -2.306  -10.089 12.927  1.00 25.56 ? 140  SER A C   1 
ATOM   624  O  O   . SER A 1 95  ? -1.932  -11.246 13.081  1.00 26.12 ? 140  SER A O   1 
ATOM   625  C  CB  . SER A 1 95  ? -1.089  -8.842  11.143  1.00 23.87 ? 140  SER A CB  1 
ATOM   626  O  OG  . SER A 1 95  ? -0.676  -7.824  12.041  1.00 22.23 ? 140  SER A OG  1 
ATOM   627  N  N   . GLY A 1 96  ? -2.646  -9.273  13.916  1.00 27.18 ? 141  GLY A N   1 
ATOM   628  C  CA  . GLY A 1 96  ? -2.616  -9.652  15.303  1.00 28.39 ? 141  GLY A CA  1 
ATOM   629  C  C   . GLY A 1 96  ? -1.332  -10.313 15.774  1.00 29.47 ? 141  GLY A C   1 
ATOM   630  O  O   . GLY A 1 96  ? -0.244  -9.726  15.699  1.00 30.30 ? 141  GLY A O   1 
ATOM   631  N  N   . ARG A 1 97  ? -1.499  -11.549 16.241  1.00 30.28 ? 142  ARG A N   1 
ATOM   632  C  CA  . ARG A 1 97  ? -0.504  -12.335 16.996  1.00 30.57 ? 142  ARG A CA  1 
ATOM   633  C  C   . ARG A 1 97  ? 0.866   -12.772 16.483  1.00 30.68 ? 142  ARG A C   1 
ATOM   634  O  O   . ARG A 1 97  ? 1.002   -13.840 15.870  1.00 30.98 ? 142  ARG A O   1 
ATOM   635  C  CB  . ARG A 1 97  ? -1.179  -13.612 17.495  1.00 30.84 ? 142  ARG A CB  1 
ATOM   636  C  CG  . ARG A 1 97  ? -2.314  -13.408 18.466  1.00 31.56 ? 142  ARG A CG  1 
ATOM   637  C  CD  . ARG A 1 97  ? -2.720  -14.698 19.149  1.00 32.17 ? 142  ARG A CD  1 
ATOM   638  N  NE  . ARG A 1 97  ? -3.839  -14.527 20.066  1.00 33.01 ? 142  ARG A NE  1 
ATOM   639  C  CZ  . ARG A 1 97  ? -4.374  -15.508 20.779  1.00 33.43 ? 142  ARG A CZ  1 
ATOM   640  N  NH1 . ARG A 1 97  ? -3.894  -16.745 20.687  1.00 33.92 ? 142  ARG A NH1 1 
ATOM   641  N  NH2 . ARG A 1 97  ? -5.393  -15.257 21.590  1.00 33.96 ? 142  ARG A NH2 1 
ATOM   642  N  N   . GLY A 1 98  ? 1.885   -11.970 16.775  1.00 30.36 ? 143  GLY A N   1 
ATOM   643  C  CA  . GLY A 1 98  ? 3.241   -12.259 16.356  1.00 29.95 ? 143  GLY A CA  1 
ATOM   644  C  C   . GLY A 1 98  ? 3.444   -12.239 14.859  1.00 29.47 ? 143  GLY A C   1 
ATOM   645  O  O   . GLY A 1 98  ? 4.423   -12.789 14.357  1.00 29.83 ? 143  GLY A O   1 
ATOM   646  N  N   . LYS A 1 99  ? 2.526   -11.601 14.140  1.00 28.76 ? 144  LYS A N   1 
ATOM   647  C  CA  . LYS A 1 99  ? 2.606   -11.569 12.693  1.00 28.04 ? 144  LYS A CA  1 
ATOM   648  C  C   . LYS A 1 99  ? 2.374   -10.184 12.126  1.00 27.02 ? 144  LYS A C   1 
ATOM   649  O  O   . LYS A 1 99  ? 1.923   -9.266  12.816  1.00 27.16 ? 144  LYS A O   1 
ATOM   650  C  CB  . LYS A 1 99  ? 1.597   -12.540 12.081  1.00 28.29 ? 144  LYS A CB  1 
ATOM   651  C  CG  . LYS A 1 99  ? 1.816   -13.982 12.485  1.00 29.32 ? 144  LYS A CG  1 
ATOM   652  C  CD  . LYS A 1 99  ? 1.326   -14.939 11.409  1.00 30.48 ? 144  LYS A CD  1 
ATOM   653  C  CE  . LYS A 1 99  ? 1.787   -16.358 11.684  1.00 31.68 ? 144  LYS A CE  1 
ATOM   654  N  NZ  . LYS A 1 99  ? 1.323   -17.322 10.640  1.00 33.06 ? 144  LYS A NZ  1 
ATOM   655  N  N   . SER A 1 100 ? 2.693   -10.055 10.846  1.00 25.59 ? 145  SER A N   1 
ATOM   656  C  CA  . SER A 1 100 ? 2.559   -8.794  10.152  1.00 24.67 ? 145  SER A CA  1 
ATOM   657  C  C   . SER A 1 100 ? 2.162   -9.067  8.716   1.00 23.94 ? 145  SER A C   1 
ATOM   658  O  O   . SER A 1 100 ? 2.099   -10.222 8.294   1.00 24.14 ? 145  SER A O   1 
ATOM   659  C  CB  A SER A 1 100 ? 3.899   -8.059  10.199  0.70 24.67 ? 145  SER A CB  1 
ATOM   660  C  CB  B SER A 1 100 ? 3.847   -7.971  10.237  0.30 24.66 ? 145  SER A CB  1 
ATOM   661  O  OG  A SER A 1 100 ? 4.929   -8.869  9.653   0.70 24.46 ? 145  SER A OG  1 
ATOM   662  O  OG  B SER A 1 100 ? 4.088   -7.560  11.571  0.30 24.36 ? 145  SER A OG  1 
ATOM   663  N  N   . PHE A 1 101 ? 1.887   -8.010  7.967   1.00 22.76 ? 146  PHE A N   1 
ATOM   664  C  CA  . PHE A 1 101 ? 1.457   -8.155  6.594   1.00 22.33 ? 146  PHE A CA  1 
ATOM   665  C  C   . PHE A 1 101 ? 2.477   -7.604  5.625   1.00 22.02 ? 146  PHE A C   1 
ATOM   666  O  O   . PHE A 1 101 ? 3.142   -6.616  5.926   1.00 21.88 ? 146  PHE A O   1 
ATOM   667  C  CB  . PHE A 1 101 ? 0.206   -7.320  6.355   1.00 22.24 ? 146  PHE A CB  1 
ATOM   668  C  CG  . PHE A 1 101 ? -1.055  -7.869  6.969   1.00 22.50 ? 146  PHE A CG  1 
ATOM   669  C  CD1 . PHE A 1 101 ? -1.326  -9.223  6.983   1.00 22.85 ? 146  PHE A CD1 1 
ATOM   670  C  CD2 . PHE A 1 101 ? -1.979  -7.001  7.522   1.00 23.18 ? 146  PHE A CD2 1 
ATOM   671  C  CE1 . PHE A 1 101 ? -2.500  -9.702  7.549   1.00 23.57 ? 146  PHE A CE1 1 
ATOM   672  C  CE2 . PHE A 1 101 ? -3.149  -7.472  8.085   1.00 23.34 ? 146  PHE A CE2 1 
ATOM   673  C  CZ  . PHE A 1 101 ? -3.410  -8.818  8.100   1.00 22.91 ? 146  PHE A CZ  1 
ATOM   674  N  N   . THR A 1 102 ? 2.577   -8.247  4.467   1.00 21.53 ? 147  THR A N   1 
ATOM   675  C  CA  . THR A 1 102 ? 3.326   -7.715  3.337   1.00 21.65 ? 147  THR A CA  1 
ATOM   676  C  C   . THR A 1 102 ? 2.326   -7.010  2.409   1.00 21.80 ? 147  THR A C   1 
ATOM   677  O  O   . THR A 1 102 ? 1.243   -7.548  2.137   1.00 21.67 ? 147  THR A O   1 
ATOM   678  C  CB  . THR A 1 102 ? 4.007   -8.844  2.597   1.00 21.75 ? 147  THR A CB  1 
ATOM   679  O  OG1 . THR A 1 102 ? 5.051   -9.387  3.418   1.00 22.79 ? 147  THR A OG1 1 
ATOM   680  C  CG2 . THR A 1 102 ? 4.702   -8.321  1.329   1.00 21.76 ? 147  THR A CG2 1 
ATOM   681  N  N   . LEU A 1 103 ? 2.675   -5.819  1.930   1.00 21.78 ? 148  LEU A N   1 
ATOM   682  C  CA  . LEU A 1 103 ? 1.792   -5.031  1.064   1.00 22.00 ? 148  LEU A CA  1 
ATOM   683  C  C   . LEU A 1 103 ? 2.270   -5.090  -0.377  1.00 22.21 ? 148  LEU A C   1 
ATOM   684  O  O   . LEU A 1 103 ? 3.386   -4.686  -0.682  1.00 22.40 ? 148  LEU A O   1 
ATOM   685  C  CB  A LEU A 1 103 ? 1.663   -3.583  1.567   0.50 22.38 ? 148  LEU A CB  1 
ATOM   686  C  CB  B LEU A 1 103 ? 1.819   -3.580  1.499   0.50 22.20 ? 148  LEU A CB  1 
ATOM   687  C  CG  A LEU A 1 103 ? 0.510   -2.710  1.032   0.50 22.77 ? 148  LEU A CG  1 
ATOM   688  C  CG  B LEU A 1 103 ? 1.508   -3.431  2.975   0.50 21.99 ? 148  LEU A CG  1 
ATOM   689  C  CD1 A LEU A 1 103 ? -0.869  -3.044  1.619   0.50 23.38 ? 148  LEU A CD1 1 
ATOM   690  C  CD1 B LEU A 1 103 ? 1.401   -1.981  3.344   0.50 21.95 ? 148  LEU A CD1 1 
ATOM   691  C  CD2 A LEU A 1 103 ? 0.809   -1.250  1.296   0.50 23.65 ? 148  LEU A CD2 1 
ATOM   692  C  CD2 B LEU A 1 103 ? 0.226   -4.171  3.257   0.50 22.08 ? 148  LEU A CD2 1 
ATOM   693  N  N   . THR A 1 104 ? 1.419   -5.606  -1.255  1.00 22.16 ? 149  THR A N   1 
ATOM   694  C  CA  . THR A 1 104 ? 1.723   -5.700  -2.670  1.00 22.44 ? 149  THR A CA  1 
ATOM   695  C  C   . THR A 1 104 ? 0.981   -4.604  -3.422  1.00 22.36 ? 149  THR A C   1 
ATOM   696  O  O   . THR A 1 104 ? -0.228  -4.447  -3.261  1.00 23.00 ? 149  THR A O   1 
ATOM   697  C  CB  . THR A 1 104 ? 1.267   -7.056  -3.208  1.00 22.65 ? 149  THR A CB  1 
ATOM   698  O  OG1 . THR A 1 104 ? 1.968   -8.110  -2.531  1.00 24.12 ? 149  THR A OG1 1 
ATOM   699  C  CG2 . THR A 1 104 ? 1.641   -7.208  -4.685  1.00 23.84 ? 149  THR A CG2 1 
ATOM   700  N  N   . ILE A 1 105 ? 1.713   -3.863  -4.241  1.00 22.23 ? 150  ILE A N   1 
ATOM   701  C  CA  . ILE A 1 105 ? 1.165   -2.781  -5.036  1.00 22.26 ? 150  ILE A CA  1 
ATOM   702  C  C   . ILE A 1 105 ? 1.034   -3.292  -6.468  1.00 22.20 ? 150  ILE A C   1 
ATOM   703  O  O   . ILE A 1 105 ? 2.000   -3.799  -7.023  1.00 22.29 ? 150  ILE A O   1 
ATOM   704  C  CB  . ILE A 1 105 ? 2.126   -1.579  -5.029  1.00 22.51 ? 150  ILE A CB  1 
ATOM   705  C  CG1 . ILE A 1 105 ? 2.299   -1.034  -3.614  1.00 23.45 ? 150  ILE A CG1 1 
ATOM   706  C  CG2 . ILE A 1 105 ? 1.632   -0.477  -5.977  1.00 23.02 ? 150  ILE A CG2 1 
ATOM   707  C  CD1 . ILE A 1 105 ? 3.585   -0.246  -3.428  1.00 24.23 ? 150  ILE A CD1 1 
ATOM   708  N  N   . THR A 1 106 ? -0.144  -3.163  -7.063  1.00 21.92 ? 151  THR A N   1 
ATOM   709  C  CA  . THR A 1 106 ? -0.312  -3.563  -8.455  1.00 21.88 ? 151  THR A CA  1 
ATOM   710  C  C   . THR A 1 106 ? -0.687  -2.335  -9.266  1.00 21.59 ? 151  THR A C   1 
ATOM   711  O  O   . THR A 1 106 ? -1.641  -1.634  -8.937  1.00 21.54 ? 151  THR A O   1 
ATOM   712  C  CB  . THR A 1 106 ? -1.371  -4.642  -8.633  1.00 22.25 ? 151  THR A CB  1 
ATOM   713  O  OG1 . THR A 1 106 ? -1.050  -5.789  -7.834  1.00 22.22 ? 151  THR A OG1 1 
ATOM   714  C  CG2 . THR A 1 106 ? -1.344  -5.147  -10.070 1.00 22.91 ? 151  THR A CG2 1 
ATOM   715  N  N   . VAL A 1 107 ? 0.074   -2.087  -10.323 1.00 20.79 ? 152  VAL A N   1 
ATOM   716  C  CA  . VAL A 1 107 ? -0.154  -0.939  -11.184 1.00 20.79 ? 152  VAL A CA  1 
ATOM   717  C  C   . VAL A 1 107 ? -0.697  -1.463  -12.513 1.00 20.34 ? 152  VAL A C   1 
ATOM   718  O  O   . VAL A 1 107 ? -0.008  -2.211  -13.213 1.00 20.04 ? 152  VAL A O   1 
ATOM   719  C  CB  . VAL A 1 107 ? 1.143   -0.179  -11.393 1.00 21.02 ? 152  VAL A CB  1 
ATOM   720  C  CG1 . VAL A 1 107 ? 0.933   0.995   -12.341 1.00 21.60 ? 152  VAL A CG1 1 
ATOM   721  C  CG2 . VAL A 1 107 ? 1.691   0.281   -10.041 1.00 22.34 ? 152  VAL A CG2 1 
ATOM   722  N  N   . PHE A 1 108 ? -1.920  -1.060  -12.857 1.00 19.72 ? 153  PHE A N   1 
ATOM   723  C  CA  . PHE A 1 108 ? -2.627  -1.604  -14.017 1.00 19.86 ? 153  PHE A CA  1 
ATOM   724  C  C   . PHE A 1 108 ? -2.300  -0.933  -15.348 1.00 19.62 ? 153  PHE A C   1 
ATOM   725  O  O   . PHE A 1 108 ? -3.173  -0.437  -16.055 1.00 20.06 ? 153  PHE A O   1 
ATOM   726  C  CB  . PHE A 1 108 ? -4.134  -1.715  -13.716 1.00 19.89 ? 153  PHE A CB  1 
ATOM   727  C  CG  . PHE A 1 108 ? -4.394  -2.754  -12.677 1.00 19.93 ? 153  PHE A CG  1 
ATOM   728  C  CD1 . PHE A 1 108 ? -4.380  -2.425  -11.342 1.00 20.86 ? 153  PHE A CD1 1 
ATOM   729  C  CD2 . PHE A 1 108 ? -4.608  -4.069  -13.042 1.00 20.29 ? 153  PHE A CD2 1 
ATOM   730  C  CE1 . PHE A 1 108 ? -4.597  -3.381  -10.376 1.00 20.92 ? 153  PHE A CE1 1 
ATOM   731  C  CE2 . PHE A 1 108 ? -4.824  -5.036  -12.083 1.00 20.59 ? 153  PHE A CE2 1 
ATOM   732  C  CZ  . PHE A 1 108 ? -4.819  -4.689  -10.743 1.00 21.07 ? 153  PHE A CZ  1 
ATOM   733  N  N   . THR A 1 109 ? -1.009  -0.933  -15.665 1.00 19.80 ? 154  THR A N   1 
ATOM   734  C  CA  . THR A 1 109 ? -0.562  -0.650  -17.016 1.00 19.77 ? 154  THR A CA  1 
ATOM   735  C  C   . THR A 1 109 ? -0.898  -1.905  -17.825 1.00 19.82 ? 154  THR A C   1 
ATOM   736  O  O   . THR A 1 109 ? -1.372  -2.902  -17.269 1.00 19.71 ? 154  THR A O   1 
ATOM   737  C  CB  . THR A 1 109 ? 0.952   -0.417  -17.065 1.00 19.83 ? 154  THR A CB  1 
ATOM   738  O  OG1 . THR A 1 109 ? 1.629   -1.401  -16.263 1.00 19.92 ? 154  THR A OG1 1 
ATOM   739  C  CG2 . THR A 1 109 ? 1.312   0.909   -16.449 1.00 19.84 ? 154  THR A CG2 1 
ATOM   740  N  N   . ASN A 1 110 ? -0.657  -1.863  -19.129 1.00 19.51 ? 155  ASN A N   1 
ATOM   741  C  CA  . ASN A 1 110 ? -0.863  -3.021  -19.988 1.00 19.74 ? 155  ASN A CA  1 
ATOM   742  C  C   . ASN A 1 110 ? 0.517   -3.454  -20.481 1.00 20.20 ? 155  ASN A C   1 
ATOM   743  O  O   . ASN A 1 110 ? 1.076   -2.804  -21.375 1.00 20.37 ? 155  ASN A O   1 
ATOM   744  C  CB  . ASN A 1 110 ? -1.770  -2.673  -21.173 1.00 19.48 ? 155  ASN A CB  1 
ATOM   745  C  CG  . ASN A 1 110 ? -1.959  -3.846  -22.135 1.00 18.92 ? 155  ASN A CG  1 
ATOM   746  O  OD1 . ASN A 1 110 ? -1.374  -4.913  -21.954 1.00 18.09 ? 155  ASN A OD1 1 
ATOM   747  N  ND2 . ASN A 1 110 ? -2.780  -3.645  -23.165 1.00 18.66 ? 155  ASN A ND2 1 
ATOM   748  N  N   . PRO A 1 111 ? 1.093   -4.528  -19.934 1.00 20.34 ? 156  PRO A N   1 
ATOM   749  C  CA  . PRO A 1 111 ? 0.525   -5.348  -18.860 1.00 20.49 ? 156  PRO A CA  1 
ATOM   750  C  C   . PRO A 1 111 ? 0.807   -4.814  -17.472 1.00 20.28 ? 156  PRO A C   1 
ATOM   751  O  O   . PRO A 1 111 ? 1.652   -3.925  -17.307 1.00 20.15 ? 156  PRO A O   1 
ATOM   752  C  CB  . PRO A 1 111 ? 1.254   -6.675  -19.043 1.00 20.65 ? 156  PRO A CB  1 
ATOM   753  C  CG  . PRO A 1 111 ? 2.605   -6.271  -19.514 1.00 21.08 ? 156  PRO A CG  1 
ATOM   754  C  CD  . PRO A 1 111 ? 2.399   -5.048  -20.375 1.00 20.72 ? 156  PRO A CD  1 
ATOM   755  N  N   . PRO A 1 112 ? 0.097   -5.329  -16.473 1.00 20.26 ? 157  PRO A N   1 
ATOM   756  C  CA  . PRO A 1 112 ? 0.310   -4.865  -15.108 1.00 20.60 ? 157  PRO A CA  1 
ATOM   757  C  C   . PRO A 1 112 ? 1.711   -5.109  -14.562 1.00 20.95 ? 157  PRO A C   1 
ATOM   758  O  O   . PRO A 1 112 ? 2.421   -6.029  -14.979 1.00 21.01 ? 157  PRO A O   1 
ATOM   759  C  CB  . PRO A 1 112 ? -0.745  -5.634  -14.309 1.00 20.52 ? 157  PRO A CB  1 
ATOM   760  C  CG  . PRO A 1 112 ? -1.786  -5.974  -15.317 1.00 20.28 ? 157  PRO A CG  1 
ATOM   761  C  CD  . PRO A 1 112 ? -0.972  -6.344  -16.534 1.00 20.23 ? 157  PRO A CD  1 
ATOM   762  N  N   . GLN A 1 113 ? 2.081   -4.253  -13.620 1.00 21.70 ? 158  GLN A N   1 
ATOM   763  C  CA  . GLN A 1 113 ? 3.367   -4.314  -12.943 1.00 22.20 ? 158  GLN A CA  1 
ATOM   764  C  C   . GLN A 1 113 ? 3.106   -4.426  -11.446 1.00 22.43 ? 158  GLN A C   1 
ATOM   765  O  O   . GLN A 1 113 ? 2.103   -3.912  -10.954 1.00 22.88 ? 158  GLN A O   1 
ATOM   766  C  CB  . GLN A 1 113 ? 4.168   -3.040  -13.217 1.00 22.48 ? 158  GLN A CB  1 
ATOM   767  C  CG  . GLN A 1 113 ? 4.507   -2.788  -14.681 1.00 23.24 ? 158  GLN A CG  1 
ATOM   768  C  CD  . GLN A 1 113 ? 5.092   -1.407  -14.899 1.00 24.95 ? 158  GLN A CD  1 
ATOM   769  O  OE1 . GLN A 1 113 ? 6.241   -1.151  -14.541 1.00 25.11 ? 158  GLN A OE1 1 
ATOM   770  N  NE2 . GLN A 1 113 ? 4.303   -0.512  -15.482 1.00 26.49 ? 158  GLN A NE2 1 
ATOM   771  N  N   . VAL A 1 114 ? 4.005   -5.091  -10.728 1.00 22.43 ? 159  VAL A N   1 
ATOM   772  C  CA  . VAL A 1 114 ? 3.855   -5.277  -9.287  1.00 22.37 ? 159  VAL A CA  1 
ATOM   773  C  C   . VAL A 1 114 ? 5.085   -4.710  -8.579  1.00 21.86 ? 159  VAL A C   1 
ATOM   774  O  O   . VAL A 1 114 ? 6.197   -4.736  -9.113  1.00 21.36 ? 159  VAL A O   1 
ATOM   775  C  CB  . VAL A 1 114 ? 3.649   -6.758  -8.945  1.00 22.87 ? 159  VAL A CB  1 
ATOM   776  C  CG1 . VAL A 1 114 ? 3.587   -6.978  -7.450  1.00 24.15 ? 159  VAL A CG1 1 
ATOM   777  C  CG2 . VAL A 1 114 ? 2.358   -7.249  -9.584  1.00 24.08 ? 159  VAL A CG2 1 
ATOM   778  N  N   . ALA A 1 115 ? 4.876   -4.189  -7.381  1.00 21.38 ? 160  ALA A N   1 
ATOM   779  C  CA  . ALA A 1 115 ? 5.964   -3.701  -6.547  1.00 21.63 ? 160  ALA A CA  1 
ATOM   780  C  C   . ALA A 1 115 ? 5.570   -4.005  -5.122  1.00 21.79 ? 160  ALA A C   1 
ATOM   781  O  O   . ALA A 1 115 ? 4.392   -3.931  -4.774  1.00 22.75 ? 160  ALA A O   1 
ATOM   782  C  CB  . ALA A 1 115 ? 6.155   -2.213  -6.718  1.00 21.80 ? 160  ALA A CB  1 
ATOM   783  N  N   . THR A 1 116 ? 6.540   -4.344  -4.290  1.00 21.88 ? 161  THR A N   1 
ATOM   784  C  CA  . THR A 1 116 ? 6.228   -4.637  -2.903  1.00 21.45 ? 161  THR A CA  1 
ATOM   785  C  C   . THR A 1 116 ? 6.677   -3.493  -2.005  1.00 21.05 ? 161  THR A C   1 
ATOM   786  O  O   . THR A 1 116 ? 7.801   -3.002  -2.123  1.00 20.97 ? 161  THR A O   1 
ATOM   787  C  CB  . THR A 1 116 ? 6.916   -5.934  -2.462  1.00 21.82 ? 161  THR A CB  1 
ATOM   788  O  OG1 . THR A 1 116 ? 6.492   -7.020  -3.301  1.00 23.67 ? 161  THR A OG1 1 
ATOM   789  C  CG2 . THR A 1 116 ? 6.482   -6.346  -1.054  1.00 22.37 ? 161  THR A CG2 1 
ATOM   790  N  N   . TYR A 1 117 ? 5.789   -3.084  -1.110  1.00 20.40 ? 162  TYR A N   1 
ATOM   791  C  CA  . TYR A 1 117 ? 6.098   -2.026  -0.156  1.00 20.61 ? 162  TYR A CA  1 
ATOM   792  C  C   . TYR A 1 117 ? 7.268   -2.558  0.707   1.00 20.14 ? 162  TYR A C   1 
ATOM   793  O  O   . TYR A 1 117 ? 7.317   -3.740  1.034   1.00 20.53 ? 162  TYR A O   1 
ATOM   794  C  CB  . TYR A 1 117 ? 4.847   -1.646  0.690   1.00 20.23 ? 162  TYR A CB  1 
ATOM   795  C  CG  . TYR A 1 117 ? 5.201   -0.633  1.753   1.00 19.66 ? 162  TYR A CG  1 
ATOM   796  C  CD1 . TYR A 1 117 ? 5.371   0.701   1.432   1.00 19.96 ? 162  TYR A CD1 1 
ATOM   797  C  CD2 . TYR A 1 117 ? 5.377   -1.014  3.074   1.00 20.64 ? 162  TYR A CD2 1 
ATOM   798  C  CE1 . TYR A 1 117 ? 5.715   1.637   2.410   1.00 20.61 ? 162  TYR A CE1 1 
ATOM   799  C  CE2 . TYR A 1 117 ? 5.720   -0.087  4.054   1.00 20.38 ? 162  TYR A CE2 1 
ATOM   800  C  CZ  . TYR A 1 117 ? 5.885   1.237   3.707   1.00 19.97 ? 162  TYR A CZ  1 
ATOM   801  O  OH  . TYR A 1 117 ? 6.226   2.178   4.662   1.00 20.74 ? 162  TYR A OH  1 
ATOM   802  N  N   . HIS A 1 118 ? 8.204   -1.703  1.102   1.00 20.62 ? 163  HIS A N   1 
ATOM   803  C  CA  . HIS A 1 118 ? 9.470   -2.204  1.653   1.00 20.68 ? 163  HIS A CA  1 
ATOM   804  C  C   . HIS A 1 118 ? 9.474   -2.876  3.014   1.00 20.50 ? 163  HIS A C   1 
ATOM   805  O  O   . HIS A 1 118 ? 10.414  -3.594  3.352   1.00 20.80 ? 163  HIS A O   1 
ATOM   806  C  CB  . HIS A 1 118 ? 10.493  -1.073  1.708   1.00 20.92 ? 163  HIS A CB  1 
ATOM   807  C  CG  . HIS A 1 118 ? 10.249  -0.071  2.793   1.00 21.29 ? 163  HIS A CG  1 
ATOM   808  N  ND1 . HIS A 1 118 ? 9.387   0.997   2.647   1.00 21.39 ? 163  HIS A ND1 1 
ATOM   809  C  CD2 . HIS A 1 118 ? 10.772  0.038   4.040   1.00 21.80 ? 163  HIS A CD2 1 
ATOM   810  C  CE1 . HIS A 1 118 ? 9.386   1.714   3.759   1.00 22.89 ? 163  HIS A CE1 1 
ATOM   811  N  NE2 . HIS A 1 118 ? 10.210  1.149   4.621   1.00 22.27 ? 163  HIS A NE2 1 
ATOM   812  N  N   . ARG A 1 119 ? 8.439   -2.637  3.800   1.00 20.75 ? 164  ARG A N   1 
ATOM   813  C  CA  . ARG A 1 119 ? 8.420   -3.115  5.161   1.00 20.81 ? 164  ARG A CA  1 
ATOM   814  C  C   . ARG A 1 119 ? 7.094   -3.776  5.488   1.00 21.03 ? 164  ARG A C   1 
ATOM   815  O  O   . ARG A 1 119 ? 6.072   -3.433  4.916   1.00 21.15 ? 164  ARG A O   1 
ATOM   816  C  CB  . ARG A 1 119 ? 8.614   -1.905  6.074   1.00 21.08 ? 164  ARG A CB  1 
ATOM   817  C  CG  . ARG A 1 119 ? 9.073   -2.212  7.462   1.00 21.56 ? 164  ARG A CG  1 
ATOM   818  C  CD  . ARG A 1 119 ? 9.489   -0.980  8.221   1.00 22.25 ? 164  ARG A CD  1 
ATOM   819  N  NE  . ARG A 1 119 ? 10.122  -1.313  9.486   1.00 22.81 ? 164  ARG A NE  1 
ATOM   820  C  CZ  . ARG A 1 119 ? 10.756  -0.436  10.253  1.00 23.30 ? 164  ARG A CZ  1 
ATOM   821  N  NH1 . ARG A 1 119 ? 10.835  0.833   9.878   1.00 23.68 ? 164  ARG A NH1 1 
ATOM   822  N  NH2 . ARG A 1 119 ? 11.310  -0.822  11.395  1.00 22.85 ? 164  ARG A NH2 1 
ATOM   823  N  N   . ALA A 1 120 ? 7.115   -4.722  6.417   1.00 21.10 ? 165  ALA A N   1 
ATOM   824  C  CA  . ALA A 1 120 ? 5.883   -5.369  6.830   1.00 21.31 ? 165  ALA A CA  1 
ATOM   825  C  C   . ALA A 1 120 ? 5.130   -4.381  7.719   1.00 21.45 ? 165  ALA A C   1 
ATOM   826  O  O   . ALA A 1 120 ? 5.732   -3.467  8.297   1.00 21.19 ? 165  ALA A O   1 
ATOM   827  C  CB  . ALA A 1 120 ? 6.178   -6.627  7.581   1.00 21.34 ? 165  ALA A CB  1 
ATOM   828  N  N   . ILE A 1 121 ? 3.819   -4.561  7.835   1.00 21.70 ? 166  ILE A N   1 
ATOM   829  C  CA  . ILE A 1 121 ? 3.008   -3.698  8.689   1.00 22.00 ? 166  ILE A CA  1 
ATOM   830  C  C   . ILE A 1 121 ? 2.193   -4.578  9.634   1.00 21.85 ? 166  ILE A C   1 
ATOM   831  O  O   . ILE A 1 121 ? 1.596   -5.565  9.208   1.00 21.61 ? 166  ILE A O   1 
ATOM   832  C  CB  . ILE A 1 121 ? 2.105   -2.701  7.881   1.00 22.38 ? 166  ILE A CB  1 
ATOM   833  C  CG1 . ILE A 1 121 ? 1.359   -1.776  8.849   1.00 22.96 ? 166  ILE A CG1 1 
ATOM   834  C  CG2 . ILE A 1 121 ? 1.135   -3.430  6.943   1.00 22.91 ? 166  ILE A CG2 1 
ATOM   835  C  CD1 . ILE A 1 121 ? 0.691   -0.573  8.213   1.00 24.13 ? 166  ILE A CD1 1 
ATOM   836  N  N   . LYS A 1 122 ? 2.181   -4.209  10.912  1.00 21.28 ? 167  LYS A N   1 
ATOM   837  C  CA  . LYS A 1 122 ? 1.444   -4.936  11.942  1.00 21.35 ? 167  LYS A CA  1 
ATOM   838  C  C   . LYS A 1 122 ? 0.138   -4.177  12.162  1.00 20.84 ? 167  LYS A C   1 
ATOM   839  O  O   . LYS A 1 122 ? 0.153   -2.957  12.294  1.00 20.44 ? 167  LYS A O   1 
ATOM   840  C  CB  . LYS A 1 122 ? 2.244   -4.990  13.243  1.00 21.65 ? 167  LYS A CB  1 
ATOM   841  C  CG  . LYS A 1 122 ? 1.582   -5.838  14.339  1.00 22.80 ? 167  LYS A CG  1 
ATOM   842  C  CD  . LYS A 1 122 ? 2.508   -6.139  15.529  1.00 25.80 ? 167  LYS A CD  1 
ATOM   843  C  CE  . LYS A 1 122 ? 3.811   -6.815  15.103  1.00 27.65 ? 167  LYS A CE  1 
ATOM   844  N  NZ  . LYS A 1 122 ? 4.398   -7.689  16.166  1.00 29.86 ? 167  LYS A NZ  1 
ATOM   845  N  N   . ILE A 1 123 ? -0.985  -4.889  12.201  1.00 20.32 ? 168  ILE A N   1 
ATOM   846  C  CA  . ILE A 1 123 ? -2.288  -4.253  12.384  1.00 20.37 ? 168  ILE A CA  1 
ATOM   847  C  C   . ILE A 1 123 ? -2.939  -4.950  13.555  1.00 20.16 ? 168  ILE A C   1 
ATOM   848  O  O   . ILE A 1 123 ? -3.154  -6.167  13.512  1.00 20.19 ? 168  ILE A O   1 
ATOM   849  C  CB  . ILE A 1 123 ? -3.183  -4.386  11.135  1.00 20.26 ? 168  ILE A CB  1 
ATOM   850  C  CG1 . ILE A 1 123 ? -2.531  -3.743  9.906   1.00 20.49 ? 168  ILE A CG1 1 
ATOM   851  C  CG2 . ILE A 1 123 ? -4.542  -3.737  11.390  1.00 20.84 ? 168  ILE A CG2 1 
ATOM   852  C  CD1 . ILE A 1 123 ? -2.266  -2.252  10.055  1.00 20.63 ? 168  ILE A CD1 1 
ATOM   853  N  N   . THR A 1 124 ? -3.256  -4.189  14.599  1.00 20.21 ? 169  THR A N   1 
ATOM   854  C  CA  . THR A 1 124 ? -3.875  -4.751  15.796  1.00 20.12 ? 169  THR A CA  1 
ATOM   855  C  C   . THR A 1 124 ? -5.087  -3.920  16.185  1.00 20.14 ? 169  THR A C   1 
ATOM   856  O  O   . THR A 1 124 ? -5.257  -2.795  15.725  1.00 19.64 ? 169  THR A O   1 
ATOM   857  C  CB  . THR A 1 124 ? -2.915  -4.793  16.994  1.00 20.30 ? 169  THR A CB  1 
ATOM   858  O  OG1 . THR A 1 124 ? -2.470  -3.468  17.307  1.00 20.68 ? 169  THR A OG1 1 
ATOM   859  C  CG2 . THR A 1 124 ? -1.648  -5.595  16.693  1.00 20.31 ? 169  THR A CG2 1 
ATOM   860  N  N   . VAL A 1 125 ? -5.921  -4.480  17.042  1.00 20.18 ? 170  VAL A N   1 
ATOM   861  C  CA  . VAL A 1 125 ? -7.146  -3.792  17.434  1.00 20.70 ? 170  VAL A CA  1 
ATOM   862  C  C   . VAL A 1 125 ? -6.854  -2.530  18.244  1.00 21.30 ? 170  VAL A C   1 
ATOM   863  O  O   . VAL A 1 125 ? -7.580  -1.541  18.122  1.00 21.36 ? 170  VAL A O   1 
ATOM   864  C  CB  . VAL A 1 125 ? -8.124  -4.721  18.168  1.00 20.58 ? 170  VAL A CB  1 
ATOM   865  C  CG1 . VAL A 1 125 ? -7.581  -5.147  19.509  1.00 21.18 ? 170  VAL A CG1 1 
ATOM   866  C  CG2 . VAL A 1 125 ? -9.462  -4.030  18.353  1.00 20.63 ? 170  VAL A CG2 1 
ATOM   867  N  N   . ASP A 1 126 ? -5.808  -2.547  19.067  1.00 22.24 ? 171  ASP A N   1 
ATOM   868  C  CA  . ASP A 1 126 ? -5.430  -1.341  19.806  1.00 23.26 ? 171  ASP A CA  1 
ATOM   869  C  C   . ASP A 1 126 ? -4.405  -0.450  19.112  1.00 23.77 ? 171  ASP A C   1 
ATOM   870  O  O   . ASP A 1 126 ? -4.355  0.744   19.380  1.00 24.24 ? 171  ASP A O   1 
ATOM   871  C  CB  . ASP A 1 126 ? -4.897  -1.677  21.200  1.00 23.77 ? 171  ASP A CB  1 
ATOM   872  C  CG  . ASP A 1 126 ? -5.985  -1.789  22.237  1.00 25.01 ? 171  ASP A CG  1 
ATOM   873  O  OD1 . ASP A 1 126 ? -7.113  -1.263  22.040  1.00 27.66 ? 171  ASP A OD1 1 
ATOM   874  O  OD2 . ASP A 1 126 ? -5.798  -2.397  23.312  1.00 27.57 ? 171  ASP A OD2 1 
ATOM   875  N  N   . GLY A 1 127 ? -3.584  -1.005  18.228  1.00 24.02 ? 172  GLY A N   1 
ATOM   876  C  CA  . GLY A 1 127 ? -2.563  -0.201  17.586  1.00 24.53 ? 172  GLY A CA  1 
ATOM   877  C  C   . GLY A 1 127 ? -1.411  0.054   18.536  1.00 24.97 ? 172  GLY A C   1 
ATOM   878  O  O   . GLY A 1 127 ? -1.379  -0.490  19.645  1.00 24.65 ? 172  GLY A O   1 
ATOM   879  N  N   . PRO A 1 128 ? -0.460  0.884   18.119  1.00 25.65 ? 173  PRO A N   1 
ATOM   880  C  CA  . PRO A 1 128 ? 0.671   1.208   18.981  1.00 26.21 ? 173  PRO A CA  1 
ATOM   881  C  C   . PRO A 1 128 ? 0.168   2.127   20.095  1.00 26.69 ? 173  PRO A C   1 
ATOM   882  O  O   . PRO A 1 128 ? 0.939   2.501   20.971  1.00 28.12 ? 173  PRO A O   1 
ATOM   883  C  CB  . PRO A 1 128 ? 1.614   1.955   18.039  1.00 26.21 ? 173  PRO A CB  1 
ATOM   884  C  CG  . PRO A 1 128 ? 0.702   2.615   17.100  1.00 26.22 ? 173  PRO A CG  1 
ATOM   885  C  CD  . PRO A 1 128 ? -0.375  1.588   16.829  1.00 25.75 ? 173  PRO A CD  1 
HETATM 886  CL CL  . CL  B 2 .   ? -5.384  -7.751  17.336  1.00 42.42 ? 1174 CL  A CL  1 
HETATM 887  CL CL  . CL  C 2 .   ? -9.287  -9.919  7.026   1.00 46.05 ? 1175 CL  A CL  1 
HETATM 888  O  O   . HOH D 3 .   ? 3.910   11.666  1.876   1.00 41.36 ? 2001 HOH A O   1 
HETATM 889  O  O   . HOH D 3 .   ? 4.975   13.912  5.638   1.00 58.80 ? 2002 HOH A O   1 
HETATM 890  O  O   . HOH D 3 .   ? 5.960   9.708   3.397   1.00 32.67 ? 2003 HOH A O   1 
HETATM 891  O  O   . HOH D 3 .   ? 14.952  9.823   5.921   1.00 45.67 ? 2004 HOH A O   1 
HETATM 892  O  O   . HOH D 3 .   ? 7.237   10.160  5.923   1.00 44.81 ? 2005 HOH A O   1 
HETATM 893  O  O   . HOH D 3 .   ? 13.765  8.484   1.992   1.00 30.12 ? 2006 HOH A O   1 
HETATM 894  O  O   . HOH D 3 .   ? 11.830  11.912  -0.421  1.00 33.79 ? 2007 HOH A O   1 
HETATM 895  O  O   . HOH D 3 .   ? 8.238   1.063   -0.033  1.00 24.55 ? 2008 HOH A O   1 
HETATM 896  O  O   . HOH D 3 .   ? 14.675  2.344   -6.993  1.00 39.76 ? 2009 HOH A O   1 
HETATM 897  O  O   . HOH D 3 .   ? 17.672  8.516   -3.705  1.00 50.04 ? 2010 HOH A O   1 
HETATM 898  O  O   . HOH D 3 .   ? 20.382  5.893   -6.634  1.00 51.48 ? 2011 HOH A O   1 
HETATM 899  O  O   . HOH D 3 .   ? 18.924  4.092   -7.906  1.00 59.41 ? 2012 HOH A O   1 
HETATM 900  O  O   . HOH D 3 .   ? 16.282  6.223   -1.247  1.00 47.05 ? 2013 HOH A O   1 
HETATM 901  O  O   . HOH D 3 .   ? 11.480  -5.762  -8.786  1.00 47.64 ? 2014 HOH A O   1 
HETATM 902  O  O   . HOH D 3 .   ? 7.583   -7.225  -6.119  1.00 53.01 ? 2015 HOH A O   1 
HETATM 903  O  O   . HOH D 3 .   ? 12.286  1.630   -5.914  1.00 30.85 ? 2016 HOH A O   1 
HETATM 904  O  O   . HOH D 3 .   ? 7.462   -3.232  -11.075 1.00 43.78 ? 2017 HOH A O   1 
HETATM 905  O  O   . HOH D 3 .   ? 14.986  3.374   -9.438  1.00 41.04 ? 2018 HOH A O   1 
HETATM 906  O  O   . HOH D 3 .   ? 6.898   3.479   -13.453 1.00 34.44 ? 2019 HOH A O   1 
HETATM 907  O  O   . HOH D 3 .   ? 1.915   6.844   3.559   1.00 28.12 ? 2020 HOH A O   1 
HETATM 908  O  O   . HOH D 3 .   ? 3.045   6.843   8.029   1.00 33.00 ? 2021 HOH A O   1 
HETATM 909  O  O   . HOH D 3 .   ? 6.828   4.700   9.781   1.00 38.48 ? 2022 HOH A O   1 
HETATM 910  O  O   . HOH D 3 .   ? 5.266   -0.726  7.691   1.00 28.98 ? 2023 HOH A O   1 
HETATM 911  O  O   . HOH D 3 .   ? 5.649   3.918   12.569  1.00 43.47 ? 2024 HOH A O   1 
HETATM 912  O  O   . HOH D 3 .   ? 3.456   2.927   14.633  1.00 40.97 ? 2025 HOH A O   1 
HETATM 913  O  O   . HOH D 3 .   ? -2.787  3.552   15.582  1.00 35.02 ? 2026 HOH A O   1 
HETATM 914  O  O   . HOH D 3 .   ? -9.679  4.183   17.002  1.00 49.96 ? 2027 HOH A O   1 
HETATM 915  O  O   . HOH D 3 .   ? 14.337  10.979  0.900   1.00 38.17 ? 2028 HOH A O   1 
HETATM 916  O  O   . HOH D 3 .   ? -11.223 -3.521  14.029  1.00 34.45 ? 2029 HOH A O   1 
HETATM 917  O  O   . HOH D 3 .   ? 14.483  8.664   -3.254  1.00 43.21 ? 2030 HOH A O   1 
HETATM 918  O  O   . HOH D 3 .   ? 14.815  8.977   -5.681  1.00 58.09 ? 2031 HOH A O   1 
HETATM 919  O  O   . HOH D 3 .   ? -12.028 2.995   13.250  1.00 45.73 ? 2032 HOH A O   1 
HETATM 920  O  O   . HOH D 3 .   ? -5.914  1.327   9.355   1.00 28.16 ? 2033 HOH A O   1 
HETATM 921  O  O   . HOH D 3 .   ? -11.346 7.689   7.764   1.00 40.43 ? 2034 HOH A O   1 
HETATM 922  O  O   . HOH D 3 .   ? -9.681  7.225   12.512  1.00 42.79 ? 2035 HOH A O   1 
HETATM 923  O  O   . HOH D 3 .   ? -5.286  8.974   12.247  1.00 44.83 ? 2036 HOH A O   1 
HETATM 924  O  O   . HOH D 3 .   ? 4.266   7.832   10.169  1.00 52.66 ? 2037 HOH A O   1 
HETATM 925  O  O   . HOH D 3 .   ? -4.211  10.346  6.067   1.00 40.03 ? 2038 HOH A O   1 
HETATM 926  O  O   . HOH D 3 .   ? -4.867  11.573  10.134  1.00 56.92 ? 2039 HOH A O   1 
HETATM 927  O  O   . HOH D 3 .   ? 3.451   6.372   12.493  1.00 54.55 ? 2040 HOH A O   1 
HETATM 928  O  O   . HOH D 3 .   ? 0.463   6.605   7.042   1.00 31.84 ? 2041 HOH A O   1 
HETATM 929  O  O   . HOH D 3 .   ? -1.534  12.984  4.433   1.00 46.08 ? 2042 HOH A O   1 
HETATM 930  O  O   . HOH D 3 .   ? 1.213   11.460  1.494   1.00 42.18 ? 2043 HOH A O   1 
HETATM 931  O  O   . HOH D 3 .   ? 3.352   10.777  11.348  1.00 50.47 ? 2044 HOH A O   1 
HETATM 932  O  O   . HOH D 3 .   ? 1.867   9.234   13.966  1.00 57.68 ? 2045 HOH A O   1 
HETATM 933  O  O   . HOH D 3 .   ? -0.584  13.811  -4.288  1.00 58.55 ? 2046 HOH A O   1 
HETATM 934  O  O   . HOH D 3 .   ? -1.281  14.058  2.233   1.00 51.31 ? 2047 HOH A O   1 
HETATM 935  O  O   . HOH D 3 .   ? -1.746  13.515  -6.420  1.00 56.78 ? 2048 HOH A O   1 
HETATM 936  O  O   . HOH D 3 .   ? 4.959   2.183   -17.803 1.00 52.12 ? 2049 HOH A O   1 
HETATM 937  O  O   . HOH D 3 .   ? 0.329   9.633   -14.563 1.00 32.48 ? 2050 HOH A O   1 
HETATM 938  O  O   . HOH D 3 .   ? -1.300  10.602  -19.579 1.00 51.65 ? 2051 HOH A O   1 
HETATM 939  O  O   . HOH D 3 .   ? -5.554  -5.817  -7.189  1.00 36.32 ? 2052 HOH A O   1 
HETATM 940  O  O   . HOH D 3 .   ? -7.196  11.278  -10.561 1.00 57.43 ? 2053 HOH A O   1 
HETATM 941  O  O   . HOH D 3 .   ? -7.270  -4.333  -3.007  1.00 41.57 ? 2054 HOH A O   1 
HETATM 942  O  O   . HOH D 3 .   ? -7.542  -5.602  -0.833  1.00 48.05 ? 2055 HOH A O   1 
HETATM 943  O  O   . HOH D 3 .   ? -9.141  -11.089 14.577  1.00 62.89 ? 2056 HOH A O   1 
HETATM 944  O  O   . HOH D 3 .   ? -2.232  -13.134 10.592  1.00 48.99 ? 2057 HOH A O   1 
HETATM 945  O  O   . HOH D 3 .   ? 7.836   -9.877  6.791   1.00 45.01 ? 2058 HOH A O   1 
HETATM 946  O  O   . HOH D 3 .   ? -6.670  -16.457 2.922   1.00 51.63 ? 2059 HOH A O   1 
HETATM 947  O  O   . HOH D 3 .   ? -1.673  -10.259 -0.909  1.00 52.56 ? 2060 HOH A O   1 
HETATM 948  O  O   . HOH D 3 .   ? -9.882  -8.920  1.005   1.00 59.34 ? 2061 HOH A O   1 
HETATM 949  O  O   . HOH D 3 .   ? -5.756  -7.179  0.822   1.00 27.60 ? 2062 HOH A O   1 
HETATM 950  O  O   . HOH D 3 .   ? -13.751 -3.632  3.339   1.00 47.74 ? 2063 HOH A O   1 
HETATM 951  O  O   . HOH D 3 .   ? -11.603 -8.465  8.281   1.00 44.52 ? 2064 HOH A O   1 
HETATM 952  O  O   . HOH D 3 .   ? 4.060   -0.822  -20.133 1.00 56.20 ? 2065 HOH A O   1 
HETATM 953  O  O   . HOH D 3 .   ? 3.775   -9.157  -12.651 1.00 53.35 ? 2066 HOH A O   1 
HETATM 954  O  O   . HOH D 3 .   ? -10.142 -5.731  1.044   1.00 35.82 ? 2067 HOH A O   1 
HETATM 955  O  O   . HOH D 3 .   ? -17.912 -0.901  -0.465  1.00 60.57 ? 2068 HOH A O   1 
HETATM 956  O  O   . HOH D 3 .   ? -19.808 -1.619  2.543   1.00 62.68 ? 2069 HOH A O   1 
HETATM 957  O  O   . HOH D 3 .   ? -12.453 4.452   -2.449  1.00 46.23 ? 2070 HOH A O   1 
HETATM 958  O  O   . HOH D 3 .   ? -7.979  5.429   -0.731  1.00 40.89 ? 2071 HOH A O   1 
HETATM 959  O  O   . HOH D 3 .   ? -13.240 -0.023  0.158   1.00 35.67 ? 2072 HOH A O   1 
HETATM 960  O  O   . HOH D 3 .   ? -10.832 -1.263  -1.631  1.00 39.78 ? 2073 HOH A O   1 
HETATM 961  O  O   . HOH D 3 .   ? -4.025  -6.786  20.295  1.00 57.52 ? 2074 HOH A O   1 
HETATM 962  O  O   . HOH D 3 .   ? -10.511 3.064   -3.413  1.00 35.82 ? 2075 HOH A O   1 
HETATM 963  O  O   . HOH D 3 .   ? -11.636 0.270   -3.753  1.00 60.25 ? 2076 HOH A O   1 
HETATM 964  O  O   . HOH D 3 .   ? -8.158  5.919   -3.170  1.00 44.85 ? 2077 HOH A O   1 
HETATM 965  O  O   . HOH D 3 .   ? 4.031   -0.793  20.331  1.00 59.50 ? 2078 HOH A O   1 
HETATM 966  O  O   . HOH D 3 .   ? -6.335  8.391   -6.741  1.00 39.59 ? 2079 HOH A O   1 
HETATM 967  O  O   . HOH D 3 .   ? -5.764  10.630  -8.209  1.00 55.90 ? 2080 HOH A O   1 
HETATM 968  O  O   . HOH D 3 .   ? -6.260  10.637  -12.757 1.00 50.05 ? 2081 HOH A O   1 
HETATM 969  O  O   . HOH D 3 .   ? -0.706  14.237  -8.710  1.00 47.97 ? 2082 HOH A O   1 
HETATM 970  O  O   . HOH D 3 .   ? -3.586  10.578  -7.401  1.00 42.59 ? 2083 HOH A O   1 
HETATM 971  O  O   . HOH D 3 .   ? -6.540  11.051  -3.649  1.00 52.46 ? 2084 HOH A O   1 
HETATM 972  O  O   . HOH D 3 .   ? -4.366  6.886   2.226   1.00 29.24 ? 2085 HOH A O   1 
HETATM 973  O  O   . HOH D 3 .   ? -5.161  8.452   4.444   1.00 31.58 ? 2086 HOH A O   1 
HETATM 974  O  O   . HOH D 3 .   ? -13.248 7.584   3.297   1.00 51.53 ? 2087 HOH A O   1 
HETATM 975  O  O   . HOH D 3 .   ? -6.372  6.520   5.825   1.00 32.07 ? 2088 HOH A O   1 
HETATM 976  O  O   . HOH D 3 .   ? -10.737 -6.764  11.511  1.00 35.73 ? 2089 HOH A O   1 
HETATM 977  O  O   . HOH D 3 .   ? -5.410  -4.871  7.044   1.00 30.83 ? 2090 HOH A O   1 
HETATM 978  O  O   . HOH D 3 .   ? -5.687  -12.608 13.442  1.00 60.15 ? 2091 HOH A O   1 
HETATM 979  O  O   . HOH D 3 .   ? -11.429 -6.516  13.915  1.00 35.27 ? 2092 HOH A O   1 
HETATM 980  O  O   . HOH D 3 .   ? -9.229  -9.329  11.407  1.00 39.84 ? 2093 HOH A O   1 
HETATM 981  O  O   . HOH D 3 .   ? 4.195   -12.543 9.754   1.00 49.43 ? 2094 HOH A O   1 
HETATM 982  O  O   . HOH D 3 .   ? 5.046   -10.247 6.471   1.00 49.32 ? 2095 HOH A O   1 
HETATM 983  O  O   . HOH D 3 .   ? 0.614   -8.808  -0.277  1.00 32.62 ? 2096 HOH A O   1 
HETATM 984  O  O   . HOH D 3 .   ? 4.497   -8.953  -2.971  1.00 39.43 ? 2097 HOH A O   1 
HETATM 985  O  O   . HOH D 3 .   ? -1.150  -8.301  -8.117  1.00 42.63 ? 2098 HOH A O   1 
HETATM 986  O  O   . HOH D 3 .   ? -2.197  -5.120  -5.291  1.00 30.45 ? 2099 HOH A O   1 
HETATM 987  O  O   . HOH D 3 .   ? -5.342  1.062   -15.459 1.00 28.91 ? 2100 HOH A O   1 
HETATM 988  O  O   . HOH D 3 .   ? -4.064  -3.577  -16.572 0.50 39.19 ? 2101 HOH A O   1 
HETATM 989  O  O   . HOH D 3 .   ? -4.147  -0.720  -23.338 1.00 25.20 ? 2102 HOH A O   1 
HETATM 990  O  O   . HOH D 3 .   ? 0.505   -5.706  -23.945 1.00 38.52 ? 2103 HOH A O   1 
HETATM 991  O  O   . HOH D 3 .   ? 4.192   -2.934  -18.272 1.00 51.75 ? 2104 HOH A O   1 
HETATM 992  O  O   . HOH D 3 .   ? 4.936   -6.144  -16.283 1.00 47.47 ? 2105 HOH A O   1 
HETATM 993  O  O   . HOH D 3 .   ? 1.840   -8.594  -16.047 1.00 40.40 ? 2106 HOH A O   1 
HETATM 994  O  O   . HOH D 3 .   ? 7.106   1.523   -15.263 1.00 39.71 ? 2107 HOH A O   1 
HETATM 995  O  O   . HOH D 3 .   ? 7.942   -2.771  -13.532 1.00 42.06 ? 2108 HOH A O   1 
HETATM 996  O  O   . HOH D 3 .   ? 5.940   -6.637  -12.410 1.00 35.24 ? 2109 HOH A O   1 
HETATM 997  O  O   . HOH D 3 .   ? 6.826   1.495   7.139   1.00 27.16 ? 2110 HOH A O   1 
HETATM 998  O  O   . HOH D 3 .   ? 9.908   2.168   7.352   1.00 42.45 ? 2111 HOH A O   1 
HETATM 999  O  O   . HOH D 3 .   ? 5.274   -4.739  2.641   1.00 27.02 ? 2112 HOH A O   1 
HETATM 1000 O  O   . HOH D 3 .   ? 12.275  3.102   10.874  1.00 55.20 ? 2113 HOH A O   1 
HETATM 1001 O  O   . HOH D 3 .   ? 12.469  1.357   12.996  1.00 53.14 ? 2114 HOH A O   1 
HETATM 1002 O  O   . HOH D 3 .   ? -3.988  -4.346  20.232  1.00 37.14 ? 2115 HOH A O   1 
HETATM 1003 O  O   . HOH D 3 .   ? -3.164  3.188   18.587  1.00 50.81 ? 2116 HOH A O   1 
HETATM 1004 O  O   . HOH D 3 .   ? -7.596  0.379   23.648  1.00 36.90 ? 2117 HOH A O   1 
HETATM 1005 O  O   . HOH D 3 .   ? -1.319  -3.614  20.317  1.00 49.83 ? 2118 HOH A O   1 
HETATM 1006 O  O   . HOH D 3 .   ? 1.743   0.207   21.459  1.00 58.99 ? 2119 HOH A O   1 
# 
loop_
_pdbx_poly_seq_scheme.asym_id 
_pdbx_poly_seq_scheme.entity_id 
_pdbx_poly_seq_scheme.seq_id 
_pdbx_poly_seq_scheme.mon_id 
_pdbx_poly_seq_scheme.ndb_seq_num 
_pdbx_poly_seq_scheme.pdb_seq_num 
_pdbx_poly_seq_scheme.auth_seq_num 
_pdbx_poly_seq_scheme.pdb_mon_id 
_pdbx_poly_seq_scheme.auth_mon_id 
_pdbx_poly_seq_scheme.pdb_strand_id 
_pdbx_poly_seq_scheme.pdb_ins_code 
_pdbx_poly_seq_scheme.hetero 
A 1 1   SER 1   46  ?   ?   ?   A . n 
A 1 2   GLY 2   47  ?   ?   ?   A . n 
A 1 3   ASP 3   48  ?   ?   ?   A . n 
A 1 4   ARG 4   49  ?   ?   ?   A . n 
A 1 5   SER 5   50  ?   ?   ?   A . n 
A 1 6   MET 6   51  ?   ?   ?   A . n 
A 1 7   VAL 7   52  ?   ?   ?   A . n 
A 1 8   GLU 8   53  ?   ?   ?   A . n 
A 1 9   VAL 9   54  ?   ?   ?   A . n 
A 1 10  LEU 10  55  ?   ?   ?   A . n 
A 1 11  ALA 11  56  ?   ?   ?   A . n 
A 1 12  ASP 12  57  ?   ?   ?   A . n 
A 1 13  HIS 13  58  ?   ?   ?   A . n 
A 1 14  PRO 14  59  ?   ?   ?   A . n 
A 1 15  GLY 15  60  60  GLY GLY A . n 
A 1 16  GLU 16  61  61  GLU GLU A . n 
A 1 17  LEU 17  62  62  LEU LEU A . n 
A 1 18  VAL 18  63  63  VAL VAL A . n 
A 1 19  ARG 19  64  64  ARG ARG A . n 
A 1 20  THR 20  65  65  THR THR A . n 
A 1 21  ASP 21  66  66  ASP ASP A . n 
A 1 22  SER 22  67  67  SER SER A . n 
A 1 23  PRO 23  68  68  PRO PRO A . n 
A 1 24  ASN 24  69  69  ASN ASN A . n 
A 1 25  PHE 25  70  70  PHE PHE A . n 
A 1 26  LEU 26  71  71  LEU LEU A . n 
A 1 27  SER 27  72  72  SER SER A . n 
A 1 28  SER 28  73  73  SER SER A . n 
A 1 29  VAL 29  74  74  VAL VAL A . n 
A 1 30  LEU 30  75  75  LEU LEU A . n 
A 1 31  PRO 31  76  76  PRO PRO A . n 
A 1 32  THR 32  77  77  THR THR A . n 
A 1 33  HIS 33  78  78  HIS HIS A . n 
A 1 34  TRP 34  79  79  TRP TRP A . n 
A 1 35  ARG 35  80  80  ARG ARG A . n 
A 1 36  SER 36  81  81  SER SER A . n 
A 1 37  ASN 37  82  82  ASN ASN A . n 
A 1 38  LYS 38  83  83  LYS LYS A . n 
A 1 39  THR 39  84  84  THR THR A . n 
A 1 40  LEU 40  85  85  LEU LEU A . n 
A 1 41  PRO 41  86  86  PRO PRO A . n 
A 1 42  ILE 42  87  87  ILE ILE A . n 
A 1 43  ALA 43  88  88  ALA ALA A . n 
A 1 44  PHE 44  89  89  PHE PHE A . n 
A 1 45  LYS 45  90  90  LYS LYS A . n 
A 1 46  VAL 46  91  91  VAL VAL A . n 
A 1 47  VAL 47  92  92  VAL VAL A . n 
A 1 48  ALA 48  93  93  ALA ALA A . n 
A 1 49  LEU 49  94  94  LEU LEU A . n 
A 1 50  GLY 50  95  95  GLY GLY A . n 
A 1 51  ASP 51  96  96  ASP ASP A . n 
A 1 52  VAL 52  97  97  VAL VAL A . n 
A 1 53  PRO 53  98  98  PRO PRO A . n 
A 1 54  ASP 54  99  99  ASP ASP A . n 
A 1 55  GLY 55  100 100 GLY GLY A . n 
A 1 56  THR 56  101 101 THR THR A . n 
A 1 57  LEU 57  102 102 LEU LEU A . n 
A 1 58  VAL 58  103 103 VAL VAL A . n 
A 1 59  THR 59  104 104 THR THR A . n 
A 1 60  VAL 60  105 105 VAL VAL A . n 
A 1 61  MET 61  106 106 MET MET A . n 
A 1 62  ALA 62  107 107 ALA ALA A . n 
A 1 63  GLY 63  108 108 GLY GLY A . n 
A 1 64  ASN 64  109 109 ASN ASN A . n 
A 1 65  ASP 65  110 110 ASP ASP A . n 
A 1 66  GLU 66  111 111 GLU GLU A . n 
A 1 67  ASN 67  112 112 ASN ASN A . n 
A 1 68  TYR 68  113 113 TYR TYR A . n 
A 1 69  SER 69  114 114 SER SER A . n 
A 1 70  ALA 70  115 115 ALA ALA A . n 
A 1 71  GLU 71  116 116 GLU GLU A . n 
A 1 72  LEU 72  117 117 LEU LEU A . n 
A 1 73  ARG 73  118 118 ARG ARG A . n 
A 1 74  ASN 74  119 119 ASN ASN A . n 
A 1 75  ALA 75  120 120 ALA ALA A . n 
A 1 76  THR 76  121 121 THR THR A . n 
A 1 77  ALA 77  122 122 ALA ALA A . n 
A 1 78  ALA 78  123 123 ALA ALA A . n 
A 1 79  MET 79  124 124 MET MET A . n 
A 1 80  LYS 80  125 125 LYS LYS A . n 
A 1 81  ASN 81  126 126 ASN ASN A . n 
A 1 82  GLN 82  127 127 GLN GLN A . n 
A 1 83  VAL 83  128 128 VAL VAL A . n 
A 1 84  ALA 84  129 129 ALA ALA A . n 
A 1 85  ARG 85  130 130 ARG ARG A . n 
A 1 86  PHE 86  131 131 PHE PHE A . n 
A 1 87  ASN 87  132 132 ASN ASN A . n 
A 1 88  ASP 88  133 133 ASP ASP A . n 
A 1 89  LEU 89  134 134 LEU LEU A . n 
A 1 90  ARG 90  135 135 ARG ARG A . n 
A 1 91  PHE 91  136 136 PHE PHE A . n 
A 1 92  VAL 92  137 137 VAL VAL A . n 
A 1 93  GLY 93  138 138 GLY GLY A . n 
A 1 94  ARG 94  139 139 ARG ARG A . n 
A 1 95  SER 95  140 140 SER SER A . n 
A 1 96  GLY 96  141 141 GLY GLY A . n 
A 1 97  ARG 97  142 142 ARG ARG A . n 
A 1 98  GLY 98  143 143 GLY GLY A . n 
A 1 99  LYS 99  144 144 LYS LYS A . n 
A 1 100 SER 100 145 145 SER SER A . n 
A 1 101 PHE 101 146 146 PHE PHE A . n 
A 1 102 THR 102 147 147 THR THR A . n 
A 1 103 LEU 103 148 148 LEU LEU A . n 
A 1 104 THR 104 149 149 THR THR A . n 
A 1 105 ILE 105 150 150 ILE ILE A . n 
A 1 106 THR 106 151 151 THR THR A . n 
A 1 107 VAL 107 152 152 VAL VAL A . n 
A 1 108 PHE 108 153 153 PHE PHE A . n 
A 1 109 THR 109 154 154 THR THR A . n 
A 1 110 ASN 110 155 155 ASN ASN A . n 
A 1 111 PRO 111 156 156 PRO PRO A . n 
A 1 112 PRO 112 157 157 PRO PRO A . n 
A 1 113 GLN 113 158 158 GLN GLN A . n 
A 1 114 VAL 114 159 159 VAL VAL A . n 
A 1 115 ALA 115 160 160 ALA ALA A . n 
A 1 116 THR 116 161 161 THR THR A . n 
A 1 117 TYR 117 162 162 TYR TYR A . n 
A 1 118 HIS 118 163 163 HIS HIS A . n 
A 1 119 ARG 119 164 164 ARG ARG A . n 
A 1 120 ALA 120 165 165 ALA ALA A . n 
A 1 121 ILE 121 166 166 ILE ILE A . n 
A 1 122 LYS 122 167 167 LYS LYS A . n 
A 1 123 ILE 123 168 168 ILE ILE A . n 
A 1 124 THR 124 169 169 THR THR A . n 
A 1 125 VAL 125 170 170 VAL VAL A . n 
A 1 126 ASP 126 171 171 ASP ASP A . n 
A 1 127 GLY 127 172 172 GLY GLY A . n 
A 1 128 PRO 128 173 173 PRO PRO A . n 
A 1 129 ARG 129 174 ?   ?   ?   A . n 
A 1 130 GLU 130 175 ?   ?   ?   A . n 
A 1 131 PRO 131 176 ?   ?   ?   A . n 
A 1 132 ARG 132 177 ?   ?   ?   A . n 
A 1 133 ARG 133 178 ?   ?   ?   A . n 
A 1 134 HIS 134 179 ?   ?   ?   A . n 
A 1 135 ARG 135 180 ?   ?   ?   A . n 
A 1 136 GLN 136 181 ?   ?   ?   A . n 
A 1 137 LYS 137 182 ?   ?   ?   A . n 
A 1 138 LEU 138 183 ?   ?   ?   A . n 
A 1 139 ASP 139 184 ?   ?   ?   A . n 
A 1 140 ASP 140 185 ?   ?   ?   A . n 
# 
loop_
_pdbx_nonpoly_scheme.asym_id 
_pdbx_nonpoly_scheme.entity_id 
_pdbx_nonpoly_scheme.mon_id 
_pdbx_nonpoly_scheme.ndb_seq_num 
_pdbx_nonpoly_scheme.pdb_seq_num 
_pdbx_nonpoly_scheme.auth_seq_num 
_pdbx_nonpoly_scheme.pdb_mon_id 
_pdbx_nonpoly_scheme.auth_mon_id 
_pdbx_nonpoly_scheme.pdb_strand_id 
_pdbx_nonpoly_scheme.pdb_ins_code 
B 2 CL  1   1174 1174 CL  CL  A . 
C 2 CL  1   1175 1175 CL  CL  A . 
D 3 HOH 1   2001 2001 HOH HOH A . 
D 3 HOH 2   2002 2002 HOH HOH A . 
D 3 HOH 3   2003 2003 HOH HOH A . 
D 3 HOH 4   2004 2004 HOH HOH A . 
D 3 HOH 5   2005 2005 HOH HOH A . 
D 3 HOH 6   2006 2006 HOH HOH A . 
D 3 HOH 7   2007 2007 HOH HOH A . 
D 3 HOH 8   2008 2008 HOH HOH A . 
D 3 HOH 9   2009 2009 HOH HOH A . 
D 3 HOH 10  2010 2010 HOH HOH A . 
D 3 HOH 11  2011 2011 HOH HOH A . 
D 3 HOH 12  2012 2012 HOH HOH A . 
D 3 HOH 13  2013 2013 HOH HOH A . 
D 3 HOH 14  2014 2014 HOH HOH A . 
D 3 HOH 15  2015 2015 HOH HOH A . 
D 3 HOH 16  2016 2016 HOH HOH A . 
D 3 HOH 17  2017 2017 HOH HOH A . 
D 3 HOH 18  2018 2018 HOH HOH A . 
D 3 HOH 19  2019 2019 HOH HOH A . 
D 3 HOH 20  2020 2020 HOH HOH A . 
D 3 HOH 21  2021 2021 HOH HOH A . 
D 3 HOH 22  2022 2022 HOH HOH A . 
D 3 HOH 23  2023 2023 HOH HOH A . 
D 3 HOH 24  2024 2024 HOH HOH A . 
D 3 HOH 25  2025 2025 HOH HOH A . 
D 3 HOH 26  2026 2026 HOH HOH A . 
D 3 HOH 27  2027 2027 HOH HOH A . 
D 3 HOH 28  2028 2028 HOH HOH A . 
D 3 HOH 29  2029 2029 HOH HOH A . 
D 3 HOH 30  2030 2030 HOH HOH A . 
D 3 HOH 31  2031 2031 HOH HOH A . 
D 3 HOH 32  2032 2032 HOH HOH A . 
D 3 HOH 33  2033 2033 HOH HOH A . 
D 3 HOH 34  2034 2034 HOH HOH A . 
D 3 HOH 35  2035 2035 HOH HOH A . 
D 3 HOH 36  2036 2036 HOH HOH A . 
D 3 HOH 37  2037 2037 HOH HOH A . 
D 3 HOH 38  2038 2038 HOH HOH A . 
D 3 HOH 39  2039 2039 HOH HOH A . 
D 3 HOH 40  2040 2040 HOH HOH A . 
D 3 HOH 41  2041 2041 HOH HOH A . 
D 3 HOH 42  2042 2042 HOH HOH A . 
D 3 HOH 43  2043 2043 HOH HOH A . 
D 3 HOH 44  2044 2044 HOH HOH A . 
D 3 HOH 45  2045 2045 HOH HOH A . 
D 3 HOH 46  2046 2046 HOH HOH A . 
D 3 HOH 47  2047 2047 HOH HOH A . 
D 3 HOH 48  2048 2048 HOH HOH A . 
D 3 HOH 49  2049 2049 HOH HOH A . 
D 3 HOH 50  2050 2050 HOH HOH A . 
D 3 HOH 51  2051 2051 HOH HOH A . 
D 3 HOH 52  2052 2052 HOH HOH A . 
D 3 HOH 53  2053 2053 HOH HOH A . 
D 3 HOH 54  2054 2054 HOH HOH A . 
D 3 HOH 55  2055 2055 HOH HOH A . 
D 3 HOH 56  2056 2056 HOH HOH A . 
D 3 HOH 57  2057 2057 HOH HOH A . 
D 3 HOH 58  2058 2058 HOH HOH A . 
D 3 HOH 59  2059 2059 HOH HOH A . 
D 3 HOH 60  2060 2060 HOH HOH A . 
D 3 HOH 61  2061 2061 HOH HOH A . 
D 3 HOH 62  2062 2062 HOH HOH A . 
D 3 HOH 63  2063 2063 HOH HOH A . 
D 3 HOH 64  2064 2064 HOH HOH A . 
D 3 HOH 65  2065 2065 HOH HOH A . 
D 3 HOH 66  2066 2066 HOH HOH A . 
D 3 HOH 67  2067 2067 HOH HOH A . 
D 3 HOH 68  2068 2068 HOH HOH A . 
D 3 HOH 69  2069 2069 HOH HOH A . 
D 3 HOH 70  2070 2070 HOH HOH A . 
D 3 HOH 71  2071 2071 HOH HOH A . 
D 3 HOH 72  2072 2072 HOH HOH A . 
D 3 HOH 73  2073 2073 HOH HOH A . 
D 3 HOH 74  2074 2074 HOH HOH A . 
D 3 HOH 75  2075 2075 HOH HOH A . 
D 3 HOH 76  2076 2076 HOH HOH A . 
D 3 HOH 77  2077 2077 HOH HOH A . 
D 3 HOH 78  2078 2078 HOH HOH A . 
D 3 HOH 79  2079 2079 HOH HOH A . 
D 3 HOH 80  2080 2080 HOH HOH A . 
D 3 HOH 81  2081 2081 HOH HOH A . 
D 3 HOH 82  2082 2082 HOH HOH A . 
D 3 HOH 83  2083 2083 HOH HOH A . 
D 3 HOH 84  2084 2084 HOH HOH A . 
D 3 HOH 85  2085 2085 HOH HOH A . 
D 3 HOH 86  2086 2086 HOH HOH A . 
D 3 HOH 87  2087 2087 HOH HOH A . 
D 3 HOH 88  2088 2088 HOH HOH A . 
D 3 HOH 89  2089 2089 HOH HOH A . 
D 3 HOH 90  2090 2090 HOH HOH A . 
D 3 HOH 91  2091 2091 HOH HOH A . 
D 3 HOH 92  2092 2092 HOH HOH A . 
D 3 HOH 93  2093 2093 HOH HOH A . 
D 3 HOH 94  2094 2094 HOH HOH A . 
D 3 HOH 95  2095 2095 HOH HOH A . 
D 3 HOH 96  2096 2096 HOH HOH A . 
D 3 HOH 97  2097 2097 HOH HOH A . 
D 3 HOH 98  2098 2098 HOH HOH A . 
D 3 HOH 99  2099 2099 HOH HOH A . 
D 3 HOH 100 2100 2100 HOH HOH A . 
D 3 HOH 101 2101 2101 HOH HOH A . 
D 3 HOH 102 2102 2102 HOH HOH A . 
D 3 HOH 103 2103 2103 HOH HOH A . 
D 3 HOH 104 2104 2104 HOH HOH A . 
D 3 HOH 105 2105 2105 HOH HOH A . 
D 3 HOH 106 2106 2106 HOH HOH A . 
D 3 HOH 107 2107 2107 HOH HOH A . 
D 3 HOH 108 2108 2108 HOH HOH A . 
D 3 HOH 109 2109 2109 HOH HOH A . 
D 3 HOH 110 2110 2110 HOH HOH A . 
D 3 HOH 111 2111 2111 HOH HOH A . 
D 3 HOH 112 2112 2112 HOH HOH A . 
D 3 HOH 113 2113 2113 HOH HOH A . 
D 3 HOH 114 2114 2114 HOH HOH A . 
D 3 HOH 115 2115 2115 HOH HOH A . 
D 3 HOH 116 2116 2116 HOH HOH A . 
D 3 HOH 117 2117 2117 HOH HOH A . 
D 3 HOH 118 2118 2118 HOH HOH A . 
D 3 HOH 119 2119 2119 HOH HOH A . 
# 
_pdbx_struct_assembly.id                   1 
_pdbx_struct_assembly.details              author_and_software_defined_assembly 
_pdbx_struct_assembly.method_details       PISA 
_pdbx_struct_assembly.oligomeric_details   monomeric 
_pdbx_struct_assembly.oligomeric_count     1 
# 
_pdbx_struct_assembly_gen.assembly_id       1 
_pdbx_struct_assembly_gen.oper_expression   1 
_pdbx_struct_assembly_gen.asym_id_list      A,B,C,D 
# 
_pdbx_struct_oper_list.id                   1 
_pdbx_struct_oper_list.type                 'identity operation' 
_pdbx_struct_oper_list.name                 1_555 
_pdbx_struct_oper_list.symmetry_operation   x,y,z 
_pdbx_struct_oper_list.matrix[1][1]         1.0000000000 
_pdbx_struct_oper_list.matrix[1][2]         0.0000000000 
_pdbx_struct_oper_list.matrix[1][3]         0.0000000000 
_pdbx_struct_oper_list.vector[1]            0.0000000000 
_pdbx_struct_oper_list.matrix[2][1]         0.0000000000 
_pdbx_struct_oper_list.matrix[2][2]         1.0000000000 
_pdbx_struct_oper_list.matrix[2][3]         0.0000000000 
_pdbx_struct_oper_list.vector[2]            0.0000000000 
_pdbx_struct_oper_list.matrix[3][1]         0.0000000000 
_pdbx_struct_oper_list.matrix[3][2]         0.0000000000 
_pdbx_struct_oper_list.matrix[3][3]         1.0000000000 
_pdbx_struct_oper_list.vector[3]            0.0000000000 
# 
_pdbx_struct_special_symmetry.id              1 
_pdbx_struct_special_symmetry.PDB_model_num   1 
_pdbx_struct_special_symmetry.auth_asym_id    A 
_pdbx_struct_special_symmetry.auth_comp_id    HOH 
_pdbx_struct_special_symmetry.auth_seq_id     2101 
_pdbx_struct_special_symmetry.PDB_ins_code    ? 
_pdbx_struct_special_symmetry.label_asym_id   D 
_pdbx_struct_special_symmetry.label_comp_id   HOH 
_pdbx_struct_special_symmetry.label_seq_id    . 
# 
loop_
_pdbx_audit_revision_history.ordinal 
_pdbx_audit_revision_history.data_content_type 
_pdbx_audit_revision_history.major_revision 
_pdbx_audit_revision_history.minor_revision 
_pdbx_audit_revision_history.revision_date 
1 'Structure model' 1 0 2002-09-12 
2 'Structure model' 1 1 2011-07-13 
3 'Structure model' 1 2 2017-03-29 
4 'Structure model' 1 3 2023-12-13 
# 
_pdbx_audit_revision_details.ordinal             1 
_pdbx_audit_revision_details.revision_ordinal    1 
_pdbx_audit_revision_details.data_content_type   'Structure model' 
_pdbx_audit_revision_details.provider            repository 
_pdbx_audit_revision_details.type                'Initial release' 
_pdbx_audit_revision_details.description         ? 
_pdbx_audit_revision_details.details             ? 
# 
loop_
_pdbx_audit_revision_group.ordinal 
_pdbx_audit_revision_group.revision_ordinal 
_pdbx_audit_revision_group.data_content_type 
_pdbx_audit_revision_group.group 
1 2 'Structure model' Advisory                    
2 2 'Structure model' 'Version format compliance' 
3 3 'Structure model' 'Structure summary'         
4 4 'Structure model' 'Data collection'           
5 4 'Structure model' 'Database references'       
6 4 'Structure model' 'Derived calculations'      
7 4 'Structure model' Other                       
8 4 'Structure model' 'Refinement description'    
# 
loop_
_pdbx_audit_revision_category.ordinal 
_pdbx_audit_revision_category.revision_ordinal 
_pdbx_audit_revision_category.data_content_type 
_pdbx_audit_revision_category.category 
1 4 'Structure model' chem_comp_atom                
2 4 'Structure model' chem_comp_bond                
3 4 'Structure model' database_2                    
4 4 'Structure model' pdbx_database_status          
5 4 'Structure model' pdbx_initial_refinement_model 
6 4 'Structure model' pdbx_struct_special_symmetry  
# 
loop_
_pdbx_audit_revision_item.ordinal 
_pdbx_audit_revision_item.revision_ordinal 
_pdbx_audit_revision_item.data_content_type 
_pdbx_audit_revision_item.item 
1 4 'Structure model' '_database_2.pdbx_DOI'                 
2 4 'Structure model' '_database_2.pdbx_database_accession'  
3 4 'Structure model' '_pdbx_database_status.status_code_sf' 
# 
_pdbx_refine_tls.pdbx_refine_id   'X-RAY DIFFRACTION' 
_pdbx_refine_tls.id               1 
_pdbx_refine_tls.details          ? 
_pdbx_refine_tls.method           refined 
_pdbx_refine_tls.origin_x         -0.1059 
_pdbx_refine_tls.origin_y         0.2094 
_pdbx_refine_tls.origin_z         0.4690 
_pdbx_refine_tls.T[1][1]          0.0202 
_pdbx_refine_tls.T[2][2]          0.0597 
_pdbx_refine_tls.T[3][3]          0.0391 
_pdbx_refine_tls.T[1][2]          -0.0286 
_pdbx_refine_tls.T[1][3]          0.0249 
_pdbx_refine_tls.T[2][3]          -0.0347 
_pdbx_refine_tls.L[1][1]          2.3584 
_pdbx_refine_tls.L[2][2]          0.8729 
_pdbx_refine_tls.L[3][3]          3.2357 
_pdbx_refine_tls.L[1][2]          0.1089 
_pdbx_refine_tls.L[1][3]          -0.2603 
_pdbx_refine_tls.L[2][3]          0.2304 
_pdbx_refine_tls.S[1][1]          -0.0857 
_pdbx_refine_tls.S[1][2]          -0.0943 
_pdbx_refine_tls.S[1][3]          -0.0242 
_pdbx_refine_tls.S[2][1]          -0.0397 
_pdbx_refine_tls.S[2][2]          0.0731 
_pdbx_refine_tls.S[2][3]          0.0906 
_pdbx_refine_tls.S[3][1]          -0.0526 
_pdbx_refine_tls.S[3][2]          0.0791 
_pdbx_refine_tls.S[3][3]          0.0125 
# 
_pdbx_refine_tls_group.pdbx_refine_id      'X-RAY DIFFRACTION' 
_pdbx_refine_tls_group.id                  1 
_pdbx_refine_tls_group.refine_tls_id       1 
_pdbx_refine_tls_group.beg_auth_asym_id    A 
_pdbx_refine_tls_group.beg_auth_seq_id     6 
_pdbx_refine_tls_group.beg_label_asym_id   ? 
_pdbx_refine_tls_group.beg_label_seq_id    ? 
_pdbx_refine_tls_group.end_auth_asym_id    A 
_pdbx_refine_tls_group.end_auth_seq_id     173 
_pdbx_refine_tls_group.end_label_asym_id   ? 
_pdbx_refine_tls_group.end_label_seq_id    ? 
_pdbx_refine_tls_group.selection           ? 
_pdbx_refine_tls_group.selection_details   ? 
# 
loop_
_software.name 
_software.classification 
_software.version 
_software.citation_id 
_software.pdbx_ordinal 
REFMAC    refinement       5.0.36 ? 1 
HKL-2000  'data reduction' .      ? 2 
SCALEPACK 'data scaling'   .      ? 3 
CNS       phasing          .      ? 4 
# 
_pdbx_entry_details.entry_id                 1EAN 
_pdbx_entry_details.compound_details         
;CHAIN A ENGINEERED MUTATION CYS72SER, CYS81SER

 CBF BINDS TO THE CORE SITE, OF A NUMBER OF ENHANCERS AND PROMOTERS,
  INCLUDING MURINE LEUKEMIA VIRUS, POLYOMAVIRUS ENHANCER,
  T-CELL RECEPTOR ENHANCERS, LCK, IL-3 AND GM-CSF PROMOTERS.
;
_pdbx_entry_details.source_details           ? 
_pdbx_entry_details.nonpolymer_details       ? 
_pdbx_entry_details.sequence_details         ? 
_pdbx_entry_details.has_ligand_of_interest   ? 
# 
loop_
_pdbx_validate_torsion.id 
_pdbx_validate_torsion.PDB_model_num 
_pdbx_validate_torsion.auth_comp_id 
_pdbx_validate_torsion.auth_asym_id 
_pdbx_validate_torsion.auth_seq_id 
_pdbx_validate_torsion.PDB_ins_code 
_pdbx_validate_torsion.label_alt_id 
_pdbx_validate_torsion.phi 
_pdbx_validate_torsion.psi 
1 1 ASP A 133 ? ? -157.51 56.16 
2 1 ARG A 142 ? ? -61.79  93.93 
# 
_pdbx_distant_solvent_atoms.id                                1 
_pdbx_distant_solvent_atoms.PDB_model_num                     1 
_pdbx_distant_solvent_atoms.auth_atom_id                      O 
_pdbx_distant_solvent_atoms.label_alt_id                      ? 
_pdbx_distant_solvent_atoms.auth_asym_id                      A 
_pdbx_distant_solvent_atoms.auth_comp_id                      HOH 
_pdbx_distant_solvent_atoms.auth_seq_id                       2045 
_pdbx_distant_solvent_atoms.PDB_ins_code                      ? 
_pdbx_distant_solvent_atoms.neighbor_macromolecule_distance   6.03 
_pdbx_distant_solvent_atoms.neighbor_ligand_distance          . 
# 
loop_
_pdbx_unobs_or_zero_occ_residues.id 
_pdbx_unobs_or_zero_occ_residues.PDB_model_num 
_pdbx_unobs_or_zero_occ_residues.polymer_flag 
_pdbx_unobs_or_zero_occ_residues.occupancy_flag 
_pdbx_unobs_or_zero_occ_residues.auth_asym_id 
_pdbx_unobs_or_zero_occ_residues.auth_comp_id 
_pdbx_unobs_or_zero_occ_residues.auth_seq_id 
_pdbx_unobs_or_zero_occ_residues.PDB_ins_code 
_pdbx_unobs_or_zero_occ_residues.label_asym_id 
_pdbx_unobs_or_zero_occ_residues.label_comp_id 
_pdbx_unobs_or_zero_occ_residues.label_seq_id 
1  1 Y 1 A SER 46  ? A SER 1   
2  1 Y 1 A GLY 47  ? A GLY 2   
3  1 Y 1 A ASP 48  ? A ASP 3   
4  1 Y 1 A ARG 49  ? A ARG 4   
5  1 Y 1 A SER 50  ? A SER 5   
6  1 Y 1 A MET 51  ? A MET 6   
7  1 Y 1 A VAL 52  ? A VAL 7   
8  1 Y 1 A GLU 53  ? A GLU 8   
9  1 Y 1 A VAL 54  ? A VAL 9   
10 1 Y 1 A LEU 55  ? A LEU 10  
11 1 Y 1 A ALA 56  ? A ALA 11  
12 1 Y 1 A ASP 57  ? A ASP 12  
13 1 Y 1 A HIS 58  ? A HIS 13  
14 1 Y 1 A PRO 59  ? A PRO 14  
15 1 Y 1 A ARG 174 ? A ARG 129 
16 1 Y 1 A GLU 175 ? A GLU 130 
17 1 Y 1 A PRO 176 ? A PRO 131 
18 1 Y 1 A ARG 177 ? A ARG 132 
19 1 Y 1 A ARG 178 ? A ARG 133 
20 1 Y 1 A HIS 179 ? A HIS 134 
21 1 Y 1 A ARG 180 ? A ARG 135 
22 1 Y 1 A GLN 181 ? A GLN 136 
23 1 Y 1 A LYS 182 ? A LYS 137 
24 1 Y 1 A LEU 183 ? A LEU 138 
25 1 Y 1 A ASP 184 ? A ASP 139 
26 1 Y 1 A ASP 185 ? A ASP 140 
# 
loop_
_chem_comp_atom.comp_id 
_chem_comp_atom.atom_id 
_chem_comp_atom.type_symbol 
_chem_comp_atom.pdbx_aromatic_flag 
_chem_comp_atom.pdbx_stereo_config 
_chem_comp_atom.pdbx_ordinal 
ALA N    N  N N 1   
ALA CA   C  N S 2   
ALA C    C  N N 3   
ALA O    O  N N 4   
ALA CB   C  N N 5   
ALA OXT  O  N N 6   
ALA H    H  N N 7   
ALA H2   H  N N 8   
ALA HA   H  N N 9   
ALA HB1  H  N N 10  
ALA HB2  H  N N 11  
ALA HB3  H  N N 12  
ALA HXT  H  N N 13  
ARG N    N  N N 14  
ARG CA   C  N S 15  
ARG C    C  N N 16  
ARG O    O  N N 17  
ARG CB   C  N N 18  
ARG CG   C  N N 19  
ARG CD   C  N N 20  
ARG NE   N  N N 21  
ARG CZ   C  N N 22  
ARG NH1  N  N N 23  
ARG NH2  N  N N 24  
ARG OXT  O  N N 25  
ARG H    H  N N 26  
ARG H2   H  N N 27  
ARG HA   H  N N 28  
ARG HB2  H  N N 29  
ARG HB3  H  N N 30  
ARG HG2  H  N N 31  
ARG HG3  H  N N 32  
ARG HD2  H  N N 33  
ARG HD3  H  N N 34  
ARG HE   H  N N 35  
ARG HH11 H  N N 36  
ARG HH12 H  N N 37  
ARG HH21 H  N N 38  
ARG HH22 H  N N 39  
ARG HXT  H  N N 40  
ASN N    N  N N 41  
ASN CA   C  N S 42  
ASN C    C  N N 43  
ASN O    O  N N 44  
ASN CB   C  N N 45  
ASN CG   C  N N 46  
ASN OD1  O  N N 47  
ASN ND2  N  N N 48  
ASN OXT  O  N N 49  
ASN H    H  N N 50  
ASN H2   H  N N 51  
ASN HA   H  N N 52  
ASN HB2  H  N N 53  
ASN HB3  H  N N 54  
ASN HD21 H  N N 55  
ASN HD22 H  N N 56  
ASN HXT  H  N N 57  
ASP N    N  N N 58  
ASP CA   C  N S 59  
ASP C    C  N N 60  
ASP O    O  N N 61  
ASP CB   C  N N 62  
ASP CG   C  N N 63  
ASP OD1  O  N N 64  
ASP OD2  O  N N 65  
ASP OXT  O  N N 66  
ASP H    H  N N 67  
ASP H2   H  N N 68  
ASP HA   H  N N 69  
ASP HB2  H  N N 70  
ASP HB3  H  N N 71  
ASP HD2  H  N N 72  
ASP HXT  H  N N 73  
CL  CL   CL N N 74  
CYS N    N  N N 75  
CYS CA   C  N R 76  
CYS C    C  N N 77  
CYS O    O  N N 78  
CYS CB   C  N N 79  
CYS SG   S  N N 80  
CYS OXT  O  N N 81  
CYS H    H  N N 82  
CYS H2   H  N N 83  
CYS HA   H  N N 84  
CYS HB2  H  N N 85  
CYS HB3  H  N N 86  
CYS HG   H  N N 87  
CYS HXT  H  N N 88  
GLN N    N  N N 89  
GLN CA   C  N S 90  
GLN C    C  N N 91  
GLN O    O  N N 92  
GLN CB   C  N N 93  
GLN CG   C  N N 94  
GLN CD   C  N N 95  
GLN OE1  O  N N 96  
GLN NE2  N  N N 97  
GLN OXT  O  N N 98  
GLN H    H  N N 99  
GLN H2   H  N N 100 
GLN HA   H  N N 101 
GLN HB2  H  N N 102 
GLN HB3  H  N N 103 
GLN HG2  H  N N 104 
GLN HG3  H  N N 105 
GLN HE21 H  N N 106 
GLN HE22 H  N N 107 
GLN HXT  H  N N 108 
GLU N    N  N N 109 
GLU CA   C  N S 110 
GLU C    C  N N 111 
GLU O    O  N N 112 
GLU CB   C  N N 113 
GLU CG   C  N N 114 
GLU CD   C  N N 115 
GLU OE1  O  N N 116 
GLU OE2  O  N N 117 
GLU OXT  O  N N 118 
GLU H    H  N N 119 
GLU H2   H  N N 120 
GLU HA   H  N N 121 
GLU HB2  H  N N 122 
GLU HB3  H  N N 123 
GLU HG2  H  N N 124 
GLU HG3  H  N N 125 
GLU HE2  H  N N 126 
GLU HXT  H  N N 127 
GLY N    N  N N 128 
GLY CA   C  N N 129 
GLY C    C  N N 130 
GLY O    O  N N 131 
GLY OXT  O  N N 132 
GLY H    H  N N 133 
GLY H2   H  N N 134 
GLY HA2  H  N N 135 
GLY HA3  H  N N 136 
GLY HXT  H  N N 137 
HIS N    N  N N 138 
HIS CA   C  N S 139 
HIS C    C  N N 140 
HIS O    O  N N 141 
HIS CB   C  N N 142 
HIS CG   C  Y N 143 
HIS ND1  N  Y N 144 
HIS CD2  C  Y N 145 
HIS CE1  C  Y N 146 
HIS NE2  N  Y N 147 
HIS OXT  O  N N 148 
HIS H    H  N N 149 
HIS H2   H  N N 150 
HIS HA   H  N N 151 
HIS HB2  H  N N 152 
HIS HB3  H  N N 153 
HIS HD1  H  N N 154 
HIS HD2  H  N N 155 
HIS HE1  H  N N 156 
HIS HE2  H  N N 157 
HIS HXT  H  N N 158 
HOH O    O  N N 159 
HOH H1   H  N N 160 
HOH H2   H  N N 161 
ILE N    N  N N 162 
ILE CA   C  N S 163 
ILE C    C  N N 164 
ILE O    O  N N 165 
ILE CB   C  N S 166 
ILE CG1  C  N N 167 
ILE CG2  C  N N 168 
ILE CD1  C  N N 169 
ILE OXT  O  N N 170 
ILE H    H  N N 171 
ILE H2   H  N N 172 
ILE HA   H  N N 173 
ILE HB   H  N N 174 
ILE HG12 H  N N 175 
ILE HG13 H  N N 176 
ILE HG21 H  N N 177 
ILE HG22 H  N N 178 
ILE HG23 H  N N 179 
ILE HD11 H  N N 180 
ILE HD12 H  N N 181 
ILE HD13 H  N N 182 
ILE HXT  H  N N 183 
LEU N    N  N N 184 
LEU CA   C  N S 185 
LEU C    C  N N 186 
LEU O    O  N N 187 
LEU CB   C  N N 188 
LEU CG   C  N N 189 
LEU CD1  C  N N 190 
LEU CD2  C  N N 191 
LEU OXT  O  N N 192 
LEU H    H  N N 193 
LEU H2   H  N N 194 
LEU HA   H  N N 195 
LEU HB2  H  N N 196 
LEU HB3  H  N N 197 
LEU HG   H  N N 198 
LEU HD11 H  N N 199 
LEU HD12 H  N N 200 
LEU HD13 H  N N 201 
LEU HD21 H  N N 202 
LEU HD22 H  N N 203 
LEU HD23 H  N N 204 
LEU HXT  H  N N 205 
LYS N    N  N N 206 
LYS CA   C  N S 207 
LYS C    C  N N 208 
LYS O    O  N N 209 
LYS CB   C  N N 210 
LYS CG   C  N N 211 
LYS CD   C  N N 212 
LYS CE   C  N N 213 
LYS NZ   N  N N 214 
LYS OXT  O  N N 215 
LYS H    H  N N 216 
LYS H2   H  N N 217 
LYS HA   H  N N 218 
LYS HB2  H  N N 219 
LYS HB3  H  N N 220 
LYS HG2  H  N N 221 
LYS HG3  H  N N 222 
LYS HD2  H  N N 223 
LYS HD3  H  N N 224 
LYS HE2  H  N N 225 
LYS HE3  H  N N 226 
LYS HZ1  H  N N 227 
LYS HZ2  H  N N 228 
LYS HZ3  H  N N 229 
LYS HXT  H  N N 230 
MET N    N  N N 231 
MET CA   C  N S 232 
MET C    C  N N 233 
MET O    O  N N 234 
MET CB   C  N N 235 
MET CG   C  N N 236 
MET SD   S  N N 237 
MET CE   C  N N 238 
MET OXT  O  N N 239 
MET H    H  N N 240 
MET H2   H  N N 241 
MET HA   H  N N 242 
MET HB2  H  N N 243 
MET HB3  H  N N 244 
MET HG2  H  N N 245 
MET HG3  H  N N 246 
MET HE1  H  N N 247 
MET HE2  H  N N 248 
MET HE3  H  N N 249 
MET HXT  H  N N 250 
PHE N    N  N N 251 
PHE CA   C  N S 252 
PHE C    C  N N 253 
PHE O    O  N N 254 
PHE CB   C  N N 255 
PHE CG   C  Y N 256 
PHE CD1  C  Y N 257 
PHE CD2  C  Y N 258 
PHE CE1  C  Y N 259 
PHE CE2  C  Y N 260 
PHE CZ   C  Y N 261 
PHE OXT  O  N N 262 
PHE H    H  N N 263 
PHE H2   H  N N 264 
PHE HA   H  N N 265 
PHE HB2  H  N N 266 
PHE HB3  H  N N 267 
PHE HD1  H  N N 268 
PHE HD2  H  N N 269 
PHE HE1  H  N N 270 
PHE HE2  H  N N 271 
PHE HZ   H  N N 272 
PHE HXT  H  N N 273 
PRO N    N  N N 274 
PRO CA   C  N S 275 
PRO C    C  N N 276 
PRO O    O  N N 277 
PRO CB   C  N N 278 
PRO CG   C  N N 279 
PRO CD   C  N N 280 
PRO OXT  O  N N 281 
PRO H    H  N N 282 
PRO HA   H  N N 283 
PRO HB2  H  N N 284 
PRO HB3  H  N N 285 
PRO HG2  H  N N 286 
PRO HG3  H  N N 287 
PRO HD2  H  N N 288 
PRO HD3  H  N N 289 
PRO HXT  H  N N 290 
SER N    N  N N 291 
SER CA   C  N S 292 
SER C    C  N N 293 
SER O    O  N N 294 
SER CB   C  N N 295 
SER OG   O  N N 296 
SER OXT  O  N N 297 
SER H    H  N N 298 
SER H2   H  N N 299 
SER HA   H  N N 300 
SER HB2  H  N N 301 
SER HB3  H  N N 302 
SER HG   H  N N 303 
SER HXT  H  N N 304 
THR N    N  N N 305 
THR CA   C  N S 306 
THR C    C  N N 307 
THR O    O  N N 308 
THR CB   C  N R 309 
THR OG1  O  N N 310 
THR CG2  C  N N 311 
THR OXT  O  N N 312 
THR H    H  N N 313 
THR H2   H  N N 314 
THR HA   H  N N 315 
THR HB   H  N N 316 
THR HG1  H  N N 317 
THR HG21 H  N N 318 
THR HG22 H  N N 319 
THR HG23 H  N N 320 
THR HXT  H  N N 321 
TRP N    N  N N 322 
TRP CA   C  N S 323 
TRP C    C  N N 324 
TRP O    O  N N 325 
TRP CB   C  N N 326 
TRP CG   C  Y N 327 
TRP CD1  C  Y N 328 
TRP CD2  C  Y N 329 
TRP NE1  N  Y N 330 
TRP CE2  C  Y N 331 
TRP CE3  C  Y N 332 
TRP CZ2  C  Y N 333 
TRP CZ3  C  Y N 334 
TRP CH2  C  Y N 335 
TRP OXT  O  N N 336 
TRP H    H  N N 337 
TRP H2   H  N N 338 
TRP HA   H  N N 339 
TRP HB2  H  N N 340 
TRP HB3  H  N N 341 
TRP HD1  H  N N 342 
TRP HE1  H  N N 343 
TRP HE3  H  N N 344 
TRP HZ2  H  N N 345 
TRP HZ3  H  N N 346 
TRP HH2  H  N N 347 
TRP HXT  H  N N 348 
TYR N    N  N N 349 
TYR CA   C  N S 350 
TYR C    C  N N 351 
TYR O    O  N N 352 
TYR CB   C  N N 353 
TYR CG   C  Y N 354 
TYR CD1  C  Y N 355 
TYR CD2  C  Y N 356 
TYR CE1  C  Y N 357 
TYR CE2  C  Y N 358 
TYR CZ   C  Y N 359 
TYR OH   O  N N 360 
TYR OXT  O  N N 361 
TYR H    H  N N 362 
TYR H2   H  N N 363 
TYR HA   H  N N 364 
TYR HB2  H  N N 365 
TYR HB3  H  N N 366 
TYR HD1  H  N N 367 
TYR HD2  H  N N 368 
TYR HE1  H  N N 369 
TYR HE2  H  N N 370 
TYR HH   H  N N 371 
TYR HXT  H  N N 372 
VAL N    N  N N 373 
VAL CA   C  N S 374 
VAL C    C  N N 375 
VAL O    O  N N 376 
VAL CB   C  N N 377 
VAL CG1  C  N N 378 
VAL CG2  C  N N 379 
VAL OXT  O  N N 380 
VAL H    H  N N 381 
VAL H2   H  N N 382 
VAL HA   H  N N 383 
VAL HB   H  N N 384 
VAL HG11 H  N N 385 
VAL HG12 H  N N 386 
VAL HG13 H  N N 387 
VAL HG21 H  N N 388 
VAL HG22 H  N N 389 
VAL HG23 H  N N 390 
VAL HXT  H  N N 391 
# 
loop_
_chem_comp_bond.comp_id 
_chem_comp_bond.atom_id_1 
_chem_comp_bond.atom_id_2 
_chem_comp_bond.value_order 
_chem_comp_bond.pdbx_aromatic_flag 
_chem_comp_bond.pdbx_stereo_config 
_chem_comp_bond.pdbx_ordinal 
ALA N   CA   sing N N 1   
ALA N   H    sing N N 2   
ALA N   H2   sing N N 3   
ALA CA  C    sing N N 4   
ALA CA  CB   sing N N 5   
ALA CA  HA   sing N N 6   
ALA C   O    doub N N 7   
ALA C   OXT  sing N N 8   
ALA CB  HB1  sing N N 9   
ALA CB  HB2  sing N N 10  
ALA CB  HB3  sing N N 11  
ALA OXT HXT  sing N N 12  
ARG N   CA   sing N N 13  
ARG N   H    sing N N 14  
ARG N   H2   sing N N 15  
ARG CA  C    sing N N 16  
ARG CA  CB   sing N N 17  
ARG CA  HA   sing N N 18  
ARG C   O    doub N N 19  
ARG C   OXT  sing N N 20  
ARG CB  CG   sing N N 21  
ARG CB  HB2  sing N N 22  
ARG CB  HB3  sing N N 23  
ARG CG  CD   sing N N 24  
ARG CG  HG2  sing N N 25  
ARG CG  HG3  sing N N 26  
ARG CD  NE   sing N N 27  
ARG CD  HD2  sing N N 28  
ARG CD  HD3  sing N N 29  
ARG NE  CZ   sing N N 30  
ARG NE  HE   sing N N 31  
ARG CZ  NH1  sing N N 32  
ARG CZ  NH2  doub N N 33  
ARG NH1 HH11 sing N N 34  
ARG NH1 HH12 sing N N 35  
ARG NH2 HH21 sing N N 36  
ARG NH2 HH22 sing N N 37  
ARG OXT HXT  sing N N 38  
ASN N   CA   sing N N 39  
ASN N   H    sing N N 40  
ASN N   H2   sing N N 41  
ASN CA  C    sing N N 42  
ASN CA  CB   sing N N 43  
ASN CA  HA   sing N N 44  
ASN C   O    doub N N 45  
ASN C   OXT  sing N N 46  
ASN CB  CG   sing N N 47  
ASN CB  HB2  sing N N 48  
ASN CB  HB3  sing N N 49  
ASN CG  OD1  doub N N 50  
ASN CG  ND2  sing N N 51  
ASN ND2 HD21 sing N N 52  
ASN ND2 HD22 sing N N 53  
ASN OXT HXT  sing N N 54  
ASP N   CA   sing N N 55  
ASP N   H    sing N N 56  
ASP N   H2   sing N N 57  
ASP CA  C    sing N N 58  
ASP CA  CB   sing N N 59  
ASP CA  HA   sing N N 60  
ASP C   O    doub N N 61  
ASP C   OXT  sing N N 62  
ASP CB  CG   sing N N 63  
ASP CB  HB2  sing N N 64  
ASP CB  HB3  sing N N 65  
ASP CG  OD1  doub N N 66  
ASP CG  OD2  sing N N 67  
ASP OD2 HD2  sing N N 68  
ASP OXT HXT  sing N N 69  
CYS N   CA   sing N N 70  
CYS N   H    sing N N 71  
CYS N   H2   sing N N 72  
CYS CA  C    sing N N 73  
CYS CA  CB   sing N N 74  
CYS CA  HA   sing N N 75  
CYS C   O    doub N N 76  
CYS C   OXT  sing N N 77  
CYS CB  SG   sing N N 78  
CYS CB  HB2  sing N N 79  
CYS CB  HB3  sing N N 80  
CYS SG  HG   sing N N 81  
CYS OXT HXT  sing N N 82  
GLN N   CA   sing N N 83  
GLN N   H    sing N N 84  
GLN N   H2   sing N N 85  
GLN CA  C    sing N N 86  
GLN CA  CB   sing N N 87  
GLN CA  HA   sing N N 88  
GLN C   O    doub N N 89  
GLN C   OXT  sing N N 90  
GLN CB  CG   sing N N 91  
GLN CB  HB2  sing N N 92  
GLN CB  HB3  sing N N 93  
GLN CG  CD   sing N N 94  
GLN CG  HG2  sing N N 95  
GLN CG  HG3  sing N N 96  
GLN CD  OE1  doub N N 97  
GLN CD  NE2  sing N N 98  
GLN NE2 HE21 sing N N 99  
GLN NE2 HE22 sing N N 100 
GLN OXT HXT  sing N N 101 
GLU N   CA   sing N N 102 
GLU N   H    sing N N 103 
GLU N   H2   sing N N 104 
GLU CA  C    sing N N 105 
GLU CA  CB   sing N N 106 
GLU CA  HA   sing N N 107 
GLU C   O    doub N N 108 
GLU C   OXT  sing N N 109 
GLU CB  CG   sing N N 110 
GLU CB  HB2  sing N N 111 
GLU CB  HB3  sing N N 112 
GLU CG  CD   sing N N 113 
GLU CG  HG2  sing N N 114 
GLU CG  HG3  sing N N 115 
GLU CD  OE1  doub N N 116 
GLU CD  OE2  sing N N 117 
GLU OE2 HE2  sing N N 118 
GLU OXT HXT  sing N N 119 
GLY N   CA   sing N N 120 
GLY N   H    sing N N 121 
GLY N   H2   sing N N 122 
GLY CA  C    sing N N 123 
GLY CA  HA2  sing N N 124 
GLY CA  HA3  sing N N 125 
GLY C   O    doub N N 126 
GLY C   OXT  sing N N 127 
GLY OXT HXT  sing N N 128 
HIS N   CA   sing N N 129 
HIS N   H    sing N N 130 
HIS N   H2   sing N N 131 
HIS CA  C    sing N N 132 
HIS CA  CB   sing N N 133 
HIS CA  HA   sing N N 134 
HIS C   O    doub N N 135 
HIS C   OXT  sing N N 136 
HIS CB  CG   sing N N 137 
HIS CB  HB2  sing N N 138 
HIS CB  HB3  sing N N 139 
HIS CG  ND1  sing Y N 140 
HIS CG  CD2  doub Y N 141 
HIS ND1 CE1  doub Y N 142 
HIS ND1 HD1  sing N N 143 
HIS CD2 NE2  sing Y N 144 
HIS CD2 HD2  sing N N 145 
HIS CE1 NE2  sing Y N 146 
HIS CE1 HE1  sing N N 147 
HIS NE2 HE2  sing N N 148 
HIS OXT HXT  sing N N 149 
HOH O   H1   sing N N 150 
HOH O   H2   sing N N 151 
ILE N   CA   sing N N 152 
ILE N   H    sing N N 153 
ILE N   H2   sing N N 154 
ILE CA  C    sing N N 155 
ILE CA  CB   sing N N 156 
ILE CA  HA   sing N N 157 
ILE C   O    doub N N 158 
ILE C   OXT  sing N N 159 
ILE CB  CG1  sing N N 160 
ILE CB  CG2  sing N N 161 
ILE CB  HB   sing N N 162 
ILE CG1 CD1  sing N N 163 
ILE CG1 HG12 sing N N 164 
ILE CG1 HG13 sing N N 165 
ILE CG2 HG21 sing N N 166 
ILE CG2 HG22 sing N N 167 
ILE CG2 HG23 sing N N 168 
ILE CD1 HD11 sing N N 169 
ILE CD1 HD12 sing N N 170 
ILE CD1 HD13 sing N N 171 
ILE OXT HXT  sing N N 172 
LEU N   CA   sing N N 173 
LEU N   H    sing N N 174 
LEU N   H2   sing N N 175 
LEU CA  C    sing N N 176 
LEU CA  CB   sing N N 177 
LEU CA  HA   sing N N 178 
LEU C   O    doub N N 179 
LEU C   OXT  sing N N 180 
LEU CB  CG   sing N N 181 
LEU CB  HB2  sing N N 182 
LEU CB  HB3  sing N N 183 
LEU CG  CD1  sing N N 184 
LEU CG  CD2  sing N N 185 
LEU CG  HG   sing N N 186 
LEU CD1 HD11 sing N N 187 
LEU CD1 HD12 sing N N 188 
LEU CD1 HD13 sing N N 189 
LEU CD2 HD21 sing N N 190 
LEU CD2 HD22 sing N N 191 
LEU CD2 HD23 sing N N 192 
LEU OXT HXT  sing N N 193 
LYS N   CA   sing N N 194 
LYS N   H    sing N N 195 
LYS N   H2   sing N N 196 
LYS CA  C    sing N N 197 
LYS CA  CB   sing N N 198 
LYS CA  HA   sing N N 199 
LYS C   O    doub N N 200 
LYS C   OXT  sing N N 201 
LYS CB  CG   sing N N 202 
LYS CB  HB2  sing N N 203 
LYS CB  HB3  sing N N 204 
LYS CG  CD   sing N N 205 
LYS CG  HG2  sing N N 206 
LYS CG  HG3  sing N N 207 
LYS CD  CE   sing N N 208 
LYS CD  HD2  sing N N 209 
LYS CD  HD3  sing N N 210 
LYS CE  NZ   sing N N 211 
LYS CE  HE2  sing N N 212 
LYS CE  HE3  sing N N 213 
LYS NZ  HZ1  sing N N 214 
LYS NZ  HZ2  sing N N 215 
LYS NZ  HZ3  sing N N 216 
LYS OXT HXT  sing N N 217 
MET N   CA   sing N N 218 
MET N   H    sing N N 219 
MET N   H2   sing N N 220 
MET CA  C    sing N N 221 
MET CA  CB   sing N N 222 
MET CA  HA   sing N N 223 
MET C   O    doub N N 224 
MET C   OXT  sing N N 225 
MET CB  CG   sing N N 226 
MET CB  HB2  sing N N 227 
MET CB  HB3  sing N N 228 
MET CG  SD   sing N N 229 
MET CG  HG2  sing N N 230 
MET CG  HG3  sing N N 231 
MET SD  CE   sing N N 232 
MET CE  HE1  sing N N 233 
MET CE  HE2  sing N N 234 
MET CE  HE3  sing N N 235 
MET OXT HXT  sing N N 236 
PHE N   CA   sing N N 237 
PHE N   H    sing N N 238 
PHE N   H2   sing N N 239 
PHE CA  C    sing N N 240 
PHE CA  CB   sing N N 241 
PHE CA  HA   sing N N 242 
PHE C   O    doub N N 243 
PHE C   OXT  sing N N 244 
PHE CB  CG   sing N N 245 
PHE CB  HB2  sing N N 246 
PHE CB  HB3  sing N N 247 
PHE CG  CD1  doub Y N 248 
PHE CG  CD2  sing Y N 249 
PHE CD1 CE1  sing Y N 250 
PHE CD1 HD1  sing N N 251 
PHE CD2 CE2  doub Y N 252 
PHE CD2 HD2  sing N N 253 
PHE CE1 CZ   doub Y N 254 
PHE CE1 HE1  sing N N 255 
PHE CE2 CZ   sing Y N 256 
PHE CE2 HE2  sing N N 257 
PHE CZ  HZ   sing N N 258 
PHE OXT HXT  sing N N 259 
PRO N   CA   sing N N 260 
PRO N   CD   sing N N 261 
PRO N   H    sing N N 262 
PRO CA  C    sing N N 263 
PRO CA  CB   sing N N 264 
PRO CA  HA   sing N N 265 
PRO C   O    doub N N 266 
PRO C   OXT  sing N N 267 
PRO CB  CG   sing N N 268 
PRO CB  HB2  sing N N 269 
PRO CB  HB3  sing N N 270 
PRO CG  CD   sing N N 271 
PRO CG  HG2  sing N N 272 
PRO CG  HG3  sing N N 273 
PRO CD  HD2  sing N N 274 
PRO CD  HD3  sing N N 275 
PRO OXT HXT  sing N N 276 
SER N   CA   sing N N 277 
SER N   H    sing N N 278 
SER N   H2   sing N N 279 
SER CA  C    sing N N 280 
SER CA  CB   sing N N 281 
SER CA  HA   sing N N 282 
SER C   O    doub N N 283 
SER C   OXT  sing N N 284 
SER CB  OG   sing N N 285 
SER CB  HB2  sing N N 286 
SER CB  HB3  sing N N 287 
SER OG  HG   sing N N 288 
SER OXT HXT  sing N N 289 
THR N   CA   sing N N 290 
THR N   H    sing N N 291 
THR N   H2   sing N N 292 
THR CA  C    sing N N 293 
THR CA  CB   sing N N 294 
THR CA  HA   sing N N 295 
THR C   O    doub N N 296 
THR C   OXT  sing N N 297 
THR CB  OG1  sing N N 298 
THR CB  CG2  sing N N 299 
THR CB  HB   sing N N 300 
THR OG1 HG1  sing N N 301 
THR CG2 HG21 sing N N 302 
THR CG2 HG22 sing N N 303 
THR CG2 HG23 sing N N 304 
THR OXT HXT  sing N N 305 
TRP N   CA   sing N N 306 
TRP N   H    sing N N 307 
TRP N   H2   sing N N 308 
TRP CA  C    sing N N 309 
TRP CA  CB   sing N N 310 
TRP CA  HA   sing N N 311 
TRP C   O    doub N N 312 
TRP C   OXT  sing N N 313 
TRP CB  CG   sing N N 314 
TRP CB  HB2  sing N N 315 
TRP CB  HB3  sing N N 316 
TRP CG  CD1  doub Y N 317 
TRP CG  CD2  sing Y N 318 
TRP CD1 NE1  sing Y N 319 
TRP CD1 HD1  sing N N 320 
TRP CD2 CE2  doub Y N 321 
TRP CD2 CE3  sing Y N 322 
TRP NE1 CE2  sing Y N 323 
TRP NE1 HE1  sing N N 324 
TRP CE2 CZ2  sing Y N 325 
TRP CE3 CZ3  doub Y N 326 
TRP CE3 HE3  sing N N 327 
TRP CZ2 CH2  doub Y N 328 
TRP CZ2 HZ2  sing N N 329 
TRP CZ3 CH2  sing Y N 330 
TRP CZ3 HZ3  sing N N 331 
TRP CH2 HH2  sing N N 332 
TRP OXT HXT  sing N N 333 
TYR N   CA   sing N N 334 
TYR N   H    sing N N 335 
TYR N   H2   sing N N 336 
TYR CA  C    sing N N 337 
TYR CA  CB   sing N N 338 
TYR CA  HA   sing N N 339 
TYR C   O    doub N N 340 
TYR C   OXT  sing N N 341 
TYR CB  CG   sing N N 342 
TYR CB  HB2  sing N N 343 
TYR CB  HB3  sing N N 344 
TYR CG  CD1  doub Y N 345 
TYR CG  CD2  sing Y N 346 
TYR CD1 CE1  sing Y N 347 
TYR CD1 HD1  sing N N 348 
TYR CD2 CE2  doub Y N 349 
TYR CD2 HD2  sing N N 350 
TYR CE1 CZ   doub Y N 351 
TYR CE1 HE1  sing N N 352 
TYR CE2 CZ   sing Y N 353 
TYR CE2 HE2  sing N N 354 
TYR CZ  OH   sing N N 355 
TYR OH  HH   sing N N 356 
TYR OXT HXT  sing N N 357 
VAL N   CA   sing N N 358 
VAL N   H    sing N N 359 
VAL N   H2   sing N N 360 
VAL CA  C    sing N N 361 
VAL CA  CB   sing N N 362 
VAL CA  HA   sing N N 363 
VAL C   O    doub N N 364 
VAL C   OXT  sing N N 365 
VAL CB  CG1  sing N N 366 
VAL CB  CG2  sing N N 367 
VAL CB  HB   sing N N 368 
VAL CG1 HG11 sing N N 369 
VAL CG1 HG12 sing N N 370 
VAL CG1 HG13 sing N N 371 
VAL CG2 HG21 sing N N 372 
VAL CG2 HG22 sing N N 373 
VAL CG2 HG23 sing N N 374 
VAL OXT HXT  sing N N 375 
# 
loop_
_pdbx_entity_nonpoly.entity_id 
_pdbx_entity_nonpoly.name 
_pdbx_entity_nonpoly.comp_id 
2 'CHLORIDE ION' CL  
3 water          HOH 
# 
_pdbx_initial_refinement_model.id               1 
_pdbx_initial_refinement_model.entity_id_list   ? 
_pdbx_initial_refinement_model.type             'experimental model' 
_pdbx_initial_refinement_model.source_name      PDB 
_pdbx_initial_refinement_model.accession_code   1EAQ 
_pdbx_initial_refinement_model.details          'PDB CODE 1EAQ' 
# 
